data_6R0R
# 
_entry.id   6R0R 
# 
_audit_conform.dict_name       mmcif_pdbx.dic 
_audit_conform.dict_version    5.397 
_audit_conform.dict_location   http://mmcif.pdb.org/dictionaries/ascii/mmcif_pdbx.dic 
# 
loop_
_database_2.database_id 
_database_2.database_code 
_database_2.pdbx_database_accession 
_database_2.pdbx_DOI 
PDB   6R0R         pdb_00006r0r 10.2210/pdb6r0r/pdb 
WWPDB D_1292101242 ?            ?                   
# 
loop_
_pdbx_audit_revision_history.ordinal 
_pdbx_audit_revision_history.data_content_type 
_pdbx_audit_revision_history.major_revision 
_pdbx_audit_revision_history.minor_revision 
_pdbx_audit_revision_history.revision_date 
1 'Structure model' 1 0 2020-04-01 
2 'Structure model' 1 1 2020-10-14 
3 'Structure model' 1 2 2024-01-24 
4 'Structure model' 1 3 2024-10-16 
# 
_pdbx_audit_revision_details.ordinal             1 
_pdbx_audit_revision_details.revision_ordinal    1 
_pdbx_audit_revision_details.data_content_type   'Structure model' 
_pdbx_audit_revision_details.provider            repository 
_pdbx_audit_revision_details.type                'Initial release' 
_pdbx_audit_revision_details.description         ? 
_pdbx_audit_revision_details.details             ? 
# 
loop_
_pdbx_audit_revision_group.ordinal 
_pdbx_audit_revision_group.revision_ordinal 
_pdbx_audit_revision_group.data_content_type 
_pdbx_audit_revision_group.group 
1 2 'Structure model' 'Database references'    
2 3 'Structure model' 'Data collection'        
3 3 'Structure model' 'Database references'    
4 3 'Structure model' 'Refinement description' 
5 4 'Structure model' 'Structure summary'      
# 
loop_
_pdbx_audit_revision_category.ordinal 
_pdbx_audit_revision_category.revision_ordinal 
_pdbx_audit_revision_category.data_content_type 
_pdbx_audit_revision_category.category 
1 2 'Structure model' citation                      
2 2 'Structure model' citation_author               
3 3 'Structure model' chem_comp_atom                
4 3 'Structure model' chem_comp_bond                
5 3 'Structure model' database_2                    
6 3 'Structure model' pdbx_initial_refinement_model 
7 4 'Structure model' pdbx_entry_details            
8 4 'Structure model' pdbx_modification_feature     
# 
loop_
_pdbx_audit_revision_item.ordinal 
_pdbx_audit_revision_item.revision_ordinal 
_pdbx_audit_revision_item.data_content_type 
_pdbx_audit_revision_item.item 
1  2 'Structure model' '_citation.country'                   
2  2 'Structure model' '_citation.journal_abbrev'            
3  2 'Structure model' '_citation.journal_id_CSD'            
4  2 'Structure model' '_citation.journal_id_ISSN'           
5  2 'Structure model' '_citation.journal_volume'            
6  2 'Structure model' '_citation.page_first'                
7  2 'Structure model' '_citation.page_last'                 
8  2 'Structure model' '_citation.pdbx_database_id_DOI'      
9  2 'Structure model' '_citation.pdbx_database_id_PubMed'   
10 2 'Structure model' '_citation.title'                     
11 2 'Structure model' '_citation.year'                      
12 3 'Structure model' '_database_2.pdbx_DOI'                
13 3 'Structure model' '_database_2.pdbx_database_accession' 
# 
_pdbx_database_status.status_code                     REL 
_pdbx_database_status.status_code_sf                  REL 
_pdbx_database_status.status_code_mr                  ? 
_pdbx_database_status.entry_id                        6R0R 
_pdbx_database_status.recvd_initial_deposition_date   2019-03-13 
_pdbx_database_status.SG_entry                        N 
_pdbx_database_status.deposit_site                    PDBE 
_pdbx_database_status.process_site                    PDBE 
_pdbx_database_status.status_code_cs                  ? 
_pdbx_database_status.methods_development_category    ? 
_pdbx_database_status.pdb_format_compatible           Y 
_pdbx_database_status.status_code_nmr_data            ? 
# 
loop_
_audit_author.name 
_audit_author.pdbx_ordinal 
_audit_author.identifier_ORCID 
'Ferreira Ramos, A.S.' 1 ?                   
'Sulzenbacher, G.'     2 0000-0003-4844-2820 
'Coutard, B.'          3 0000-0002-2859-7123 
# 
_citation.abstract                  ? 
_citation.abstract_id_CAS           ? 
_citation.book_id_ISBN              ? 
_citation.book_publisher            ? 
_citation.book_publisher_city       ? 
_citation.book_title                ? 
_citation.coordinate_linkage        ? 
_citation.country                   UK 
_citation.database_id_Medline       ? 
_citation.details                   ? 
_citation.id                        primary 
_citation.journal_abbrev            'Sci Rep' 
_citation.journal_id_ASTM           ? 
_citation.journal_id_CSD            ? 
_citation.journal_id_ISSN           2045-2322 
_citation.journal_full              ? 
_citation.journal_issue             ? 
_citation.journal_volume            10 
_citation.language                  ? 
_citation.page_first                14422 
_citation.page_last                 14422 
_citation.title                     'Snapshots of ADP-ribose bound to Getah virus macro domain reveal an intriguing choreography.' 
_citation.year                      2020 
_citation.database_id_CSD           ? 
_citation.pdbx_database_id_DOI      10.1038/s41598-020-70870-w 
_citation.pdbx_database_id_PubMed   32879358 
_citation.unpublished_flag          ? 
# 
loop_
_citation_author.citation_id 
_citation_author.name 
_citation_author.ordinal 
_citation_author.identifier_ORCID 
primary 'Ferreira-Ramos, A.S.' 1 ? 
primary 'Sulzenbacher, G.'     2 ? 
primary 'Canard, B.'           3 ? 
primary 'Coutard, B.'          4 ? 
# 
loop_
_entity.id 
_entity.type 
_entity.src_method 
_entity.pdbx_description 
_entity.formula_weight 
_entity.pdbx_number_of_molecules 
_entity.pdbx_ec 
_entity.pdbx_mutation 
_entity.pdbx_fragment 
_entity.details 
1 polymer     man 'Non-structural polyprotein' 18120.512 1   ? ? ? ? 
2 non-polymer syn 
;[[(2~{R},3~{S},4~{R},5~{R})-5-(6-aminopurin-9-yl)-3,4-bis(oxidanyl)oxolan-2-yl]methoxy-oxidanyl-phosphoryl] [(2~{R},3~{S},4~{S})-2,3,4,5-tetrakis(oxidanyl)pentyl] hydrogen phosphate
;
561.332   1   ? ? ? ? 
3 non-polymer syn 1,2-ETHANEDIOL 62.068    1   ? ? ? ? 
4 water       nat water 18.015    185 ? ? ? ? 
# 
_entity_name_com.entity_id   1 
_entity_name_com.name        'Macro domain' 
# 
_entity_poly.entity_id                      1 
_entity_poly.type                           'polypeptide(L)' 
_entity_poly.nstd_linkage                   no 
_entity_poly.nstd_monomer                   no 
_entity_poly.pdbx_seq_one_letter_code       
;MKAPSYRVRRADISGHGEEAVVNAANAKGTVSDGVCRAVAKKWPSSFKGAATPVGTAKMIRADGMTVIHAVGPNFSTVTE
AEGDRELAAAYRAVASIISTNNIKSVAVPLLSTGTFSGGKDRVMQSLNHLFTALDATDADVVIYCRDKNWEKKIQEAIDR
RTHHHHHH
;
_entity_poly.pdbx_seq_one_letter_code_can   
;MKAPSYRVRRADISGHGEEAVVNAANAKGTVSDGVCRAVAKKWPSSFKGAATPVGTAKMIRADGMTVIHAVGPNFSTVTE
AEGDRELAAAYRAVASIISTNNIKSVAVPLLSTGTFSGGKDRVMQSLNHLFTALDATDADVVIYCRDKNWEKKIQEAIDR
RTHHHHHH
;
_entity_poly.pdbx_strand_id                 A 
_entity_poly.pdbx_target_identifier         ? 
# 
loop_
_pdbx_entity_nonpoly.entity_id 
_pdbx_entity_nonpoly.name 
_pdbx_entity_nonpoly.comp_id 
2 
;[[(2~{R},3~{S},4~{R},5~{R})-5-(6-aminopurin-9-yl)-3,4-bis(oxidanyl)oxolan-2-yl]methoxy-oxidanyl-phosphoryl] [(2~{R},3~{S},4~{S})-2,3,4,5-tetrakis(oxidanyl)pentyl] hydrogen phosphate
;
JNT 
3 1,2-ETHANEDIOL EDO 
4 water HOH 
# 
loop_
_entity_poly_seq.entity_id 
_entity_poly_seq.num 
_entity_poly_seq.mon_id 
_entity_poly_seq.hetero 
1 1   MET n 
1 2   LYS n 
1 3   ALA n 
1 4   PRO n 
1 5   SER n 
1 6   TYR n 
1 7   ARG n 
1 8   VAL n 
1 9   ARG n 
1 10  ARG n 
1 11  ALA n 
1 12  ASP n 
1 13  ILE n 
1 14  SER n 
1 15  GLY n 
1 16  HIS n 
1 17  GLY n 
1 18  GLU n 
1 19  GLU n 
1 20  ALA n 
1 21  VAL n 
1 22  VAL n 
1 23  ASN n 
1 24  ALA n 
1 25  ALA n 
1 26  ASN n 
1 27  ALA n 
1 28  LYS n 
1 29  GLY n 
1 30  THR n 
1 31  VAL n 
1 32  SER n 
1 33  ASP n 
1 34  GLY n 
1 35  VAL n 
1 36  CYS n 
1 37  ARG n 
1 38  ALA n 
1 39  VAL n 
1 40  ALA n 
1 41  LYS n 
1 42  LYS n 
1 43  TRP n 
1 44  PRO n 
1 45  SER n 
1 46  SER n 
1 47  PHE n 
1 48  LYS n 
1 49  GLY n 
1 50  ALA n 
1 51  ALA n 
1 52  THR n 
1 53  PRO n 
1 54  VAL n 
1 55  GLY n 
1 56  THR n 
1 57  ALA n 
1 58  LYS n 
1 59  MET n 
1 60  ILE n 
1 61  ARG n 
1 62  ALA n 
1 63  ASP n 
1 64  GLY n 
1 65  MET n 
1 66  THR n 
1 67  VAL n 
1 68  ILE n 
1 69  HIS n 
1 70  ALA n 
1 71  VAL n 
1 72  GLY n 
1 73  PRO n 
1 74  ASN n 
1 75  PHE n 
1 76  SER n 
1 77  THR n 
1 78  VAL n 
1 79  THR n 
1 80  GLU n 
1 81  ALA n 
1 82  GLU n 
1 83  GLY n 
1 84  ASP n 
1 85  ARG n 
1 86  GLU n 
1 87  LEU n 
1 88  ALA n 
1 89  ALA n 
1 90  ALA n 
1 91  TYR n 
1 92  ARG n 
1 93  ALA n 
1 94  VAL n 
1 95  ALA n 
1 96  SER n 
1 97  ILE n 
1 98  ILE n 
1 99  SER n 
1 100 THR n 
1 101 ASN n 
1 102 ASN n 
1 103 ILE n 
1 104 LYS n 
1 105 SER n 
1 106 VAL n 
1 107 ALA n 
1 108 VAL n 
1 109 PRO n 
1 110 LEU n 
1 111 LEU n 
1 112 SER n 
1 113 THR n 
1 114 GLY n 
1 115 THR n 
1 116 PHE n 
1 117 SER n 
1 118 GLY n 
1 119 GLY n 
1 120 LYS n 
1 121 ASP n 
1 122 ARG n 
1 123 VAL n 
1 124 MET n 
1 125 GLN n 
1 126 SER n 
1 127 LEU n 
1 128 ASN n 
1 129 HIS n 
1 130 LEU n 
1 131 PHE n 
1 132 THR n 
1 133 ALA n 
1 134 LEU n 
1 135 ASP n 
1 136 ALA n 
1 137 THR n 
1 138 ASP n 
1 139 ALA n 
1 140 ASP n 
1 141 VAL n 
1 142 VAL n 
1 143 ILE n 
1 144 TYR n 
1 145 CYS n 
1 146 ARG n 
1 147 ASP n 
1 148 LYS n 
1 149 ASN n 
1 150 TRP n 
1 151 GLU n 
1 152 LYS n 
1 153 LYS n 
1 154 ILE n 
1 155 GLN n 
1 156 GLU n 
1 157 ALA n 
1 158 ILE n 
1 159 ASP n 
1 160 ARG n 
1 161 ARG n 
1 162 THR n 
1 163 HIS n 
1 164 HIS n 
1 165 HIS n 
1 166 HIS n 
1 167 HIS n 
1 168 HIS n 
# 
_entity_src_gen.entity_id                          1 
_entity_src_gen.pdbx_src_id                        1 
_entity_src_gen.pdbx_alt_source_flag               sample 
_entity_src_gen.pdbx_seq_type                      'Biological sequence' 
_entity_src_gen.pdbx_beg_seq_num                   1 
_entity_src_gen.pdbx_end_seq_num                   168 
_entity_src_gen.gene_src_common_name               ? 
_entity_src_gen.gene_src_genus                     ? 
_entity_src_gen.pdbx_gene_src_gene                 nsP1234 
_entity_src_gen.gene_src_species                   ? 
_entity_src_gen.gene_src_strain                    ? 
_entity_src_gen.gene_src_tissue                    ? 
_entity_src_gen.gene_src_tissue_fraction           ? 
_entity_src_gen.gene_src_details                   'synthetic gene' 
_entity_src_gen.pdbx_gene_src_fragment             ? 
_entity_src_gen.pdbx_gene_src_scientific_name      'Getah virus' 
_entity_src_gen.pdbx_gene_src_ncbi_taxonomy_id     59300 
_entity_src_gen.pdbx_gene_src_variant              ? 
_entity_src_gen.pdbx_gene_src_cell_line            ? 
_entity_src_gen.pdbx_gene_src_atcc                 ? 
_entity_src_gen.pdbx_gene_src_organ                ? 
_entity_src_gen.pdbx_gene_src_organelle            ? 
_entity_src_gen.pdbx_gene_src_cell                 ? 
_entity_src_gen.pdbx_gene_src_cellular_location    ? 
_entity_src_gen.host_org_common_name               ? 
_entity_src_gen.pdbx_host_org_scientific_name      'Escherichia coli BL21(DE3)' 
_entity_src_gen.pdbx_host_org_ncbi_taxonomy_id     469008 
_entity_src_gen.host_org_genus                     ? 
_entity_src_gen.pdbx_host_org_gene                 ? 
_entity_src_gen.pdbx_host_org_organ                ? 
_entity_src_gen.host_org_species                   ? 
_entity_src_gen.pdbx_host_org_tissue               ? 
_entity_src_gen.pdbx_host_org_tissue_fraction      ? 
_entity_src_gen.pdbx_host_org_strain               ? 
_entity_src_gen.pdbx_host_org_variant              'Rosetta pLysS' 
_entity_src_gen.pdbx_host_org_cell_line            ? 
_entity_src_gen.pdbx_host_org_atcc                 ? 
_entity_src_gen.pdbx_host_org_culture_collection   ? 
_entity_src_gen.pdbx_host_org_cell                 ? 
_entity_src_gen.pdbx_host_org_organelle            ? 
_entity_src_gen.pdbx_host_org_cellular_location    ? 
_entity_src_gen.pdbx_host_org_vector_type          'procaryotic plasmid' 
_entity_src_gen.pdbx_host_org_vector               ? 
_entity_src_gen.host_org_details                   'from ThermoFischer, Gateway cloning' 
_entity_src_gen.expression_system_id               ? 
_entity_src_gen.plasmid_name                       pDest14 
_entity_src_gen.plasmid_details                    ? 
_entity_src_gen.pdbx_description                   ? 
# 
loop_
_chem_comp.id 
_chem_comp.type 
_chem_comp.mon_nstd_flag 
_chem_comp.name 
_chem_comp.pdbx_synonyms 
_chem_comp.formula 
_chem_comp.formula_weight 
ALA 'L-peptide linking' y ALANINE ?                 'C3 H7 N O2'        89.093  
ARG 'L-peptide linking' y ARGININE ?                 'C6 H15 N4 O2 1'    175.209 
ASN 'L-peptide linking' y ASPARAGINE ?                 'C4 H8 N2 O3'       132.118 
ASP 'L-peptide linking' y 'ASPARTIC ACID' ?                 'C4 H7 N O4'        133.103 
CYS 'L-peptide linking' y CYSTEINE ?                 'C3 H7 N O2 S'      121.158 
EDO non-polymer         . 1,2-ETHANEDIOL 'ETHYLENE GLYCOL' 'C2 H6 O2'          62.068  
GLN 'L-peptide linking' y GLUTAMINE ?                 'C5 H10 N2 O3'      146.144 
GLU 'L-peptide linking' y 'GLUTAMIC ACID' ?                 'C5 H9 N O4'        147.129 
GLY 'peptide linking'   y GLYCINE ?                 'C2 H5 N O2'        75.067  
HIS 'L-peptide linking' y HISTIDINE ?                 'C6 H10 N3 O2 1'    156.162 
HOH non-polymer         . WATER ?                 'H2 O'              18.015  
ILE 'L-peptide linking' y ISOLEUCINE ?                 'C6 H13 N O2'       131.173 
JNT non-polymer         . 
;[[(2~{R},3~{S},4~{R},5~{R})-5-(6-aminopurin-9-yl)-3,4-bis(oxidanyl)oxolan-2-yl]methoxy-oxidanyl-phosphoryl] [(2~{R},3~{S},4~{S})-2,3,4,5-tetrakis(oxidanyl)pentyl] hydrogen phosphate
;
?                 'C15 H25 N5 O14 P2' 561.332 
LEU 'L-peptide linking' y LEUCINE ?                 'C6 H13 N O2'       131.173 
LYS 'L-peptide linking' y LYSINE ?                 'C6 H15 N2 O2 1'    147.195 
MET 'L-peptide linking' y METHIONINE ?                 'C5 H11 N O2 S'     149.211 
PHE 'L-peptide linking' y PHENYLALANINE ?                 'C9 H11 N O2'       165.189 
PRO 'L-peptide linking' y PROLINE ?                 'C5 H9 N O2'        115.130 
SER 'L-peptide linking' y SERINE ?                 'C3 H7 N O3'        105.093 
THR 'L-peptide linking' y THREONINE ?                 'C4 H9 N O3'        119.119 
TRP 'L-peptide linking' y TRYPTOPHAN ?                 'C11 H12 N2 O2'     204.225 
TYR 'L-peptide linking' y TYROSINE ?                 'C9 H11 N O3'       181.189 
VAL 'L-peptide linking' y VALINE ?                 'C5 H11 N O2'       117.146 
# 
loop_
_pdbx_poly_seq_scheme.asym_id 
_pdbx_poly_seq_scheme.entity_id 
_pdbx_poly_seq_scheme.seq_id 
_pdbx_poly_seq_scheme.mon_id 
_pdbx_poly_seq_scheme.ndb_seq_num 
_pdbx_poly_seq_scheme.pdb_seq_num 
_pdbx_poly_seq_scheme.auth_seq_num 
_pdbx_poly_seq_scheme.pdb_mon_id 
_pdbx_poly_seq_scheme.auth_mon_id 
_pdbx_poly_seq_scheme.pdb_strand_id 
_pdbx_poly_seq_scheme.pdb_ins_code 
_pdbx_poly_seq_scheme.hetero 
A 1 1   MET 1   -1  -1  MET MET A . n 
A 1 2   LYS 2   0   0   LYS LYS A . n 
A 1 3   ALA 3   1   1   ALA ALA A . n 
A 1 4   PRO 4   2   2   PRO PRO A . n 
A 1 5   SER 5   3   3   SER SER A . n 
A 1 6   TYR 6   4   4   TYR TYR A . n 
A 1 7   ARG 7   5   5   ARG ARG A . n 
A 1 8   VAL 8   6   6   VAL VAL A . n 
A 1 9   ARG 9   7   7   ARG ARG A . n 
A 1 10  ARG 10  8   8   ARG ARG A . n 
A 1 11  ALA 11  9   9   ALA ALA A . n 
A 1 12  ASP 12  10  10  ASP ASP A . n 
A 1 13  ILE 13  11  11  ILE ILE A . n 
A 1 14  SER 14  12  12  SER SER A . n 
A 1 15  GLY 15  13  13  GLY GLY A . n 
A 1 16  HIS 16  14  14  HIS HIS A . n 
A 1 17  GLY 17  15  15  GLY GLY A . n 
A 1 18  GLU 18  16  16  GLU GLU A . n 
A 1 19  GLU 19  17  17  GLU GLU A . n 
A 1 20  ALA 20  18  18  ALA ALA A . n 
A 1 21  VAL 21  19  19  VAL VAL A . n 
A 1 22  VAL 22  20  20  VAL VAL A . n 
A 1 23  ASN 23  21  21  ASN ASN A . n 
A 1 24  ALA 24  22  22  ALA ALA A . n 
A 1 25  ALA 25  23  23  ALA ALA A . n 
A 1 26  ASN 26  24  24  ASN ASN A . n 
A 1 27  ALA 27  25  25  ALA ALA A . n 
A 1 28  LYS 28  26  26  LYS LYS A . n 
A 1 29  GLY 29  27  27  GLY GLY A . n 
A 1 30  THR 30  28  28  THR THR A . n 
A 1 31  VAL 31  29  29  VAL VAL A . n 
A 1 32  SER 32  30  30  SER SER A . n 
A 1 33  ASP 33  31  31  ASP ASP A . n 
A 1 34  GLY 34  32  32  GLY GLY A . n 
A 1 35  VAL 35  33  33  VAL VAL A . n 
A 1 36  CYS 36  34  34  CYS CYS A . n 
A 1 37  ARG 37  35  35  ARG ARG A . n 
A 1 38  ALA 38  36  36  ALA ALA A . n 
A 1 39  VAL 39  37  37  VAL VAL A . n 
A 1 40  ALA 40  38  38  ALA ALA A . n 
A 1 41  LYS 41  39  39  LYS LYS A . n 
A 1 42  LYS 42  40  40  LYS LYS A . n 
A 1 43  TRP 43  41  41  TRP TRP A . n 
A 1 44  PRO 44  42  42  PRO PRO A . n 
A 1 45  SER 45  43  43  SER SER A . n 
A 1 46  SER 46  44  44  SER SER A . n 
A 1 47  PHE 47  45  45  PHE PHE A . n 
A 1 48  LYS 48  46  46  LYS LYS A . n 
A 1 49  GLY 49  47  47  GLY GLY A . n 
A 1 50  ALA 50  48  48  ALA ALA A . n 
A 1 51  ALA 51  49  49  ALA ALA A . n 
A 1 52  THR 52  50  50  THR THR A . n 
A 1 53  PRO 53  51  51  PRO PRO A . n 
A 1 54  VAL 54  52  52  VAL VAL A . n 
A 1 55  GLY 55  53  53  GLY GLY A . n 
A 1 56  THR 56  54  54  THR THR A . n 
A 1 57  ALA 57  55  55  ALA ALA A . n 
A 1 58  LYS 58  56  56  LYS LYS A . n 
A 1 59  MET 59  57  57  MET MET A . n 
A 1 60  ILE 60  58  58  ILE ILE A . n 
A 1 61  ARG 61  59  59  ARG ARG A . n 
A 1 62  ALA 62  60  60  ALA ALA A . n 
A 1 63  ASP 63  61  61  ASP ASP A . n 
A 1 64  GLY 64  62  62  GLY GLY A . n 
A 1 65  MET 65  63  63  MET MET A . n 
A 1 66  THR 66  64  64  THR THR A . n 
A 1 67  VAL 67  65  65  VAL VAL A . n 
A 1 68  ILE 68  66  66  ILE ILE A . n 
A 1 69  HIS 69  67  67  HIS HIS A . n 
A 1 70  ALA 70  68  68  ALA ALA A . n 
A 1 71  VAL 71  69  69  VAL VAL A . n 
A 1 72  GLY 72  70  70  GLY GLY A . n 
A 1 73  PRO 73  71  71  PRO PRO A . n 
A 1 74  ASN 74  72  72  ASN ASN A . n 
A 1 75  PHE 75  73  73  PHE PHE A . n 
A 1 76  SER 76  74  74  SER SER A . n 
A 1 77  THR 77  75  75  THR THR A . n 
A 1 78  VAL 78  76  76  VAL VAL A . n 
A 1 79  THR 79  77  77  THR THR A . n 
A 1 80  GLU 80  78  78  GLU GLU A . n 
A 1 81  ALA 81  79  79  ALA ALA A . n 
A 1 82  GLU 82  80  80  GLU GLU A . n 
A 1 83  GLY 83  81  81  GLY GLY A . n 
A 1 84  ASP 84  82  82  ASP ASP A . n 
A 1 85  ARG 85  83  83  ARG ARG A . n 
A 1 86  GLU 86  84  84  GLU GLU A . n 
A 1 87  LEU 87  85  85  LEU LEU A . n 
A 1 88  ALA 88  86  86  ALA ALA A . n 
A 1 89  ALA 89  87  87  ALA ALA A . n 
A 1 90  ALA 90  88  88  ALA ALA A . n 
A 1 91  TYR 91  89  89  TYR TYR A . n 
A 1 92  ARG 92  90  90  ARG ARG A . n 
A 1 93  ALA 93  91  91  ALA ALA A . n 
A 1 94  VAL 94  92  92  VAL VAL A . n 
A 1 95  ALA 95  93  93  ALA ALA A . n 
A 1 96  SER 96  94  94  SER SER A . n 
A 1 97  ILE 97  95  95  ILE ILE A . n 
A 1 98  ILE 98  96  96  ILE ILE A . n 
A 1 99  SER 99  97  97  SER SER A . n 
A 1 100 THR 100 98  98  THR THR A . n 
A 1 101 ASN 101 99  99  ASN ASN A . n 
A 1 102 ASN 102 100 100 ASN ASN A . n 
A 1 103 ILE 103 101 101 ILE ILE A . n 
A 1 104 LYS 104 102 102 LYS LYS A . n 
A 1 105 SER 105 103 103 SER SER A . n 
A 1 106 VAL 106 104 104 VAL VAL A . n 
A 1 107 ALA 107 105 105 ALA ALA A . n 
A 1 108 VAL 108 106 106 VAL VAL A . n 
A 1 109 PRO 109 107 107 PRO PRO A . n 
A 1 110 LEU 110 108 108 LEU LEU A . n 
A 1 111 LEU 111 109 109 LEU LEU A . n 
A 1 112 SER 112 110 110 SER SER A . n 
A 1 113 THR 113 111 111 THR THR A . n 
A 1 114 GLY 114 112 112 GLY GLY A . n 
A 1 115 THR 115 113 113 THR THR A . n 
A 1 116 PHE 116 114 114 PHE PHE A . n 
A 1 117 SER 117 115 115 SER SER A . n 
A 1 118 GLY 118 116 116 GLY GLY A . n 
A 1 119 GLY 119 117 117 GLY GLY A . n 
A 1 120 LYS 120 118 118 LYS LYS A . n 
A 1 121 ASP 121 119 119 ASP ASP A . n 
A 1 122 ARG 122 120 120 ARG ARG A . n 
A 1 123 VAL 123 121 121 VAL VAL A . n 
A 1 124 MET 124 122 122 MET MET A . n 
A 1 125 GLN 125 123 123 GLN GLN A . n 
A 1 126 SER 126 124 124 SER SER A . n 
A 1 127 LEU 127 125 125 LEU LEU A . n 
A 1 128 ASN 128 126 126 ASN ASN A . n 
A 1 129 HIS 129 127 127 HIS HIS A . n 
A 1 130 LEU 130 128 128 LEU LEU A . n 
A 1 131 PHE 131 129 129 PHE PHE A . n 
A 1 132 THR 132 130 130 THR THR A . n 
A 1 133 ALA 133 131 131 ALA ALA A . n 
A 1 134 LEU 134 132 132 LEU LEU A . n 
A 1 135 ASP 135 133 133 ASP ASP A . n 
A 1 136 ALA 136 134 134 ALA ALA A . n 
A 1 137 THR 137 135 135 THR THR A . n 
A 1 138 ASP 138 136 136 ASP ASP A . n 
A 1 139 ALA 139 137 137 ALA ALA A . n 
A 1 140 ASP 140 138 138 ASP ASP A . n 
A 1 141 VAL 141 139 139 VAL VAL A . n 
A 1 142 VAL 142 140 140 VAL VAL A . n 
A 1 143 ILE 143 141 141 ILE ILE A . n 
A 1 144 TYR 144 142 142 TYR TYR A . n 
A 1 145 CYS 145 143 143 CYS CYS A . n 
A 1 146 ARG 146 144 144 ARG ARG A . n 
A 1 147 ASP 147 145 145 ASP ASP A . n 
A 1 148 LYS 148 146 146 LYS LYS A . n 
A 1 149 ASN 149 147 147 ASN ASN A . n 
A 1 150 TRP 150 148 148 TRP TRP A . n 
A 1 151 GLU 151 149 149 GLU GLU A . n 
A 1 152 LYS 152 150 150 LYS LYS A . n 
A 1 153 LYS 153 151 151 LYS LYS A . n 
A 1 154 ILE 154 152 152 ILE ILE A . n 
A 1 155 GLN 155 153 153 GLN GLN A . n 
A 1 156 GLU 156 154 154 GLU GLU A . n 
A 1 157 ALA 157 155 155 ALA ALA A . n 
A 1 158 ILE 158 156 156 ILE ILE A . n 
A 1 159 ASP 159 157 157 ASP ASP A . n 
A 1 160 ARG 160 158 158 ARG ARG A . n 
A 1 161 ARG 161 159 159 ARG ARG A . n 
A 1 162 THR 162 160 160 THR THR A . n 
A 1 163 HIS 163 161 ?   ?   ?   A . n 
A 1 164 HIS 164 162 ?   ?   ?   A . n 
A 1 165 HIS 165 163 ?   ?   ?   A . n 
A 1 166 HIS 166 164 ?   ?   ?   A . n 
A 1 167 HIS 167 165 ?   ?   ?   A . n 
A 1 168 HIS 168 166 ?   ?   ?   A . n 
# 
loop_
_pdbx_nonpoly_scheme.asym_id 
_pdbx_nonpoly_scheme.entity_id 
_pdbx_nonpoly_scheme.mon_id 
_pdbx_nonpoly_scheme.ndb_seq_num 
_pdbx_nonpoly_scheme.pdb_seq_num 
_pdbx_nonpoly_scheme.auth_seq_num 
_pdbx_nonpoly_scheme.pdb_mon_id 
_pdbx_nonpoly_scheme.auth_mon_id 
_pdbx_nonpoly_scheme.pdb_strand_id 
_pdbx_nonpoly_scheme.pdb_ins_code 
B 2 JNT 1   201 1   JNT ZZ9 A . 
C 3 EDO 1   202 1   EDO EDO A . 
D 4 HOH 1   301 156 HOH HOH A . 
D 4 HOH 2   302 180 HOH HOH A . 
D 4 HOH 3   303 147 HOH HOH A . 
D 4 HOH 4   304 85  HOH HOH A . 
D 4 HOH 5   305 82  HOH HOH A . 
D 4 HOH 6   306 113 HOH HOH A . 
D 4 HOH 7   307 124 HOH HOH A . 
D 4 HOH 8   308 174 HOH HOH A . 
D 4 HOH 9   309 118 HOH HOH A . 
D 4 HOH 10  310 21  HOH HOH A . 
D 4 HOH 11  311 93  HOH HOH A . 
D 4 HOH 12  312 35  HOH HOH A . 
D 4 HOH 13  313 39  HOH HOH A . 
D 4 HOH 14  314 20  HOH HOH A . 
D 4 HOH 15  315 87  HOH HOH A . 
D 4 HOH 16  316 103 HOH HOH A . 
D 4 HOH 17  317 140 HOH HOH A . 
D 4 HOH 18  318 90  HOH HOH A . 
D 4 HOH 19  319 2   HOH HOH A . 
D 4 HOH 20  320 141 HOH HOH A . 
D 4 HOH 21  321 126 HOH HOH A . 
D 4 HOH 22  322 127 HOH HOH A . 
D 4 HOH 23  323 117 HOH HOH A . 
D 4 HOH 24  324 61  HOH HOH A . 
D 4 HOH 25  325 99  HOH HOH A . 
D 4 HOH 26  326 133 HOH HOH A . 
D 4 HOH 27  327 157 HOH HOH A . 
D 4 HOH 28  328 76  HOH HOH A . 
D 4 HOH 29  329 68  HOH HOH A . 
D 4 HOH 30  330 51  HOH HOH A . 
D 4 HOH 31  331 14  HOH HOH A . 
D 4 HOH 32  332 185 HOH HOH A . 
D 4 HOH 33  333 111 HOH HOH A . 
D 4 HOH 34  334 138 HOH HOH A . 
D 4 HOH 35  335 12  HOH HOH A . 
D 4 HOH 36  336 80  HOH HOH A . 
D 4 HOH 37  337 122 HOH HOH A . 
D 4 HOH 38  338 181 HOH HOH A . 
D 4 HOH 39  339 105 HOH HOH A . 
D 4 HOH 40  340 31  HOH HOH A . 
D 4 HOH 41  341 24  HOH HOH A . 
D 4 HOH 42  342 10  HOH HOH A . 
D 4 HOH 43  343 66  HOH HOH A . 
D 4 HOH 44  344 53  HOH HOH A . 
D 4 HOH 45  345 19  HOH HOH A . 
D 4 HOH 46  346 69  HOH HOH A . 
D 4 HOH 47  347 49  HOH HOH A . 
D 4 HOH 48  348 75  HOH HOH A . 
D 4 HOH 49  349 4   HOH HOH A . 
D 4 HOH 50  350 5   HOH HOH A . 
D 4 HOH 51  351 129 HOH HOH A . 
D 4 HOH 52  352 52  HOH HOH A . 
D 4 HOH 53  353 59  HOH HOH A . 
D 4 HOH 54  354 17  HOH HOH A . 
D 4 HOH 55  355 9   HOH HOH A . 
D 4 HOH 56  356 121 HOH HOH A . 
D 4 HOH 57  357 40  HOH HOH A . 
D 4 HOH 58  358 115 HOH HOH A . 
D 4 HOH 59  359 48  HOH HOH A . 
D 4 HOH 60  360 62  HOH HOH A . 
D 4 HOH 61  361 152 HOH HOH A . 
D 4 HOH 62  362 43  HOH HOH A . 
D 4 HOH 63  363 64  HOH HOH A . 
D 4 HOH 64  364 106 HOH HOH A . 
D 4 HOH 65  365 18  HOH HOH A . 
D 4 HOH 66  366 36  HOH HOH A . 
D 4 HOH 67  367 78  HOH HOH A . 
D 4 HOH 68  368 56  HOH HOH A . 
D 4 HOH 69  369 63  HOH HOH A . 
D 4 HOH 70  370 57  HOH HOH A . 
D 4 HOH 71  371 131 HOH HOH A . 
D 4 HOH 72  372 6   HOH HOH A . 
D 4 HOH 73  373 41  HOH HOH A . 
D 4 HOH 74  374 134 HOH HOH A . 
D 4 HOH 75  375 55  HOH HOH A . 
D 4 HOH 76  376 28  HOH HOH A . 
D 4 HOH 77  377 112 HOH HOH A . 
D 4 HOH 78  378 97  HOH HOH A . 
D 4 HOH 79  379 102 HOH HOH A . 
D 4 HOH 80  380 15  HOH HOH A . 
D 4 HOH 81  381 100 HOH HOH A . 
D 4 HOH 82  382 32  HOH HOH A . 
D 4 HOH 83  383 74  HOH HOH A . 
D 4 HOH 84  384 54  HOH HOH A . 
D 4 HOH 85  385 29  HOH HOH A . 
D 4 HOH 86  386 16  HOH HOH A . 
D 4 HOH 87  387 1   HOH HOH A . 
D 4 HOH 88  388 72  HOH HOH A . 
D 4 HOH 89  389 27  HOH HOH A . 
D 4 HOH 90  390 3   HOH HOH A . 
D 4 HOH 91  391 184 HOH HOH A . 
D 4 HOH 92  392 86  HOH HOH A . 
D 4 HOH 93  393 173 HOH HOH A . 
D 4 HOH 94  394 46  HOH HOH A . 
D 4 HOH 95  395 84  HOH HOH A . 
D 4 HOH 96  396 13  HOH HOH A . 
D 4 HOH 97  397 139 HOH HOH A . 
D 4 HOH 98  398 42  HOH HOH A . 
D 4 HOH 99  399 130 HOH HOH A . 
D 4 HOH 100 400 182 HOH HOH A . 
D 4 HOH 101 401 101 HOH HOH A . 
D 4 HOH 102 402 8   HOH HOH A . 
D 4 HOH 103 403 120 HOH HOH A . 
D 4 HOH 104 404 38  HOH HOH A . 
D 4 HOH 105 405 60  HOH HOH A . 
D 4 HOH 106 406 91  HOH HOH A . 
D 4 HOH 107 407 26  HOH HOH A . 
D 4 HOH 108 408 116 HOH HOH A . 
D 4 HOH 109 409 166 HOH HOH A . 
D 4 HOH 110 410 171 HOH HOH A . 
D 4 HOH 111 411 178 HOH HOH A . 
D 4 HOH 112 412 23  HOH HOH A . 
D 4 HOH 113 413 108 HOH HOH A . 
D 4 HOH 114 414 73  HOH HOH A . 
D 4 HOH 115 415 128 HOH HOH A . 
D 4 HOH 116 416 107 HOH HOH A . 
D 4 HOH 117 417 33  HOH HOH A . 
D 4 HOH 118 418 109 HOH HOH A . 
D 4 HOH 119 419 67  HOH HOH A . 
D 4 HOH 120 420 110 HOH HOH A . 
D 4 HOH 121 421 47  HOH HOH A . 
D 4 HOH 122 422 81  HOH HOH A . 
D 4 HOH 123 423 7   HOH HOH A . 
D 4 HOH 124 424 22  HOH HOH A . 
D 4 HOH 125 425 11  HOH HOH A . 
D 4 HOH 126 426 34  HOH HOH A . 
D 4 HOH 127 427 25  HOH HOH A . 
D 4 HOH 128 428 137 HOH HOH A . 
D 4 HOH 129 429 50  HOH HOH A . 
D 4 HOH 130 430 98  HOH HOH A . 
D 4 HOH 131 431 186 HOH HOH A . 
D 4 HOH 132 432 170 HOH HOH A . 
D 4 HOH 133 433 123 HOH HOH A . 
D 4 HOH 134 434 114 HOH HOH A . 
D 4 HOH 135 435 135 HOH HOH A . 
D 4 HOH 136 436 176 HOH HOH A . 
D 4 HOH 137 437 95  HOH HOH A . 
D 4 HOH 138 438 119 HOH HOH A . 
D 4 HOH 139 439 70  HOH HOH A . 
D 4 HOH 140 440 77  HOH HOH A . 
D 4 HOH 141 441 136 HOH HOH A . 
D 4 HOH 142 442 148 HOH HOH A . 
D 4 HOH 143 443 96  HOH HOH A . 
D 4 HOH 144 444 179 HOH HOH A . 
D 4 HOH 145 445 125 HOH HOH A . 
D 4 HOH 146 446 37  HOH HOH A . 
D 4 HOH 147 447 142 HOH HOH A . 
D 4 HOH 148 448 65  HOH HOH A . 
D 4 HOH 149 449 161 HOH HOH A . 
D 4 HOH 150 450 58  HOH HOH A . 
D 4 HOH 151 451 89  HOH HOH A . 
D 4 HOH 152 452 175 HOH HOH A . 
D 4 HOH 153 453 83  HOH HOH A . 
D 4 HOH 154 454 162 HOH HOH A . 
D 4 HOH 155 455 160 HOH HOH A . 
D 4 HOH 156 456 44  HOH HOH A . 
D 4 HOH 157 457 79  HOH HOH A . 
D 4 HOH 158 458 143 HOH HOH A . 
D 4 HOH 159 459 145 HOH HOH A . 
D 4 HOH 160 460 154 HOH HOH A . 
D 4 HOH 161 461 71  HOH HOH A . 
D 4 HOH 162 462 146 HOH HOH A . 
D 4 HOH 163 463 149 HOH HOH A . 
D 4 HOH 164 464 45  HOH HOH A . 
D 4 HOH 165 465 104 HOH HOH A . 
D 4 HOH 166 466 172 HOH HOH A . 
D 4 HOH 167 467 183 HOH HOH A . 
D 4 HOH 168 468 92  HOH HOH A . 
D 4 HOH 169 469 163 HOH HOH A . 
D 4 HOH 170 470 159 HOH HOH A . 
D 4 HOH 171 471 94  HOH HOH A . 
D 4 HOH 172 472 151 HOH HOH A . 
D 4 HOH 173 473 153 HOH HOH A . 
D 4 HOH 174 474 144 HOH HOH A . 
D 4 HOH 175 475 150 HOH HOH A . 
D 4 HOH 176 476 155 HOH HOH A . 
D 4 HOH 177 477 169 HOH HOH A . 
D 4 HOH 178 478 30  HOH HOH A . 
D 4 HOH 179 479 164 HOH HOH A . 
D 4 HOH 180 480 158 HOH HOH A . 
D 4 HOH 181 481 165 HOH HOH A . 
D 4 HOH 182 482 132 HOH HOH A . 
D 4 HOH 183 483 88  HOH HOH A . 
D 4 HOH 184 484 177 HOH HOH A . 
D 4 HOH 185 485 167 HOH HOH A . 
# 
loop_
_software.citation_id 
_software.classification 
_software.compiler_name 
_software.compiler_version 
_software.contact_author 
_software.contact_author_email 
_software.date 
_software.description 
_software.dependencies 
_software.hardware 
_software.language 
_software.location 
_software.mods 
_software.name 
_software.os 
_software.os_version 
_software.type 
_software.version 
_software.pdbx_ordinal 
? refinement       ? ? ? ? ? ? ? ? ? ? ? REFMAC  ? ? ? 5.8.0238 1 
? 'data reduction' ? ? ? ? ? ? ? ? ? ? ? XDS     ? ? ? .        2 
? 'data scaling'   ? ? ? ? ? ? ? ? ? ? ? Aimless ? ? ? .        3 
? phasing          ? ? ? ? ? ? ? ? ? ? ? MOLREP  ? ? ? .        4 
# 
_cell.angle_alpha                  90.00 
_cell.angle_alpha_esd              ? 
_cell.angle_beta                   104.16 
_cell.angle_beta_esd               ? 
_cell.angle_gamma                  90.00 
_cell.angle_gamma_esd              ? 
_cell.entry_id                     6R0R 
_cell.details                      ? 
_cell.formula_units_Z              ? 
_cell.length_a                     64.011 
_cell.length_a_esd                 ? 
_cell.length_b                     46.801 
_cell.length_b_esd                 ? 
_cell.length_c                     51.004 
_cell.length_c_esd                 ? 
_cell.volume                       ? 
_cell.volume_esd                   ? 
_cell.Z_PDB                        4 
_cell.reciprocal_angle_alpha       ? 
_cell.reciprocal_angle_beta        ? 
_cell.reciprocal_angle_gamma       ? 
_cell.reciprocal_angle_alpha_esd   ? 
_cell.reciprocal_angle_beta_esd    ? 
_cell.reciprocal_angle_gamma_esd   ? 
_cell.reciprocal_length_a          ? 
_cell.reciprocal_length_b          ? 
_cell.reciprocal_length_c          ? 
_cell.reciprocal_length_a_esd      ? 
_cell.reciprocal_length_b_esd      ? 
_cell.reciprocal_length_c_esd      ? 
_cell.pdbx_unique_axis             ? 
# 
_symmetry.entry_id                         6R0R 
_symmetry.cell_setting                     ? 
_symmetry.Int_Tables_number                5 
_symmetry.space_group_name_Hall            ? 
_symmetry.space_group_name_H-M             'C 1 2 1' 
_symmetry.pdbx_full_space_group_name_H-M   ? 
# 
_exptl.absorpt_coefficient_mu     ? 
_exptl.absorpt_correction_T_max   ? 
_exptl.absorpt_correction_T_min   ? 
_exptl.absorpt_correction_type    ? 
_exptl.absorpt_process_details    ? 
_exptl.entry_id                   6R0R 
_exptl.crystals_number            1 
_exptl.details                    ? 
_exptl.method                     'X-RAY DIFFRACTION' 
_exptl.method_details             ? 
# 
_exptl_crystal.colour                      ? 
_exptl_crystal.density_diffrn              ? 
_exptl_crystal.density_Matthews            2.14 
_exptl_crystal.density_method              ? 
_exptl_crystal.density_percent_sol         42.58 
_exptl_crystal.description                 ? 
_exptl_crystal.F_000                       ? 
_exptl_crystal.id                          1 
_exptl_crystal.preparation                 ? 
_exptl_crystal.size_max                    ? 
_exptl_crystal.size_mid                    ? 
_exptl_crystal.size_min                    ? 
_exptl_crystal.size_rad                    ? 
_exptl_crystal.colour_lustre               ? 
_exptl_crystal.colour_modifier             ? 
_exptl_crystal.colour_primary              ? 
_exptl_crystal.density_meas                ? 
_exptl_crystal.density_meas_esd            ? 
_exptl_crystal.density_meas_gt             ? 
_exptl_crystal.density_meas_lt             ? 
_exptl_crystal.density_meas_temp           ? 
_exptl_crystal.density_meas_temp_esd       ? 
_exptl_crystal.density_meas_temp_gt        ? 
_exptl_crystal.density_meas_temp_lt        ? 
_exptl_crystal.pdbx_crystal_image_url      ? 
_exptl_crystal.pdbx_crystal_image_format   ? 
_exptl_crystal.pdbx_mosaicity              ? 
_exptl_crystal.pdbx_mosaicity_esd          ? 
# 
_exptl_crystal_grow.apparatus       ? 
_exptl_crystal_grow.atmosphere      ? 
_exptl_crystal_grow.crystal_id      1 
_exptl_crystal_grow.details         ? 
_exptl_crystal_grow.method          'VAPOR DIFFUSION' 
_exptl_crystal_grow.method_ref      ? 
_exptl_crystal_grow.pH              5.9 
_exptl_crystal_grow.pressure        ? 
_exptl_crystal_grow.pressure_esd    ? 
_exptl_crystal_grow.seeding         ? 
_exptl_crystal_grow.seeding_ref     ? 
_exptl_crystal_grow.temp            293 
_exptl_crystal_grow.temp_details    ? 
_exptl_crystal_grow.temp_esd        ? 
_exptl_crystal_grow.time            ? 
_exptl_crystal_grow.pdbx_details    'Imidazole-Malate pH 5.9, 38% PEG 4K, 3 mM ADPr, 3 mM Aspartic acid' 
_exptl_crystal_grow.pdbx_pH_range   . 
# 
_diffrn.ambient_environment              ? 
_diffrn.ambient_temp                     100 
_diffrn.ambient_temp_details             . 
_diffrn.ambient_temp_esd                 ? 
_diffrn.crystal_id                       1 
_diffrn.crystal_support                  ? 
_diffrn.crystal_treatment                ? 
_diffrn.details                          ? 
_diffrn.id                               1 
_diffrn.ambient_pressure                 ? 
_diffrn.ambient_pressure_esd             ? 
_diffrn.ambient_pressure_gt              ? 
_diffrn.ambient_pressure_lt              ? 
_diffrn.ambient_temp_gt                  ? 
_diffrn.ambient_temp_lt                  ? 
_diffrn.pdbx_serial_crystal_experiment   N 
# 
_diffrn_detector.details                      . 
_diffrn_detector.detector                     PIXEL 
_diffrn_detector.diffrn_id                    1 
_diffrn_detector.type                         'DECTRIS EIGER X 9M' 
_diffrn_detector.area_resol_mean              ? 
_diffrn_detector.dtime                        ? 
_diffrn_detector.pdbx_frames_total            ? 
_diffrn_detector.pdbx_collection_time_total   ? 
_diffrn_detector.pdbx_collection_date         2017-03-31 
_diffrn_detector.pdbx_frequency               ? 
# 
_diffrn_radiation.collimation                      ? 
_diffrn_radiation.diffrn_id                        1 
_diffrn_radiation.filter_edge                      ? 
_diffrn_radiation.inhomogeneity                    ? 
_diffrn_radiation.monochromator                    . 
_diffrn_radiation.polarisn_norm                    ? 
_diffrn_radiation.polarisn_ratio                   ? 
_diffrn_radiation.probe                            ? 
_diffrn_radiation.type                             ? 
_diffrn_radiation.xray_symbol                      ? 
_diffrn_radiation.wavelength_id                    1 
_diffrn_radiation.pdbx_monochromatic_or_laue_m_l   M 
_diffrn_radiation.pdbx_wavelength_list             ? 
_diffrn_radiation.pdbx_wavelength                  ? 
_diffrn_radiation.pdbx_diffrn_protocol             'SINGLE WAVELENGTH' 
_diffrn_radiation.pdbx_analyzer                    ? 
_diffrn_radiation.pdbx_scattering_type             x-ray 
# 
_diffrn_radiation_wavelength.id           1 
_diffrn_radiation_wavelength.wavelength   0.98005 
_diffrn_radiation_wavelength.wt           1.0 
# 
_diffrn_source.current                     ? 
_diffrn_source.details                     ? 
_diffrn_source.diffrn_id                   1 
_diffrn_source.power                       ? 
_diffrn_source.size                        ? 
_diffrn_source.source                      SYNCHROTRON 
_diffrn_source.target                      ? 
_diffrn_source.type                        'SOLEIL BEAMLINE PROXIMA 2' 
_diffrn_source.voltage                     ? 
_diffrn_source.take-off_angle              ? 
_diffrn_source.pdbx_wavelength_list        0.98005 
_diffrn_source.pdbx_wavelength             ? 
_diffrn_source.pdbx_synchrotron_beamline   'PROXIMA 2' 
_diffrn_source.pdbx_synchrotron_site       SOLEIL 
# 
_reflns.B_iso_Wilson_estimate            17.4 
_reflns.entry_id                         6R0R 
_reflns.data_reduction_details           ? 
_reflns.data_reduction_method            ? 
_reflns.d_resolution_high                1.45 
_reflns.d_resolution_low                 37.37 
_reflns.details                          ? 
_reflns.limit_h_max                      ? 
_reflns.limit_h_min                      ? 
_reflns.limit_k_max                      ? 
_reflns.limit_k_min                      ? 
_reflns.limit_l_max                      ? 
_reflns.limit_l_min                      ? 
_reflns.number_all                       ? 
_reflns.number_obs                       26026 
_reflns.observed_criterion               ? 
_reflns.observed_criterion_F_max         ? 
_reflns.observed_criterion_F_min         ? 
_reflns.observed_criterion_I_max         ? 
_reflns.observed_criterion_I_min         ? 
_reflns.observed_criterion_sigma_F       0 
_reflns.observed_criterion_sigma_I       0 
_reflns.percent_possible_obs             99.9 
_reflns.R_free_details                   ? 
_reflns.Rmerge_F_all                     ? 
_reflns.Rmerge_F_obs                     ? 
_reflns.Friedel_coverage                 ? 
_reflns.number_gt                        ? 
_reflns.threshold_expression             ? 
_reflns.pdbx_redundancy                  6.6 
_reflns.pdbx_Rmerge_I_obs                0.043 
_reflns.pdbx_Rmerge_I_all                ? 
_reflns.pdbx_Rsym_value                  0.043 
_reflns.pdbx_netI_over_av_sigmaI         ? 
_reflns.pdbx_netI_over_sigmaI            20.6 
_reflns.pdbx_res_netI_over_av_sigmaI_2   ? 
_reflns.pdbx_res_netI_over_sigmaI_2      ? 
_reflns.pdbx_chi_squared                 ? 
_reflns.pdbx_scaling_rejects             ? 
_reflns.pdbx_d_res_high_opt              ? 
_reflns.pdbx_d_res_low_opt               ? 
_reflns.pdbx_d_res_opt_method            ? 
_reflns.phase_calculation_details        ? 
_reflns.pdbx_Rrim_I_all                  0.051 
_reflns.pdbx_Rpim_I_all                  0.027 
_reflns.pdbx_d_opt                       ? 
_reflns.pdbx_number_measured_all         ? 
_reflns.pdbx_diffrn_id                   1 
_reflns.pdbx_ordinal                     1 
_reflns.pdbx_CC_half                     0.999 
_reflns.pdbx_R_split                     ? 
# 
_reflns_shell.d_res_high                  1.45 
_reflns_shell.d_res_low                   1.47 
_reflns_shell.meanI_over_sigI_all         ? 
_reflns_shell.meanI_over_sigI_obs         2.1 
_reflns_shell.number_measured_all         ? 
_reflns_shell.number_measured_obs         ? 
_reflns_shell.number_possible             ? 
_reflns_shell.number_unique_all           ? 
_reflns_shell.number_unique_obs           1293 
_reflns_shell.percent_possible_all        100 
_reflns_shell.percent_possible_obs        ? 
_reflns_shell.Rmerge_F_all                ? 
_reflns_shell.Rmerge_F_obs                ? 
_reflns_shell.Rmerge_I_all                ? 
_reflns_shell.Rmerge_I_obs                0.749 
_reflns_shell.meanI_over_sigI_gt          ? 
_reflns_shell.meanI_over_uI_all           ? 
_reflns_shell.meanI_over_uI_gt            ? 
_reflns_shell.number_measured_gt          ? 
_reflns_shell.number_unique_gt            ? 
_reflns_shell.percent_possible_gt         ? 
_reflns_shell.Rmerge_F_gt                 ? 
_reflns_shell.Rmerge_I_gt                 ? 
_reflns_shell.pdbx_redundancy             6.5 
_reflns_shell.pdbx_Rsym_value             0.749 
_reflns_shell.pdbx_chi_squared            ? 
_reflns_shell.pdbx_netI_over_sigmaI_all   ? 
_reflns_shell.pdbx_netI_over_sigmaI_obs   ? 
_reflns_shell.pdbx_Rrim_I_all             0.895 
_reflns_shell.pdbx_Rpim_I_all             0.484 
_reflns_shell.pdbx_rejects                ? 
_reflns_shell.pdbx_ordinal                1 
_reflns_shell.pdbx_diffrn_id              1 
_reflns_shell.pdbx_CC_half                0.775 
_reflns_shell.pdbx_R_split                ? 
# 
_refine.aniso_B[1][1]                            -0.67 
_refine.aniso_B[1][2]                            0.00 
_refine.aniso_B[1][3]                            -0.07 
_refine.aniso_B[2][2]                            0.32 
_refine.aniso_B[2][3]                            0.00 
_refine.aniso_B[3][3]                            0.34 
_refine.B_iso_max                                ? 
_refine.B_iso_mean                               19.460 
_refine.B_iso_min                                ? 
_refine.correlation_coeff_Fo_to_Fc               0.971 
_refine.correlation_coeff_Fo_to_Fc_free          0.961 
_refine.details                                  'HYDROGENS HAVE BEEN ADDED IN THE RIDING POSITIONS' 
_refine.diff_density_max                         ? 
_refine.diff_density_max_esd                     ? 
_refine.diff_density_min                         ? 
_refine.diff_density_min_esd                     ? 
_refine.diff_density_rms                         ? 
_refine.diff_density_rms_esd                     ? 
_refine.entry_id                                 6R0R 
_refine.pdbx_refine_id                           'X-RAY DIFFRACTION' 
_refine.ls_abs_structure_details                 ? 
_refine.ls_abs_structure_Flack                   ? 
_refine.ls_abs_structure_Flack_esd               ? 
_refine.ls_abs_structure_Rogers                  ? 
_refine.ls_abs_structure_Rogers_esd              ? 
_refine.ls_d_res_high                            1.45 
_refine.ls_d_res_low                             37.37 
_refine.ls_extinction_coef                       ? 
_refine.ls_extinction_coef_esd                   ? 
_refine.ls_extinction_expression                 ? 
_refine.ls_extinction_method                     ? 
_refine.ls_goodness_of_fit_all                   ? 
_refine.ls_goodness_of_fit_all_esd               ? 
_refine.ls_goodness_of_fit_obs                   ? 
_refine.ls_goodness_of_fit_obs_esd               ? 
_refine.ls_hydrogen_treatment                    ? 
_refine.ls_matrix_type                           ? 
_refine.ls_number_constraints                    ? 
_refine.ls_number_parameters                     ? 
_refine.ls_number_reflns_all                     ? 
_refine.ls_number_reflns_obs                     24542 
_refine.ls_number_reflns_R_free                  1483 
_refine.ls_number_reflns_R_work                  ? 
_refine.ls_number_restraints                     ? 
_refine.ls_percent_reflns_obs                    99.86 
_refine.ls_percent_reflns_R_free                 5.7 
_refine.ls_R_factor_all                          ? 
_refine.ls_R_factor_obs                          0.17101 
_refine.ls_R_factor_R_free                       0.19667 
_refine.ls_R_factor_R_free_error                 ? 
_refine.ls_R_factor_R_free_error_details         ? 
_refine.ls_R_factor_R_work                       0.16946 
_refine.ls_R_Fsqd_factor_obs                     ? 
_refine.ls_R_I_factor_obs                        ? 
_refine.ls_redundancy_reflns_all                 ? 
_refine.ls_redundancy_reflns_obs                 ? 
_refine.ls_restrained_S_all                      ? 
_refine.ls_restrained_S_obs                      ? 
_refine.ls_shift_over_esd_max                    ? 
_refine.ls_shift_over_esd_mean                   ? 
_refine.ls_structure_factor_coef                 ? 
_refine.ls_weighting_details                     ? 
_refine.ls_weighting_scheme                      ? 
_refine.ls_wR_factor_all                         ? 
_refine.ls_wR_factor_obs                         ? 
_refine.ls_wR_factor_R_free                      ? 
_refine.ls_wR_factor_R_work                      ? 
_refine.occupancy_max                            ? 
_refine.occupancy_min                            ? 
_refine.solvent_model_details                    ? 
_refine.solvent_model_param_bsol                 ? 
_refine.solvent_model_param_ksol                 ? 
_refine.ls_R_factor_gt                           ? 
_refine.ls_goodness_of_fit_gt                    ? 
_refine.ls_goodness_of_fit_ref                   ? 
_refine.ls_shift_over_su_max                     ? 
_refine.ls_shift_over_su_max_lt                  ? 
_refine.ls_shift_over_su_mean                    ? 
_refine.ls_shift_over_su_mean_lt                 ? 
_refine.pdbx_ls_sigma_I                          ? 
_refine.pdbx_ls_sigma_F                          ? 
_refine.pdbx_ls_sigma_Fsqd                       ? 
_refine.pdbx_data_cutoff_high_absF               ? 
_refine.pdbx_data_cutoff_high_rms_absF           ? 
_refine.pdbx_data_cutoff_low_absF                ? 
_refine.pdbx_isotropic_thermal_model             ? 
_refine.pdbx_ls_cross_valid_method               THROUGHOUT 
_refine.pdbx_method_to_determine_struct          'MOLECULAR REPLACEMENT' 
_refine.pdbx_starting_model                      6QZU 
_refine.pdbx_stereochemistry_target_values       ? 
_refine.pdbx_R_Free_selection_details            RANDOM 
_refine.pdbx_stereochem_target_val_spec_case     ? 
_refine.pdbx_overall_ESU_R                       0.069 
_refine.pdbx_overall_ESU_R_Free                  0.071 
_refine.pdbx_solvent_vdw_probe_radii             1.10 
_refine.pdbx_solvent_ion_probe_radii             0.70 
_refine.pdbx_solvent_shrinkage_radii             0.70 
_refine.pdbx_real_space_R                        ? 
_refine.pdbx_density_correlation                 ? 
_refine.pdbx_pd_number_of_powder_patterns        ? 
_refine.pdbx_pd_number_of_points                 ? 
_refine.pdbx_pd_meas_number_of_points            ? 
_refine.pdbx_pd_proc_ls_prof_R_factor            ? 
_refine.pdbx_pd_proc_ls_prof_wR_factor           ? 
_refine.pdbx_pd_Marquardt_correlation_coeff      ? 
_refine.pdbx_pd_Fsqrd_R_factor                   ? 
_refine.pdbx_pd_ls_matrix_band_width             ? 
_refine.pdbx_overall_phase_error                 ? 
_refine.pdbx_overall_SU_R_free_Cruickshank_DPI   ? 
_refine.pdbx_overall_SU_R_free_Blow_DPI          ? 
_refine.pdbx_overall_SU_R_Blow_DPI               ? 
_refine.pdbx_TLS_residual_ADP_flag               ? 
_refine.pdbx_diffrn_id                           1 
_refine.overall_SU_B                             1.341 
_refine.overall_SU_ML                            0.049 
_refine.overall_SU_R_Cruickshank_DPI             ? 
_refine.overall_SU_R_free                        ? 
_refine.overall_FOM_free_R_set                   ? 
_refine.overall_FOM_work_R_set                   ? 
_refine.pdbx_average_fsc_overall                 ? 
_refine.pdbx_average_fsc_work                    ? 
_refine.pdbx_average_fsc_free                    ? 
# 
_refine_hist.pdbx_refine_id                   'X-RAY DIFFRACTION' 
_refine_hist.cycle_id                         LAST 
_refine_hist.details                          ? 
_refine_hist.d_res_high                       1.45 
_refine_hist.d_res_low                        37.37 
_refine_hist.number_atoms_solvent             185 
_refine_hist.number_atoms_total               1435 
_refine_hist.number_reflns_all                ? 
_refine_hist.number_reflns_obs                ? 
_refine_hist.number_reflns_R_free             ? 
_refine_hist.number_reflns_R_work             ? 
_refine_hist.R_factor_all                     ? 
_refine_hist.R_factor_obs                     ? 
_refine_hist.R_factor_R_free                  ? 
_refine_hist.R_factor_R_work                  ? 
_refine_hist.pdbx_number_residues_total       ? 
_refine_hist.pdbx_B_iso_mean_ligand           ? 
_refine_hist.pdbx_B_iso_mean_solvent          ? 
_refine_hist.pdbx_number_atoms_protein        1210 
_refine_hist.pdbx_number_atoms_nucleic_acid   0 
_refine_hist.pdbx_number_atoms_ligand         40 
_refine_hist.pdbx_number_atoms_lipid          ? 
_refine_hist.pdbx_number_atoms_carb           ? 
_refine_hist.pdbx_pseudo_atom_details         ? 
# 
loop_
_refine_ls_restr.pdbx_refine_id 
_refine_ls_restr.criterion 
_refine_ls_restr.dev_ideal 
_refine_ls_restr.dev_ideal_target 
_refine_ls_restr.number 
_refine_ls_restr.rejects 
_refine_ls_restr.type 
_refine_ls_restr.weight 
_refine_ls_restr.pdbx_restraint_function 
'X-RAY DIFFRACTION' ? 0.009  0.013  1278 ? r_bond_refined_d             ? ? 
'X-RAY DIFFRACTION' ? 0.002  0.017  1204 ? r_bond_other_d               ? ? 
'X-RAY DIFFRACTION' ? 1.583  1.687  1736 ? r_angle_refined_deg          ? ? 
'X-RAY DIFFRACTION' ? 1.551  1.604  2782 ? r_angle_other_deg            ? ? 
'X-RAY DIFFRACTION' ? 5.983  5.000  165  ? r_dihedral_angle_1_deg       ? ? 
'X-RAY DIFFRACTION' ? 31.148 20.667 60   ? r_dihedral_angle_2_deg       ? ? 
'X-RAY DIFFRACTION' ? 10.896 15.000 210  ? r_dihedral_angle_3_deg       ? ? 
'X-RAY DIFFRACTION' ? 20.463 15.000 11   ? r_dihedral_angle_4_deg       ? ? 
'X-RAY DIFFRACTION' ? 0.074  0.200  180  ? r_chiral_restr               ? ? 
'X-RAY DIFFRACTION' ? 0.007  0.020  1422 ? r_gen_planes_refined         ? ? 
'X-RAY DIFFRACTION' ? 0.001  0.020  270  ? r_gen_planes_other           ? ? 
'X-RAY DIFFRACTION' ? ?      ?      ?    ? r_nbd_refined                ? ? 
'X-RAY DIFFRACTION' ? ?      ?      ?    ? r_nbd_other                  ? ? 
'X-RAY DIFFRACTION' ? ?      ?      ?    ? r_nbtor_refined              ? ? 
'X-RAY DIFFRACTION' ? ?      ?      ?    ? r_nbtor_other                ? ? 
'X-RAY DIFFRACTION' ? ?      ?      ?    ? r_xyhbond_nbd_refined        ? ? 
'X-RAY DIFFRACTION' ? ?      ?      ?    ? r_xyhbond_nbd_other          ? ? 
'X-RAY DIFFRACTION' ? ?      ?      ?    ? r_metal_ion_refined          ? ? 
'X-RAY DIFFRACTION' ? ?      ?      ?    ? r_metal_ion_other            ? ? 
'X-RAY DIFFRACTION' ? ?      ?      ?    ? r_symmetry_vdw_refined       ? ? 
'X-RAY DIFFRACTION' ? ?      ?      ?    ? r_symmetry_vdw_other         ? ? 
'X-RAY DIFFRACTION' ? ?      ?      ?    ? r_symmetry_hbond_refined     ? ? 
'X-RAY DIFFRACTION' ? ?      ?      ?    ? r_symmetry_hbond_other       ? ? 
'X-RAY DIFFRACTION' ? ?      ?      ?    ? r_symmetry_metal_ion_refined ? ? 
'X-RAY DIFFRACTION' ? ?      ?      ?    ? r_symmetry_metal_ion_other   ? ? 
'X-RAY DIFFRACTION' ? 3.301  1.601  651  ? r_mcbond_it                  ? ? 
'X-RAY DIFFRACTION' ? 2.881  1.595  650  ? r_mcbond_other               ? ? 
'X-RAY DIFFRACTION' ? 3.462  2.390  813  ? r_mcangle_it                 ? ? 
'X-RAY DIFFRACTION' ? 3.516  2.398  814  ? r_mcangle_other              ? ? 
'X-RAY DIFFRACTION' ? 9.051  2.218  626  ? r_scbond_it                  ? ? 
'X-RAY DIFFRACTION' ? 9.046  2.220  627  ? r_scbond_other               ? ? 
'X-RAY DIFFRACTION' ? ?      ?      ?    ? r_scangle_it                 ? ? 
'X-RAY DIFFRACTION' ? 9.451  3.046  922  ? r_scangle_other              ? ? 
'X-RAY DIFFRACTION' ? 9.419  21.678 1498 ? r_long_range_B_refined       ? ? 
'X-RAY DIFFRACTION' ? 9.416  21.687 1499 ? r_long_range_B_other         ? ? 
'X-RAY DIFFRACTION' ? ?      ?      ?    ? r_rigid_bond_restr           ? ? 
'X-RAY DIFFRACTION' ? ?      ?      ?    ? r_sphericity_free            ? ? 
'X-RAY DIFFRACTION' ? ?      ?      ?    ? r_sphericity_bonded          ? ? 
# 
_refine_ls_shell.pdbx_refine_id                   'X-RAY DIFFRACTION' 
_refine_ls_shell.d_res_high                       1.450 
_refine_ls_shell.d_res_low                        1.488 
_refine_ls_shell.number_reflns_all                ? 
_refine_ls_shell.number_reflns_obs                ? 
_refine_ls_shell.number_reflns_R_free             112 
_refine_ls_shell.number_reflns_R_work             1788 
_refine_ls_shell.percent_reflns_obs               99.84 
_refine_ls_shell.percent_reflns_R_free            ? 
_refine_ls_shell.R_factor_all                     ? 
_refine_ls_shell.R_factor_obs                     ? 
_refine_ls_shell.R_factor_R_free                  0.546 
_refine_ls_shell.R_factor_R_free_error            ? 
_refine_ls_shell.R_factor_R_work                  0.532 
_refine_ls_shell.redundancy_reflns_all            ? 
_refine_ls_shell.redundancy_reflns_obs            ? 
_refine_ls_shell.wR_factor_all                    ? 
_refine_ls_shell.wR_factor_obs                    ? 
_refine_ls_shell.wR_factor_R_free                 ? 
_refine_ls_shell.wR_factor_R_work                 ? 
_refine_ls_shell.pdbx_total_number_of_bins_used   20 
_refine_ls_shell.pdbx_phase_error                 ? 
_refine_ls_shell.pdbx_fsc_work                    ? 
_refine_ls_shell.pdbx_fsc_free                    ? 
# 
_struct.entry_id                     6R0R 
_struct.title                        'Getah virus macro domain in complex with ADPr covalently bond to Cys34' 
_struct.pdbx_model_details           ? 
_struct.pdbx_formula_weight          ? 
_struct.pdbx_formula_weight_method   ? 
_struct.pdbx_model_type_details      ? 
_struct.pdbx_CASP_flag               N 
# 
_struct_keywords.entry_id        6R0R 
_struct_keywords.text            'Macro domain, Getah virus, VIRAL PROTEIN' 
_struct_keywords.pdbx_keywords   'VIRAL PROTEIN' 
# 
loop_
_struct_asym.id 
_struct_asym.pdbx_blank_PDB_chainid_flag 
_struct_asym.pdbx_modified 
_struct_asym.entity_id 
_struct_asym.details 
A N N 1 ? 
B N N 2 ? 
C N N 3 ? 
D N N 4 ? 
# 
_struct_ref.id                         1 
_struct_ref.db_name                    UNP 
_struct_ref.db_code                    A0A143SL92_GETV 
_struct_ref.pdbx_db_accession          A0A143SL92 
_struct_ref.pdbx_db_isoform            ? 
_struct_ref.entity_id                  1 
_struct_ref.pdbx_seq_one_letter_code   
;APSYRVRRADISGHGEEAVVNAANAKGTVSDGVCRAVAKKWPSSFKGAATPVGTAKMIRADGMTVIHAVGPNFSTVTEAE
GDRELAAAYRAVASIISTNNIKSVAVPLLSTGTFSGGKDRVMQSLNHLFTALDATDADVVIYCRDKNWEKKIQEAIDRRT

;
_struct_ref.pdbx_align_begin           1333 
# 
_struct_ref_seq.align_id                      1 
_struct_ref_seq.ref_id                        1 
_struct_ref_seq.pdbx_PDB_id_code              6R0R 
_struct_ref_seq.pdbx_strand_id                A 
_struct_ref_seq.seq_align_beg                 3 
_struct_ref_seq.pdbx_seq_align_beg_ins_code   ? 
_struct_ref_seq.seq_align_end                 162 
_struct_ref_seq.pdbx_seq_align_end_ins_code   ? 
_struct_ref_seq.pdbx_db_accession             A0A143SL92 
_struct_ref_seq.db_align_beg                  1333 
_struct_ref_seq.pdbx_db_align_beg_ins_code    ? 
_struct_ref_seq.db_align_end                  1492 
_struct_ref_seq.pdbx_db_align_end_ins_code    ? 
_struct_ref_seq.pdbx_auth_seq_align_beg       1 
_struct_ref_seq.pdbx_auth_seq_align_end       160 
# 
loop_
_struct_ref_seq_dif.align_id 
_struct_ref_seq_dif.pdbx_pdb_id_code 
_struct_ref_seq_dif.mon_id 
_struct_ref_seq_dif.pdbx_pdb_strand_id 
_struct_ref_seq_dif.seq_num 
_struct_ref_seq_dif.pdbx_pdb_ins_code 
_struct_ref_seq_dif.pdbx_seq_db_name 
_struct_ref_seq_dif.pdbx_seq_db_accession_code 
_struct_ref_seq_dif.db_mon_id 
_struct_ref_seq_dif.pdbx_seq_db_seq_num 
_struct_ref_seq_dif.details 
_struct_ref_seq_dif.pdbx_auth_seq_num 
_struct_ref_seq_dif.pdbx_ordinal 
1 6R0R MET A 1   ? UNP A0A143SL92 ? ? 'initiating methionine' -1  1 
1 6R0R LYS A 2   ? UNP A0A143SL92 ? ? 'expression tag'        0   2 
1 6R0R HIS A 163 ? UNP A0A143SL92 ? ? 'expression tag'        161 3 
1 6R0R HIS A 164 ? UNP A0A143SL92 ? ? 'expression tag'        162 4 
1 6R0R HIS A 165 ? UNP A0A143SL92 ? ? 'expression tag'        163 5 
1 6R0R HIS A 166 ? UNP A0A143SL92 ? ? 'expression tag'        164 6 
1 6R0R HIS A 167 ? UNP A0A143SL92 ? ? 'expression tag'        165 7 
1 6R0R HIS A 168 ? UNP A0A143SL92 ? ? 'expression tag'        166 8 
# 
_pdbx_struct_assembly.id                   1 
_pdbx_struct_assembly.details              author_and_software_defined_assembly 
_pdbx_struct_assembly.method_details       PISA 
_pdbx_struct_assembly.oligomeric_details   monomeric 
_pdbx_struct_assembly.oligomeric_count     1 
# 
loop_
_pdbx_struct_assembly_prop.biol_id 
_pdbx_struct_assembly_prop.type 
_pdbx_struct_assembly_prop.value 
_pdbx_struct_assembly_prop.details 
1 'ABSA (A^2)' 200  ? 
1 MORE         2    ? 
1 'SSA (A^2)'  7590 ? 
# 
_pdbx_struct_assembly_gen.assembly_id       1 
_pdbx_struct_assembly_gen.oper_expression   1 
_pdbx_struct_assembly_gen.asym_id_list      A,B,C,D 
# 
_pdbx_struct_assembly_auth_evidence.id                     1 
_pdbx_struct_assembly_auth_evidence.assembly_id            1 
_pdbx_struct_assembly_auth_evidence.experimental_support   'gel filtration' 
_pdbx_struct_assembly_auth_evidence.details                . 
# 
_pdbx_struct_oper_list.id                   1 
_pdbx_struct_oper_list.type                 'identity operation' 
_pdbx_struct_oper_list.name                 1_555 
_pdbx_struct_oper_list.symmetry_operation   x,y,z 
_pdbx_struct_oper_list.matrix[1][1]         1.0000000000 
_pdbx_struct_oper_list.matrix[1][2]         0.0000000000 
_pdbx_struct_oper_list.matrix[1][3]         0.0000000000 
_pdbx_struct_oper_list.vector[1]            0.0000000000 
_pdbx_struct_oper_list.matrix[2][1]         0.0000000000 
_pdbx_struct_oper_list.matrix[2][2]         1.0000000000 
_pdbx_struct_oper_list.matrix[2][3]         0.0000000000 
_pdbx_struct_oper_list.vector[2]            0.0000000000 
_pdbx_struct_oper_list.matrix[3][1]         0.0000000000 
_pdbx_struct_oper_list.matrix[3][2]         0.0000000000 
_pdbx_struct_oper_list.matrix[3][3]         1.0000000000 
_pdbx_struct_oper_list.vector[3]            0.0000000000 
# 
loop_
_struct_conf.conf_type_id 
_struct_conf.id 
_struct_conf.pdbx_PDB_helix_id 
_struct_conf.beg_label_comp_id 
_struct_conf.beg_label_asym_id 
_struct_conf.beg_label_seq_id 
_struct_conf.pdbx_beg_PDB_ins_code 
_struct_conf.end_label_comp_id 
_struct_conf.end_label_asym_id 
_struct_conf.end_label_seq_id 
_struct_conf.pdbx_end_PDB_ins_code 
_struct_conf.beg_auth_comp_id 
_struct_conf.beg_auth_asym_id 
_struct_conf.beg_auth_seq_id 
_struct_conf.end_auth_comp_id 
_struct_conf.end_auth_asym_id 
_struct_conf.end_auth_seq_id 
_struct_conf.pdbx_PDB_helix_class 
_struct_conf.details 
_struct_conf.pdbx_PDB_helix_length 
HELX_P HELX_P1 AA1 ASP A 12  ? HIS A 16  ? ASP A 10  HIS A 14  5 ? 5  
HELX_P HELX_P2 AA2 GLY A 34  ? TRP A 43  ? GLY A 32  TRP A 41  1 ? 10 
HELX_P HELX_P3 AA3 THR A 79  ? ASN A 101 ? THR A 77  ASN A 99  1 ? 23 
HELX_P HELX_P4 AA4 ARG A 122 ? ASP A 135 ? ARG A 120 ASP A 133 1 ? 14 
HELX_P HELX_P5 AA5 ASP A 147 ? THR A 162 ? ASP A 145 THR A 160 1 ? 16 
# 
_struct_conf_type.id          HELX_P 
_struct_conf_type.criteria    ? 
_struct_conf_type.reference   ? 
# 
_struct_conn.id                            covale1 
_struct_conn.conn_type_id                  covale 
_struct_conn.pdbx_leaving_atom_flag        none 
_struct_conn.pdbx_PDB_id                   ? 
_struct_conn.ptnr1_label_asym_id           A 
_struct_conn.ptnr1_label_comp_id           CYS 
_struct_conn.ptnr1_label_seq_id            36 
_struct_conn.ptnr1_label_atom_id           SG 
_struct_conn.pdbx_ptnr1_label_alt_id       ? 
_struct_conn.pdbx_ptnr1_PDB_ins_code       ? 
_struct_conn.pdbx_ptnr1_standard_comp_id   ? 
_struct_conn.ptnr1_symmetry                1_555 
_struct_conn.ptnr2_label_asym_id           B 
_struct_conn.ptnr2_label_comp_id           JNT 
_struct_conn.ptnr2_label_seq_id            . 
_struct_conn.ptnr2_label_atom_id           C1A 
_struct_conn.pdbx_ptnr2_label_alt_id       ? 
_struct_conn.pdbx_ptnr2_PDB_ins_code       ? 
_struct_conn.ptnr1_auth_asym_id            A 
_struct_conn.ptnr1_auth_comp_id            CYS 
_struct_conn.ptnr1_auth_seq_id             34 
_struct_conn.ptnr2_auth_asym_id            A 
_struct_conn.ptnr2_auth_comp_id            JNT 
_struct_conn.ptnr2_auth_seq_id             201 
_struct_conn.ptnr2_symmetry                1_555 
_struct_conn.pdbx_ptnr3_label_atom_id      ? 
_struct_conn.pdbx_ptnr3_label_seq_id       ? 
_struct_conn.pdbx_ptnr3_label_comp_id      ? 
_struct_conn.pdbx_ptnr3_label_asym_id      ? 
_struct_conn.pdbx_ptnr3_label_alt_id       ? 
_struct_conn.pdbx_ptnr3_PDB_ins_code       ? 
_struct_conn.details                       ? 
_struct_conn.pdbx_dist_value               1.806 
_struct_conn.pdbx_value_order              ? 
_struct_conn.pdbx_role                     ? 
# 
_struct_conn_type.id          covale 
_struct_conn_type.criteria    ? 
_struct_conn_type.reference   ? 
# 
_pdbx_modification_feature.ordinal                            1 
_pdbx_modification_feature.label_comp_id                      JNT 
_pdbx_modification_feature.label_asym_id                      B 
_pdbx_modification_feature.label_seq_id                       . 
_pdbx_modification_feature.label_alt_id                       ? 
_pdbx_modification_feature.modified_residue_label_comp_id     CYS 
_pdbx_modification_feature.modified_residue_label_asym_id     A 
_pdbx_modification_feature.modified_residue_label_seq_id      36 
_pdbx_modification_feature.modified_residue_label_alt_id      ? 
_pdbx_modification_feature.auth_comp_id                       JNT 
_pdbx_modification_feature.auth_asym_id                       A 
_pdbx_modification_feature.auth_seq_id                        201 
_pdbx_modification_feature.PDB_ins_code                       ? 
_pdbx_modification_feature.symmetry                           1_555 
_pdbx_modification_feature.modified_residue_auth_comp_id      CYS 
_pdbx_modification_feature.modified_residue_auth_asym_id      A 
_pdbx_modification_feature.modified_residue_auth_seq_id       34 
_pdbx_modification_feature.modified_residue_PDB_ins_code      ? 
_pdbx_modification_feature.modified_residue_symmetry          1_555 
_pdbx_modification_feature.comp_id_linking_atom               C1A 
_pdbx_modification_feature.modified_residue_id_linking_atom   SG 
_pdbx_modification_feature.modified_residue_id                CYS 
_pdbx_modification_feature.ref_pcm_id                         1 
_pdbx_modification_feature.ref_comp_id                        JNT 
_pdbx_modification_feature.type                               None 
_pdbx_modification_feature.category                           'Covalent chemical modification' 
# 
_struct_sheet.id               AA1 
_struct_sheet.type             ? 
_struct_sheet.number_strands   6 
_struct_sheet.details          ? 
# 
loop_
_struct_sheet_order.sheet_id 
_struct_sheet_order.range_id_1 
_struct_sheet_order.range_id_2 
_struct_sheet_order.offset 
_struct_sheet_order.sense 
AA1 1 2 ? parallel      
AA1 2 3 ? parallel      
AA1 3 4 ? parallel      
AA1 4 5 ? parallel      
AA1 5 6 ? anti-parallel 
# 
loop_
_struct_sheet_range.sheet_id 
_struct_sheet_range.id 
_struct_sheet_range.beg_label_comp_id 
_struct_sheet_range.beg_label_asym_id 
_struct_sheet_range.beg_label_seq_id 
_struct_sheet_range.pdbx_beg_PDB_ins_code 
_struct_sheet_range.end_label_comp_id 
_struct_sheet_range.end_label_asym_id 
_struct_sheet_range.end_label_seq_id 
_struct_sheet_range.pdbx_end_PDB_ins_code 
_struct_sheet_range.beg_auth_comp_id 
_struct_sheet_range.beg_auth_asym_id 
_struct_sheet_range.beg_auth_seq_id 
_struct_sheet_range.end_auth_comp_id 
_struct_sheet_range.end_auth_asym_id 
_struct_sheet_range.end_auth_seq_id 
AA1 1 SER A 5   ? ARG A 10  ? SER A 3   ARG A 8   
AA1 2 ASP A 140 ? CYS A 145 ? ASP A 138 CYS A 143 
AA1 3 SER A 105 ? PRO A 109 ? SER A 103 PRO A 107 
AA1 4 ALA A 20  ? ALA A 24  ? ALA A 18  ALA A 22  
AA1 5 MET A 65  ? ALA A 70  ? MET A 63  ALA A 68  
AA1 6 ALA A 57  ? ALA A 62  ? ALA A 55  ALA A 60  
# 
loop_
_pdbx_struct_sheet_hbond.sheet_id 
_pdbx_struct_sheet_hbond.range_id_1 
_pdbx_struct_sheet_hbond.range_id_2 
_pdbx_struct_sheet_hbond.range_1_label_atom_id 
_pdbx_struct_sheet_hbond.range_1_label_comp_id 
_pdbx_struct_sheet_hbond.range_1_label_asym_id 
_pdbx_struct_sheet_hbond.range_1_label_seq_id 
_pdbx_struct_sheet_hbond.range_1_PDB_ins_code 
_pdbx_struct_sheet_hbond.range_1_auth_atom_id 
_pdbx_struct_sheet_hbond.range_1_auth_comp_id 
_pdbx_struct_sheet_hbond.range_1_auth_asym_id 
_pdbx_struct_sheet_hbond.range_1_auth_seq_id 
_pdbx_struct_sheet_hbond.range_2_label_atom_id 
_pdbx_struct_sheet_hbond.range_2_label_comp_id 
_pdbx_struct_sheet_hbond.range_2_label_asym_id 
_pdbx_struct_sheet_hbond.range_2_label_seq_id 
_pdbx_struct_sheet_hbond.range_2_PDB_ins_code 
_pdbx_struct_sheet_hbond.range_2_auth_atom_id 
_pdbx_struct_sheet_hbond.range_2_auth_comp_id 
_pdbx_struct_sheet_hbond.range_2_auth_asym_id 
_pdbx_struct_sheet_hbond.range_2_auth_seq_id 
AA1 1 2 N ARG A 7   ? N ARG A 5   O ILE A 143 ? O ILE A 141 
AA1 2 3 O VAL A 142 ? O VAL A 140 N VAL A 108 ? N VAL A 106 
AA1 3 4 O ALA A 107 ? O ALA A 105 N VAL A 22  ? N VAL A 20  
AA1 4 5 N VAL A 21  ? N VAL A 19  O ILE A 68  ? O ILE A 66  
AA1 5 6 O HIS A 69  ? O HIS A 67  N LYS A 58  ? N LYS A 56  
# 
loop_
_struct_site.id 
_struct_site.pdbx_evidence_code 
_struct_site.pdbx_auth_asym_id 
_struct_site.pdbx_auth_comp_id 
_struct_site.pdbx_auth_seq_id 
_struct_site.pdbx_auth_ins_code 
_struct_site.pdbx_num_residues 
_struct_site.details 
AC1 Software A JNT 201 ? 28 'binding site for residue JNT A 201' 
AC2 Software A EDO 202 ? 6  'binding site for residue EDO A 202' 
# 
loop_
_struct_site_gen.id 
_struct_site_gen.site_id 
_struct_site_gen.pdbx_num_res 
_struct_site_gen.label_comp_id 
_struct_site_gen.label_asym_id 
_struct_site_gen.label_seq_id 
_struct_site_gen.pdbx_auth_ins_code 
_struct_site_gen.auth_comp_id 
_struct_site_gen.auth_asym_id 
_struct_site_gen.auth_seq_id 
_struct_site_gen.label_atom_id 
_struct_site_gen.label_alt_id 
_struct_site_gen.symmetry 
_struct_site_gen.details 
1  AC1 28 ALA A 11  ? ALA A 9   . ? 1_555 ? 
2  AC1 28 ASP A 12  ? ASP A 10  . ? 1_555 ? 
3  AC1 28 ILE A 13  ? ILE A 11  . ? 1_555 ? 
4  AC1 28 ALA A 24  ? ALA A 22  . ? 1_555 ? 
5  AC1 28 ALA A 25  ? ALA A 23  . ? 1_555 ? 
6  AC1 28 ASN A 26  ? ASN A 24  . ? 1_555 ? 
7  AC1 28 THR A 30  ? THR A 28  . ? 1_555 ? 
8  AC1 28 SER A 32  ? SER A 30  . ? 1_555 ? 
9  AC1 28 ASP A 33  ? ASP A 31  . ? 1_555 ? 
10 AC1 28 GLY A 34  ? GLY A 32  . ? 1_555 ? 
11 AC1 28 VAL A 35  ? VAL A 33  . ? 1_555 ? 
12 AC1 28 CYS A 36  ? CYS A 34  . ? 1_555 ? 
13 AC1 28 ALA A 38  ? ALA A 36  . ? 1_555 ? 
14 AC1 28 LEU A 110 ? LEU A 108 . ? 1_555 ? 
15 AC1 28 SER A 112 ? SER A 110 . ? 1_555 ? 
16 AC1 28 THR A 113 ? THR A 111 . ? 1_555 ? 
17 AC1 28 GLY A 114 ? GLY A 112 . ? 1_555 ? 
18 AC1 28 THR A 115 ? THR A 113 . ? 1_555 ? 
19 AC1 28 PHE A 116 ? PHE A 114 . ? 1_555 ? 
20 AC1 28 TRP A 150 ? TRP A 148 . ? 1_555 ? 
21 AC1 28 HOH D .   ? HOH A 301 . ? 1_555 ? 
22 AC1 28 HOH D .   ? HOH A 305 . ? 1_555 ? 
23 AC1 28 HOH D .   ? HOH A 330 . ? 1_555 ? 
24 AC1 28 HOH D .   ? HOH A 342 . ? 1_555 ? 
25 AC1 28 HOH D .   ? HOH A 357 . ? 1_555 ? 
26 AC1 28 HOH D .   ? HOH A 387 . ? 1_555 ? 
27 AC1 28 HOH D .   ? HOH A 398 . ? 1_555 ? 
28 AC1 28 HOH D .   ? HOH A 414 . ? 1_555 ? 
29 AC2 6  ARG A 92  ? ARG A 90  . ? 1_555 ? 
30 AC2 6  ALA A 95  ? ALA A 93  . ? 1_555 ? 
31 AC2 6  SER A 96  ? SER A 94  . ? 1_555 ? 
32 AC2 6  SER A 99  ? SER A 97  . ? 1_555 ? 
33 AC2 6  HOH D .   ? HOH A 354 . ? 1_555 ? 
34 AC2 6  HOH D .   ? HOH A 400 . ? 1_555 ? 
# 
_pdbx_entry_details.entry_id                   6R0R 
_pdbx_entry_details.compound_details           ? 
_pdbx_entry_details.source_details             ? 
_pdbx_entry_details.nonpolymer_details         ? 
_pdbx_entry_details.sequence_details           ? 
_pdbx_entry_details.has_ligand_of_interest     ? 
_pdbx_entry_details.has_protein_modification   Y 
# 
loop_
_pdbx_validate_close_contact.id 
_pdbx_validate_close_contact.PDB_model_num 
_pdbx_validate_close_contact.auth_atom_id_1 
_pdbx_validate_close_contact.auth_asym_id_1 
_pdbx_validate_close_contact.auth_comp_id_1 
_pdbx_validate_close_contact.auth_seq_id_1 
_pdbx_validate_close_contact.PDB_ins_code_1 
_pdbx_validate_close_contact.label_alt_id_1 
_pdbx_validate_close_contact.auth_atom_id_2 
_pdbx_validate_close_contact.auth_asym_id_2 
_pdbx_validate_close_contact.auth_comp_id_2 
_pdbx_validate_close_contact.auth_seq_id_2 
_pdbx_validate_close_contact.PDB_ins_code_2 
_pdbx_validate_close_contact.label_alt_id_2 
_pdbx_validate_close_contact.dist 
1 1 O A HOH 451 ? ? O A HOH 469 ? ? 2.08 
2 1 O A HOH 409 ? ? O A HOH 477 ? ? 2.09 
# 
loop_
_pdbx_struct_special_symmetry.id 
_pdbx_struct_special_symmetry.PDB_model_num 
_pdbx_struct_special_symmetry.auth_asym_id 
_pdbx_struct_special_symmetry.auth_comp_id 
_pdbx_struct_special_symmetry.auth_seq_id 
_pdbx_struct_special_symmetry.PDB_ins_code 
_pdbx_struct_special_symmetry.label_asym_id 
_pdbx_struct_special_symmetry.label_comp_id 
_pdbx_struct_special_symmetry.label_seq_id 
1 1 A HOH 463 ? D HOH . 
2 1 A HOH 485 ? D HOH . 
# 
loop_
_pdbx_unobs_or_zero_occ_residues.id 
_pdbx_unobs_or_zero_occ_residues.PDB_model_num 
_pdbx_unobs_or_zero_occ_residues.polymer_flag 
_pdbx_unobs_or_zero_occ_residues.occupancy_flag 
_pdbx_unobs_or_zero_occ_residues.auth_asym_id 
_pdbx_unobs_or_zero_occ_residues.auth_comp_id 
_pdbx_unobs_or_zero_occ_residues.auth_seq_id 
_pdbx_unobs_or_zero_occ_residues.PDB_ins_code 
_pdbx_unobs_or_zero_occ_residues.label_asym_id 
_pdbx_unobs_or_zero_occ_residues.label_comp_id 
_pdbx_unobs_or_zero_occ_residues.label_seq_id 
1 1 Y 1 A HIS 161 ? A HIS 163 
2 1 Y 1 A HIS 162 ? A HIS 164 
3 1 Y 1 A HIS 163 ? A HIS 165 
4 1 Y 1 A HIS 164 ? A HIS 166 
5 1 Y 1 A HIS 165 ? A HIS 167 
6 1 Y 1 A HIS 166 ? A HIS 168 
# 
loop_
_chem_comp_atom.comp_id 
_chem_comp_atom.atom_id 
_chem_comp_atom.type_symbol 
_chem_comp_atom.pdbx_aromatic_flag 
_chem_comp_atom.pdbx_stereo_config 
_chem_comp_atom.pdbx_ordinal 
ALA N     N N N 1   
ALA CA    C N S 2   
ALA C     C N N 3   
ALA O     O N N 4   
ALA CB    C N N 5   
ALA OXT   O N N 6   
ALA H     H N N 7   
ALA H2    H N N 8   
ALA HA    H N N 9   
ALA HB1   H N N 10  
ALA HB2   H N N 11  
ALA HB3   H N N 12  
ALA HXT   H N N 13  
ARG N     N N N 14  
ARG CA    C N S 15  
ARG C     C N N 16  
ARG O     O N N 17  
ARG CB    C N N 18  
ARG CG    C N N 19  
ARG CD    C N N 20  
ARG NE    N N N 21  
ARG CZ    C N N 22  
ARG NH1   N N N 23  
ARG NH2   N N N 24  
ARG OXT   O N N 25  
ARG H     H N N 26  
ARG H2    H N N 27  
ARG HA    H N N 28  
ARG HB2   H N N 29  
ARG HB3   H N N 30  
ARG HG2   H N N 31  
ARG HG3   H N N 32  
ARG HD2   H N N 33  
ARG HD3   H N N 34  
ARG HE    H N N 35  
ARG HH11  H N N 36  
ARG HH12  H N N 37  
ARG HH21  H N N 38  
ARG HH22  H N N 39  
ARG HXT   H N N 40  
ASN N     N N N 41  
ASN CA    C N S 42  
ASN C     C N N 43  
ASN O     O N N 44  
ASN CB    C N N 45  
ASN CG    C N N 46  
ASN OD1   O N N 47  
ASN ND2   N N N 48  
ASN OXT   O N N 49  
ASN H     H N N 50  
ASN H2    H N N 51  
ASN HA    H N N 52  
ASN HB2   H N N 53  
ASN HB3   H N N 54  
ASN HD21  H N N 55  
ASN HD22  H N N 56  
ASN HXT   H N N 57  
ASP N     N N N 58  
ASP CA    C N S 59  
ASP C     C N N 60  
ASP O     O N N 61  
ASP CB    C N N 62  
ASP CG    C N N 63  
ASP OD1   O N N 64  
ASP OD2   O N N 65  
ASP OXT   O N N 66  
ASP H     H N N 67  
ASP H2    H N N 68  
ASP HA    H N N 69  
ASP HB2   H N N 70  
ASP HB3   H N N 71  
ASP HD2   H N N 72  
ASP HXT   H N N 73  
CYS N     N N N 74  
CYS CA    C N R 75  
CYS C     C N N 76  
CYS O     O N N 77  
CYS CB    C N N 78  
CYS SG    S N N 79  
CYS OXT   O N N 80  
CYS H     H N N 81  
CYS H2    H N N 82  
CYS HA    H N N 83  
CYS HB2   H N N 84  
CYS HB3   H N N 85  
CYS HG    H N N 86  
CYS HXT   H N N 87  
EDO C1    C N N 88  
EDO O1    O N N 89  
EDO C2    C N N 90  
EDO O2    O N N 91  
EDO H11   H N N 92  
EDO H12   H N N 93  
EDO HO1   H N N 94  
EDO H21   H N N 95  
EDO H22   H N N 96  
EDO HO2   H N N 97  
GLN N     N N N 98  
GLN CA    C N S 99  
GLN C     C N N 100 
GLN O     O N N 101 
GLN CB    C N N 102 
GLN CG    C N N 103 
GLN CD    C N N 104 
GLN OE1   O N N 105 
GLN NE2   N N N 106 
GLN OXT   O N N 107 
GLN H     H N N 108 
GLN H2    H N N 109 
GLN HA    H N N 110 
GLN HB2   H N N 111 
GLN HB3   H N N 112 
GLN HG2   H N N 113 
GLN HG3   H N N 114 
GLN HE21  H N N 115 
GLN HE22  H N N 116 
GLN HXT   H N N 117 
GLU N     N N N 118 
GLU CA    C N S 119 
GLU C     C N N 120 
GLU O     O N N 121 
GLU CB    C N N 122 
GLU CG    C N N 123 
GLU CD    C N N 124 
GLU OE1   O N N 125 
GLU OE2   O N N 126 
GLU OXT   O N N 127 
GLU H     H N N 128 
GLU H2    H N N 129 
GLU HA    H N N 130 
GLU HB2   H N N 131 
GLU HB3   H N N 132 
GLU HG2   H N N 133 
GLU HG3   H N N 134 
GLU HE2   H N N 135 
GLU HXT   H N N 136 
GLY N     N N N 137 
GLY CA    C N N 138 
GLY C     C N N 139 
GLY O     O N N 140 
GLY OXT   O N N 141 
GLY H     H N N 142 
GLY H2    H N N 143 
GLY HA2   H N N 144 
GLY HA3   H N N 145 
GLY HXT   H N N 146 
HIS N     N N N 147 
HIS CA    C N S 148 
HIS C     C N N 149 
HIS O     O N N 150 
HIS CB    C N N 151 
HIS CG    C Y N 152 
HIS ND1   N Y N 153 
HIS CD2   C Y N 154 
HIS CE1   C Y N 155 
HIS NE2   N Y N 156 
HIS OXT   O N N 157 
HIS H     H N N 158 
HIS H2    H N N 159 
HIS HA    H N N 160 
HIS HB2   H N N 161 
HIS HB3   H N N 162 
HIS HD1   H N N 163 
HIS HD2   H N N 164 
HIS HE1   H N N 165 
HIS HE2   H N N 166 
HIS HXT   H N N 167 
HOH O     O N N 168 
HOH H1    H N N 169 
HOH H2    H N N 170 
ILE N     N N N 171 
ILE CA    C N S 172 
ILE C     C N N 173 
ILE O     O N N 174 
ILE CB    C N S 175 
ILE CG1   C N N 176 
ILE CG2   C N N 177 
ILE CD1   C N N 178 
ILE OXT   O N N 179 
ILE H     H N N 180 
ILE H2    H N N 181 
ILE HA    H N N 182 
ILE HB    H N N 183 
ILE HG12  H N N 184 
ILE HG13  H N N 185 
ILE HG21  H N N 186 
ILE HG22  H N N 187 
ILE HG23  H N N 188 
ILE HD11  H N N 189 
ILE HD12  H N N 190 
ILE HD13  H N N 191 
ILE HXT   H N N 192 
JNT "O5'" O N N 193 
JNT "C5'" C N N 194 
JNT "C4'" C N R 195 
JNT "O4'" O N N 196 
JNT "C3'" C N S 197 
JNT "O3'" O N N 198 
JNT "C2'" C N R 199 
JNT "O2'" O N N 200 
JNT "C1'" C N R 201 
JNT N9    N Y N 202 
JNT C8    C Y N 203 
JNT N7    N Y N 204 
JNT C5    C Y N 205 
JNT C4    C Y N 206 
JNT N3    N Y N 207 
JNT C2    C Y N 208 
JNT N1    N Y N 209 
JNT C6    C Y N 210 
JNT N6    N N N 211 
JNT O1C   O N N 212 
JNT C1A   C N N 213 
JNT C2A   C N S 214 
JNT O2C   O N N 215 
JNT C3A   C N S 216 
JNT O3C   O N N 217 
JNT C4A   C N R 218 
JNT O4C   O N N 219 
JNT C5A   C N N 220 
JNT O5A   O N N 221 
JNT PB    P N N 222 
JNT O2B   O N N 223 
JNT O1B   O N N 224 
JNT O3A   O N N 225 
JNT PA    P N N 226 
JNT O1A   O N N 227 
JNT O2A   O N N 228 
JNT H1    H N N 229 
JNT H2    H N N 230 
JNT H3    H N N 231 
JNT H4    H N N 232 
JNT H5    H N N 233 
JNT H6    H N N 234 
JNT H7    H N N 235 
JNT H8    H N N 236 
JNT H9    H N N 237 
JNT H10   H N N 238 
JNT H11   H N N 239 
JNT H12   H N N 240 
JNT H13   H N N 241 
JNT H14   H N N 242 
JNT H15   H N N 243 
JNT H16   H N N 244 
JNT H17   H N N 245 
JNT H18   H N N 246 
JNT H19   H N N 247 
JNT H20   H N N 248 
JNT H21   H N N 249 
JNT H22   H N N 250 
JNT H23   H N N 251 
JNT H24   H N N 252 
JNT H25   H N N 253 
LEU N     N N N 254 
LEU CA    C N S 255 
LEU C     C N N 256 
LEU O     O N N 257 
LEU CB    C N N 258 
LEU CG    C N N 259 
LEU CD1   C N N 260 
LEU CD2   C N N 261 
LEU OXT   O N N 262 
LEU H     H N N 263 
LEU H2    H N N 264 
LEU HA    H N N 265 
LEU HB2   H N N 266 
LEU HB3   H N N 267 
LEU HG    H N N 268 
LEU HD11  H N N 269 
LEU HD12  H N N 270 
LEU HD13  H N N 271 
LEU HD21  H N N 272 
LEU HD22  H N N 273 
LEU HD23  H N N 274 
LEU HXT   H N N 275 
LYS N     N N N 276 
LYS CA    C N S 277 
LYS C     C N N 278 
LYS O     O N N 279 
LYS CB    C N N 280 
LYS CG    C N N 281 
LYS CD    C N N 282 
LYS CE    C N N 283 
LYS NZ    N N N 284 
LYS OXT   O N N 285 
LYS H     H N N 286 
LYS H2    H N N 287 
LYS HA    H N N 288 
LYS HB2   H N N 289 
LYS HB3   H N N 290 
LYS HG2   H N N 291 
LYS HG3   H N N 292 
LYS HD2   H N N 293 
LYS HD3   H N N 294 
LYS HE2   H N N 295 
LYS HE3   H N N 296 
LYS HZ1   H N N 297 
LYS HZ2   H N N 298 
LYS HZ3   H N N 299 
LYS HXT   H N N 300 
MET N     N N N 301 
MET CA    C N S 302 
MET C     C N N 303 
MET O     O N N 304 
MET CB    C N N 305 
MET CG    C N N 306 
MET SD    S N N 307 
MET CE    C N N 308 
MET OXT   O N N 309 
MET H     H N N 310 
MET H2    H N N 311 
MET HA    H N N 312 
MET HB2   H N N 313 
MET HB3   H N N 314 
MET HG2   H N N 315 
MET HG3   H N N 316 
MET HE1   H N N 317 
MET HE2   H N N 318 
MET HE3   H N N 319 
MET HXT   H N N 320 
PHE N     N N N 321 
PHE CA    C N S 322 
PHE C     C N N 323 
PHE O     O N N 324 
PHE CB    C N N 325 
PHE CG    C Y N 326 
PHE CD1   C Y N 327 
PHE CD2   C Y N 328 
PHE CE1   C Y N 329 
PHE CE2   C Y N 330 
PHE CZ    C Y N 331 
PHE OXT   O N N 332 
PHE H     H N N 333 
PHE H2    H N N 334 
PHE HA    H N N 335 
PHE HB2   H N N 336 
PHE HB3   H N N 337 
PHE HD1   H N N 338 
PHE HD2   H N N 339 
PHE HE1   H N N 340 
PHE HE2   H N N 341 
PHE HZ    H N N 342 
PHE HXT   H N N 343 
PRO N     N N N 344 
PRO CA    C N S 345 
PRO C     C N N 346 
PRO O     O N N 347 
PRO CB    C N N 348 
PRO CG    C N N 349 
PRO CD    C N N 350 
PRO OXT   O N N 351 
PRO H     H N N 352 
PRO HA    H N N 353 
PRO HB2   H N N 354 
PRO HB3   H N N 355 
PRO HG2   H N N 356 
PRO HG3   H N N 357 
PRO HD2   H N N 358 
PRO HD3   H N N 359 
PRO HXT   H N N 360 
SER N     N N N 361 
SER CA    C N S 362 
SER C     C N N 363 
SER O     O N N 364 
SER CB    C N N 365 
SER OG    O N N 366 
SER OXT   O N N 367 
SER H     H N N 368 
SER H2    H N N 369 
SER HA    H N N 370 
SER HB2   H N N 371 
SER HB3   H N N 372 
SER HG    H N N 373 
SER HXT   H N N 374 
THR N     N N N 375 
THR CA    C N S 376 
THR C     C N N 377 
THR O     O N N 378 
THR CB    C N R 379 
THR OG1   O N N 380 
THR CG2   C N N 381 
THR OXT   O N N 382 
THR H     H N N 383 
THR H2    H N N 384 
THR HA    H N N 385 
THR HB    H N N 386 
THR HG1   H N N 387 
THR HG21  H N N 388 
THR HG22  H N N 389 
THR HG23  H N N 390 
THR HXT   H N N 391 
TRP N     N N N 392 
TRP CA    C N S 393 
TRP C     C N N 394 
TRP O     O N N 395 
TRP CB    C N N 396 
TRP CG    C Y N 397 
TRP CD1   C Y N 398 
TRP CD2   C Y N 399 
TRP NE1   N Y N 400 
TRP CE2   C Y N 401 
TRP CE3   C Y N 402 
TRP CZ2   C Y N 403 
TRP CZ3   C Y N 404 
TRP CH2   C Y N 405 
TRP OXT   O N N 406 
TRP H     H N N 407 
TRP H2    H N N 408 
TRP HA    H N N 409 
TRP HB2   H N N 410 
TRP HB3   H N N 411 
TRP HD1   H N N 412 
TRP HE1   H N N 413 
TRP HE3   H N N 414 
TRP HZ2   H N N 415 
TRP HZ3   H N N 416 
TRP HH2   H N N 417 
TRP HXT   H N N 418 
TYR N     N N N 419 
TYR CA    C N S 420 
TYR C     C N N 421 
TYR O     O N N 422 
TYR CB    C N N 423 
TYR CG    C Y N 424 
TYR CD1   C Y N 425 
TYR CD2   C Y N 426 
TYR CE1   C Y N 427 
TYR CE2   C Y N 428 
TYR CZ    C Y N 429 
TYR OH    O N N 430 
TYR OXT   O N N 431 
TYR H     H N N 432 
TYR H2    H N N 433 
TYR HA    H N N 434 
TYR HB2   H N N 435 
TYR HB3   H N N 436 
TYR HD1   H N N 437 
TYR HD2   H N N 438 
TYR HE1   H N N 439 
TYR HE2   H N N 440 
TYR HH    H N N 441 
TYR HXT   H N N 442 
VAL N     N N N 443 
VAL CA    C N S 444 
VAL C     C N N 445 
VAL O     O N N 446 
VAL CB    C N N 447 
VAL CG1   C N N 448 
VAL CG2   C N N 449 
VAL OXT   O N N 450 
VAL H     H N N 451 
VAL H2    H N N 452 
VAL HA    H N N 453 
VAL HB    H N N 454 
VAL HG11  H N N 455 
VAL HG12  H N N 456 
VAL HG13  H N N 457 
VAL HG21  H N N 458 
VAL HG22  H N N 459 
VAL HG23  H N N 460 
VAL HXT   H N N 461 
# 
loop_
_chem_comp_bond.comp_id 
_chem_comp_bond.atom_id_1 
_chem_comp_bond.atom_id_2 
_chem_comp_bond.value_order 
_chem_comp_bond.pdbx_aromatic_flag 
_chem_comp_bond.pdbx_stereo_config 
_chem_comp_bond.pdbx_ordinal 
ALA N     CA    sing N N 1   
ALA N     H     sing N N 2   
ALA N     H2    sing N N 3   
ALA CA    C     sing N N 4   
ALA CA    CB    sing N N 5   
ALA CA    HA    sing N N 6   
ALA C     O     doub N N 7   
ALA C     OXT   sing N N 8   
ALA CB    HB1   sing N N 9   
ALA CB    HB2   sing N N 10  
ALA CB    HB3   sing N N 11  
ALA OXT   HXT   sing N N 12  
ARG N     CA    sing N N 13  
ARG N     H     sing N N 14  
ARG N     H2    sing N N 15  
ARG CA    C     sing N N 16  
ARG CA    CB    sing N N 17  
ARG CA    HA    sing N N 18  
ARG C     O     doub N N 19  
ARG C     OXT   sing N N 20  
ARG CB    CG    sing N N 21  
ARG CB    HB2   sing N N 22  
ARG CB    HB3   sing N N 23  
ARG CG    CD    sing N N 24  
ARG CG    HG2   sing N N 25  
ARG CG    HG3   sing N N 26  
ARG CD    NE    sing N N 27  
ARG CD    HD2   sing N N 28  
ARG CD    HD3   sing N N 29  
ARG NE    CZ    sing N N 30  
ARG NE    HE    sing N N 31  
ARG CZ    NH1   sing N N 32  
ARG CZ    NH2   doub N N 33  
ARG NH1   HH11  sing N N 34  
ARG NH1   HH12  sing N N 35  
ARG NH2   HH21  sing N N 36  
ARG NH2   HH22  sing N N 37  
ARG OXT   HXT   sing N N 38  
ASN N     CA    sing N N 39  
ASN N     H     sing N N 40  
ASN N     H2    sing N N 41  
ASN CA    C     sing N N 42  
ASN CA    CB    sing N N 43  
ASN CA    HA    sing N N 44  
ASN C     O     doub N N 45  
ASN C     OXT   sing N N 46  
ASN CB    CG    sing N N 47  
ASN CB    HB2   sing N N 48  
ASN CB    HB3   sing N N 49  
ASN CG    OD1   doub N N 50  
ASN CG    ND2   sing N N 51  
ASN ND2   HD21  sing N N 52  
ASN ND2   HD22  sing N N 53  
ASN OXT   HXT   sing N N 54  
ASP N     CA    sing N N 55  
ASP N     H     sing N N 56  
ASP N     H2    sing N N 57  
ASP CA    C     sing N N 58  
ASP CA    CB    sing N N 59  
ASP CA    HA    sing N N 60  
ASP C     O     doub N N 61  
ASP C     OXT   sing N N 62  
ASP CB    CG    sing N N 63  
ASP CB    HB2   sing N N 64  
ASP CB    HB3   sing N N 65  
ASP CG    OD1   doub N N 66  
ASP CG    OD2   sing N N 67  
ASP OD2   HD2   sing N N 68  
ASP OXT   HXT   sing N N 69  
CYS N     CA    sing N N 70  
CYS N     H     sing N N 71  
CYS N     H2    sing N N 72  
CYS CA    C     sing N N 73  
CYS CA    CB    sing N N 74  
CYS CA    HA    sing N N 75  
CYS C     O     doub N N 76  
CYS C     OXT   sing N N 77  
CYS CB    SG    sing N N 78  
CYS CB    HB2   sing N N 79  
CYS CB    HB3   sing N N 80  
CYS SG    HG    sing N N 81  
CYS OXT   HXT   sing N N 82  
EDO C1    O1    sing N N 83  
EDO C1    C2    sing N N 84  
EDO C1    H11   sing N N 85  
EDO C1    H12   sing N N 86  
EDO O1    HO1   sing N N 87  
EDO C2    O2    sing N N 88  
EDO C2    H21   sing N N 89  
EDO C2    H22   sing N N 90  
EDO O2    HO2   sing N N 91  
GLN N     CA    sing N N 92  
GLN N     H     sing N N 93  
GLN N     H2    sing N N 94  
GLN CA    C     sing N N 95  
GLN CA    CB    sing N N 96  
GLN CA    HA    sing N N 97  
GLN C     O     doub N N 98  
GLN C     OXT   sing N N 99  
GLN CB    CG    sing N N 100 
GLN CB    HB2   sing N N 101 
GLN CB    HB3   sing N N 102 
GLN CG    CD    sing N N 103 
GLN CG    HG2   sing N N 104 
GLN CG    HG3   sing N N 105 
GLN CD    OE1   doub N N 106 
GLN CD    NE2   sing N N 107 
GLN NE2   HE21  sing N N 108 
GLN NE2   HE22  sing N N 109 
GLN OXT   HXT   sing N N 110 
GLU N     CA    sing N N 111 
GLU N     H     sing N N 112 
GLU N     H2    sing N N 113 
GLU CA    C     sing N N 114 
GLU CA    CB    sing N N 115 
GLU CA    HA    sing N N 116 
GLU C     O     doub N N 117 
GLU C     OXT   sing N N 118 
GLU CB    CG    sing N N 119 
GLU CB    HB2   sing N N 120 
GLU CB    HB3   sing N N 121 
GLU CG    CD    sing N N 122 
GLU CG    HG2   sing N N 123 
GLU CG    HG3   sing N N 124 
GLU CD    OE1   doub N N 125 
GLU CD    OE2   sing N N 126 
GLU OE2   HE2   sing N N 127 
GLU OXT   HXT   sing N N 128 
GLY N     CA    sing N N 129 
GLY N     H     sing N N 130 
GLY N     H2    sing N N 131 
GLY CA    C     sing N N 132 
GLY CA    HA2   sing N N 133 
GLY CA    HA3   sing N N 134 
GLY C     O     doub N N 135 
GLY C     OXT   sing N N 136 
GLY OXT   HXT   sing N N 137 
HIS N     CA    sing N N 138 
HIS N     H     sing N N 139 
HIS N     H2    sing N N 140 
HIS CA    C     sing N N 141 
HIS CA    CB    sing N N 142 
HIS CA    HA    sing N N 143 
HIS C     O     doub N N 144 
HIS C     OXT   sing N N 145 
HIS CB    CG    sing N N 146 
HIS CB    HB2   sing N N 147 
HIS CB    HB3   sing N N 148 
HIS CG    ND1   sing Y N 149 
HIS CG    CD2   doub Y N 150 
HIS ND1   CE1   doub Y N 151 
HIS ND1   HD1   sing N N 152 
HIS CD2   NE2   sing Y N 153 
HIS CD2   HD2   sing N N 154 
HIS CE1   NE2   sing Y N 155 
HIS CE1   HE1   sing N N 156 
HIS NE2   HE2   sing N N 157 
HIS OXT   HXT   sing N N 158 
HOH O     H1    sing N N 159 
HOH O     H2    sing N N 160 
ILE N     CA    sing N N 161 
ILE N     H     sing N N 162 
ILE N     H2    sing N N 163 
ILE CA    C     sing N N 164 
ILE CA    CB    sing N N 165 
ILE CA    HA    sing N N 166 
ILE C     O     doub N N 167 
ILE C     OXT   sing N N 168 
ILE CB    CG1   sing N N 169 
ILE CB    CG2   sing N N 170 
ILE CB    HB    sing N N 171 
ILE CG1   CD1   sing N N 172 
ILE CG1   HG12  sing N N 173 
ILE CG1   HG13  sing N N 174 
ILE CG2   HG21  sing N N 175 
ILE CG2   HG22  sing N N 176 
ILE CG2   HG23  sing N N 177 
ILE CD1   HD11  sing N N 178 
ILE CD1   HD12  sing N N 179 
ILE CD1   HD13  sing N N 180 
ILE OXT   HXT   sing N N 181 
JNT N1    C2    doub Y N 182 
JNT N1    C6    sing Y N 183 
JNT N6    C6    sing N N 184 
JNT C2    N3    sing Y N 185 
JNT C6    C5    doub Y N 186 
JNT N3    C4    doub Y N 187 
JNT C5    C4    sing Y N 188 
JNT C5    N7    sing Y N 189 
JNT C4    N9    sing Y N 190 
JNT N7    C8    doub Y N 191 
JNT "O2'" "C2'" sing N N 192 
JNT N9    C8    sing Y N 193 
JNT N9    "C1'" sing N N 194 
JNT "C1'" "C2'" sing N N 195 
JNT "C1'" "O4'" sing N N 196 
JNT "C2'" "C3'" sing N N 197 
JNT "O4'" "C4'" sing N N 198 
JNT "C3'" "O3'" sing N N 199 
JNT "C3'" "C4'" sing N N 200 
JNT "C4'" "C5'" sing N N 201 
JNT "O5'" "C5'" sing N N 202 
JNT "O5'" PA    sing N N 203 
JNT O1A   PA    doub N N 204 
JNT O2A   PA    sing N N 205 
JNT PA    O3A   sing N N 206 
JNT O2C   C2A   sing N N 207 
JNT O3A   PB    sing N N 208 
JNT O4C   C4A   sing N N 209 
JNT C2A   C1A   sing N N 210 
JNT C2A   C3A   sing N N 211 
JNT C1A   O1C   sing N N 212 
JNT O1B   PB    doub N N 213 
JNT PB    O5A   sing N N 214 
JNT PB    O2B   sing N N 215 
JNT C4A   C3A   sing N N 216 
JNT C4A   C5A   sing N N 217 
JNT O5A   C5A   sing N N 218 
JNT "C5'" H1    sing N N 219 
JNT "C5'" H2    sing N N 220 
JNT "C4'" H3    sing N N 221 
JNT "C3'" H4    sing N N 222 
JNT "O3'" H5    sing N N 223 
JNT "C2'" H6    sing N N 224 
JNT "O2'" H7    sing N N 225 
JNT "C1'" H8    sing N N 226 
JNT C8    H9    sing N N 227 
JNT C2    H10   sing N N 228 
JNT N6    H11   sing N N 229 
JNT N6    H12   sing N N 230 
JNT O1C   H13   sing N N 231 
JNT C1A   H14   sing N N 232 
JNT C1A   H15   sing N N 233 
JNT C2A   H16   sing N N 234 
JNT O2C   H17   sing N N 235 
JNT C3A   H18   sing N N 236 
JNT O3C   H19   sing N N 237 
JNT C4A   H20   sing N N 238 
JNT O4C   H21   sing N N 239 
JNT C5A   H22   sing N N 240 
JNT C5A   H23   sing N N 241 
JNT O2B   H24   sing N N 242 
JNT O2A   H25   sing N N 243 
JNT C3A   O3C   sing N N 244 
LEU N     CA    sing N N 245 
LEU N     H     sing N N 246 
LEU N     H2    sing N N 247 
LEU CA    C     sing N N 248 
LEU CA    CB    sing N N 249 
LEU CA    HA    sing N N 250 
LEU C     O     doub N N 251 
LEU C     OXT   sing N N 252 
LEU CB    CG    sing N N 253 
LEU CB    HB2   sing N N 254 
LEU CB    HB3   sing N N 255 
LEU CG    CD1   sing N N 256 
LEU CG    CD2   sing N N 257 
LEU CG    HG    sing N N 258 
LEU CD1   HD11  sing N N 259 
LEU CD1   HD12  sing N N 260 
LEU CD1   HD13  sing N N 261 
LEU CD2   HD21  sing N N 262 
LEU CD2   HD22  sing N N 263 
LEU CD2   HD23  sing N N 264 
LEU OXT   HXT   sing N N 265 
LYS N     CA    sing N N 266 
LYS N     H     sing N N 267 
LYS N     H2    sing N N 268 
LYS CA    C     sing N N 269 
LYS CA    CB    sing N N 270 
LYS CA    HA    sing N N 271 
LYS C     O     doub N N 272 
LYS C     OXT   sing N N 273 
LYS CB    CG    sing N N 274 
LYS CB    HB2   sing N N 275 
LYS CB    HB3   sing N N 276 
LYS CG    CD    sing N N 277 
LYS CG    HG2   sing N N 278 
LYS CG    HG3   sing N N 279 
LYS CD    CE    sing N N 280 
LYS CD    HD2   sing N N 281 
LYS CD    HD3   sing N N 282 
LYS CE    NZ    sing N N 283 
LYS CE    HE2   sing N N 284 
LYS CE    HE3   sing N N 285 
LYS NZ    HZ1   sing N N 286 
LYS NZ    HZ2   sing N N 287 
LYS NZ    HZ3   sing N N 288 
LYS OXT   HXT   sing N N 289 
MET N     CA    sing N N 290 
MET N     H     sing N N 291 
MET N     H2    sing N N 292 
MET CA    C     sing N N 293 
MET CA    CB    sing N N 294 
MET CA    HA    sing N N 295 
MET C     O     doub N N 296 
MET C     OXT   sing N N 297 
MET CB    CG    sing N N 298 
MET CB    HB2   sing N N 299 
MET CB    HB3   sing N N 300 
MET CG    SD    sing N N 301 
MET CG    HG2   sing N N 302 
MET CG    HG3   sing N N 303 
MET SD    CE    sing N N 304 
MET CE    HE1   sing N N 305 
MET CE    HE2   sing N N 306 
MET CE    HE3   sing N N 307 
MET OXT   HXT   sing N N 308 
PHE N     CA    sing N N 309 
PHE N     H     sing N N 310 
PHE N     H2    sing N N 311 
PHE CA    C     sing N N 312 
PHE CA    CB    sing N N 313 
PHE CA    HA    sing N N 314 
PHE C     O     doub N N 315 
PHE C     OXT   sing N N 316 
PHE CB    CG    sing N N 317 
PHE CB    HB2   sing N N 318 
PHE CB    HB3   sing N N 319 
PHE CG    CD1   doub Y N 320 
PHE CG    CD2   sing Y N 321 
PHE CD1   CE1   sing Y N 322 
PHE CD1   HD1   sing N N 323 
PHE CD2   CE2   doub Y N 324 
PHE CD2   HD2   sing N N 325 
PHE CE1   CZ    doub Y N 326 
PHE CE1   HE1   sing N N 327 
PHE CE2   CZ    sing Y N 328 
PHE CE2   HE2   sing N N 329 
PHE CZ    HZ    sing N N 330 
PHE OXT   HXT   sing N N 331 
PRO N     CA    sing N N 332 
PRO N     CD    sing N N 333 
PRO N     H     sing N N 334 
PRO CA    C     sing N N 335 
PRO CA    CB    sing N N 336 
PRO CA    HA    sing N N 337 
PRO C     O     doub N N 338 
PRO C     OXT   sing N N 339 
PRO CB    CG    sing N N 340 
PRO CB    HB2   sing N N 341 
PRO CB    HB3   sing N N 342 
PRO CG    CD    sing N N 343 
PRO CG    HG2   sing N N 344 
PRO CG    HG3   sing N N 345 
PRO CD    HD2   sing N N 346 
PRO CD    HD3   sing N N 347 
PRO OXT   HXT   sing N N 348 
SER N     CA    sing N N 349 
SER N     H     sing N N 350 
SER N     H2    sing N N 351 
SER CA    C     sing N N 352 
SER CA    CB    sing N N 353 
SER CA    HA    sing N N 354 
SER C     O     doub N N 355 
SER C     OXT   sing N N 356 
SER CB    OG    sing N N 357 
SER CB    HB2   sing N N 358 
SER CB    HB3   sing N N 359 
SER OG    HG    sing N N 360 
SER OXT   HXT   sing N N 361 
THR N     CA    sing N N 362 
THR N     H     sing N N 363 
THR N     H2    sing N N 364 
THR CA    C     sing N N 365 
THR CA    CB    sing N N 366 
THR CA    HA    sing N N 367 
THR C     O     doub N N 368 
THR C     OXT   sing N N 369 
THR CB    OG1   sing N N 370 
THR CB    CG2   sing N N 371 
THR CB    HB    sing N N 372 
THR OG1   HG1   sing N N 373 
THR CG2   HG21  sing N N 374 
THR CG2   HG22  sing N N 375 
THR CG2   HG23  sing N N 376 
THR OXT   HXT   sing N N 377 
TRP N     CA    sing N N 378 
TRP N     H     sing N N 379 
TRP N     H2    sing N N 380 
TRP CA    C     sing N N 381 
TRP CA    CB    sing N N 382 
TRP CA    HA    sing N N 383 
TRP C     O     doub N N 384 
TRP C     OXT   sing N N 385 
TRP CB    CG    sing N N 386 
TRP CB    HB2   sing N N 387 
TRP CB    HB3   sing N N 388 
TRP CG    CD1   doub Y N 389 
TRP CG    CD2   sing Y N 390 
TRP CD1   NE1   sing Y N 391 
TRP CD1   HD1   sing N N 392 
TRP CD2   CE2   doub Y N 393 
TRP CD2   CE3   sing Y N 394 
TRP NE1   CE2   sing Y N 395 
TRP NE1   HE1   sing N N 396 
TRP CE2   CZ2   sing Y N 397 
TRP CE3   CZ3   doub Y N 398 
TRP CE3   HE3   sing N N 399 
TRP CZ2   CH2   doub Y N 400 
TRP CZ2   HZ2   sing N N 401 
TRP CZ3   CH2   sing Y N 402 
TRP CZ3   HZ3   sing N N 403 
TRP CH2   HH2   sing N N 404 
TRP OXT   HXT   sing N N 405 
TYR N     CA    sing N N 406 
TYR N     H     sing N N 407 
TYR N     H2    sing N N 408 
TYR CA    C     sing N N 409 
TYR CA    CB    sing N N 410 
TYR CA    HA    sing N N 411 
TYR C     O     doub N N 412 
TYR C     OXT   sing N N 413 
TYR CB    CG    sing N N 414 
TYR CB    HB2   sing N N 415 
TYR CB    HB3   sing N N 416 
TYR CG    CD1   doub Y N 417 
TYR CG    CD2   sing Y N 418 
TYR CD1   CE1   sing Y N 419 
TYR CD1   HD1   sing N N 420 
TYR CD2   CE2   doub Y N 421 
TYR CD2   HD2   sing N N 422 
TYR CE1   CZ    doub Y N 423 
TYR CE1   HE1   sing N N 424 
TYR CE2   CZ    sing Y N 425 
TYR CE2   HE2   sing N N 426 
TYR CZ    OH    sing N N 427 
TYR OH    HH    sing N N 428 
TYR OXT   HXT   sing N N 429 
VAL N     CA    sing N N 430 
VAL N     H     sing N N 431 
VAL N     H2    sing N N 432 
VAL CA    C     sing N N 433 
VAL CA    CB    sing N N 434 
VAL CA    HA    sing N N 435 
VAL C     O     doub N N 436 
VAL C     OXT   sing N N 437 
VAL CB    CG1   sing N N 438 
VAL CB    CG2   sing N N 439 
VAL CB    HB    sing N N 440 
VAL CG1   HG11  sing N N 441 
VAL CG1   HG12  sing N N 442 
VAL CG1   HG13  sing N N 443 
VAL CG2   HG21  sing N N 444 
VAL CG2   HG22  sing N N 445 
VAL CG2   HG23  sing N N 446 
VAL OXT   HXT   sing N N 447 
# 
_pdbx_initial_refinement_model.id               1 
_pdbx_initial_refinement_model.entity_id_list   ? 
_pdbx_initial_refinement_model.type             'experimental model' 
_pdbx_initial_refinement_model.source_name      PDB 
_pdbx_initial_refinement_model.accession_code   6QZU 
_pdbx_initial_refinement_model.details          ? 
# 
_atom_sites.entry_id                    6R0R 
_atom_sites.fract_transf_matrix[1][1]   0.00943414 
_atom_sites.fract_transf_matrix[1][2]   0.01280206 
_atom_sites.fract_transf_matrix[1][3]   0.00258508 
_atom_sites.fract_transf_matrix[2][1]   -0.01729661 
_atom_sites.fract_transf_matrix[2][2]   0.01202358 
_atom_sites.fract_transf_matrix[2][3]   0.00357904 
_atom_sites.fract_transf_matrix[3][1]   0.00373564 
_atom_sites.fract_transf_matrix[3][2]   -0.00053943 
_atom_sites.fract_transf_matrix[3][3]   0.01986562 
_atom_sites.fract_transf_vector[1]      0.279207 
_atom_sites.fract_transf_vector[2]      0.006953 
_atom_sites.fract_transf_vector[3]      0.282428 
# 
loop_
_atom_type.symbol 
C 
N 
O 
P 
S 
# 
loop_
_atom_site.group_PDB 
_atom_site.id 
_atom_site.type_symbol 
_atom_site.label_atom_id 
_atom_site.label_alt_id 
_atom_site.label_comp_id 
_atom_site.label_asym_id 
_atom_site.label_entity_id 
_atom_site.label_seq_id 
_atom_site.pdbx_PDB_ins_code 
_atom_site.Cartn_x 
_atom_site.Cartn_y 
_atom_site.Cartn_z 
_atom_site.occupancy 
_atom_site.B_iso_or_equiv 
_atom_site.pdbx_formal_charge 
_atom_site.auth_seq_id 
_atom_site.auth_comp_id 
_atom_site.auth_asym_id 
_atom_site.auth_atom_id 
_atom_site.pdbx_PDB_model_num 
ATOM   1    N N     . MET A 1 1   ? 25.322  -0.116  -2.098  1.00 31.70  ? -1  MET A N     1 
ATOM   2    C CA    . MET A 1 1   ? 23.918  -0.426  -1.636  1.00 37.69  ? -1  MET A CA    1 
ATOM   3    C C     . MET A 1 1   ? 22.920  0.259   -2.580  1.00 32.08  ? -1  MET A C     1 
ATOM   4    O O     . MET A 1 1   ? 23.127  1.401   -2.953  1.00 27.35  ? -1  MET A O     1 
ATOM   5    C CB    . MET A 1 1   ? 23.681  0.058   -0.202  1.00 43.17  ? -1  MET A CB    1 
ATOM   6    C CG    . MET A 1 1   ? 22.286  -0.249  0.336   1.00 46.66  ? -1  MET A CG    1 
ATOM   7    S SD    . MET A 1 1   ? 22.117  0.218   2.081   1.00 98.08  ? -1  MET A SD    1 
ATOM   8    C CE    . MET A 1 1   ? 20.366  -0.059  2.351   1.00 68.66  ? -1  MET A CE    1 
ATOM   9    N N     . LYS A 1 2   ? 21.862  -0.433  -2.976  1.00 24.87  ? 0   LYS A N     1 
ATOM   10   C CA    . LYS A 1 2   ? 20.864  0.096   -3.922  1.00 27.60  ? 0   LYS A CA    1 
ATOM   11   C C     . LYS A 1 2   ? 19.966  1.137   -3.224  1.00 27.79  ? 0   LYS A C     1 
ATOM   12   O O     . LYS A 1 2   ? 19.569  0.892   -2.076  1.00 25.80  ? 0   LYS A O     1 
ATOM   13   C CB    . LYS A 1 2   ? 20.098  -1.126  -4.429  1.00 43.82  ? 0   LYS A CB    1 
ATOM   14   C CG    . LYS A 1 2   ? 18.979  -0.799  -5.381  1.00 27.55  ? 0   LYS A CG    1 
ATOM   15   C CD    . LYS A 1 2   ? 18.294  -1.987  -5.965  1.00 27.32  ? 0   LYS A CD    1 
ATOM   16   C CE    . LYS A 1 2   ? 17.166  -1.515  -6.854  1.00 33.05  ? 0   LYS A CE    1 
ATOM   17   N NZ    . LYS A 1 2   ? 16.182  -0.696  -6.094  1.00 27.12  ? 0   LYS A NZ    1 
ATOM   18   N N     . ALA A 1 3   ? 19.632  2.252   -3.888  1.00 23.89  ? 1   ALA A N     1 
ATOM   19   C CA    . ALA A 1 3   ? 18.625  3.239   -3.436  1.00 24.55  ? 1   ALA A CA    1 
ATOM   20   C C     . ALA A 1 3   ? 17.252  2.698   -3.822  1.00 20.66  ? 1   ALA A C     1 
ATOM   21   O O     . ALA A 1 3   ? 17.136  1.991   -4.819  1.00 23.48  ? 1   ALA A O     1 
ATOM   22   C CB    . ALA A 1 3   ? 18.836  4.600   -4.070  1.00 28.58  ? 1   ALA A CB    1 
ATOM   23   N N     . PRO A 1 4   ? 16.175  2.974   -3.059  1.00 18.70  ? 2   PRO A N     1 
ATOM   24   C CA    . PRO A 1 4   ? 14.845  2.618   -3.538  1.00 21.15  ? 2   PRO A CA    1 
ATOM   25   C C     . PRO A 1 4   ? 14.500  3.498   -4.745  1.00 22.35  ? 2   PRO A C     1 
ATOM   26   O O     . PRO A 1 4   ? 15.063  4.591   -4.896  1.00 24.47  ? 2   PRO A O     1 
ATOM   27   C CB    . PRO A 1 4   ? 13.951  2.894   -2.320  1.00 17.61  ? 2   PRO A CB    1 
ATOM   28   C CG    . PRO A 1 4   ? 14.646  4.031   -1.635  1.00 20.89  ? 2   PRO A CG    1 
ATOM   29   C CD    . PRO A 1 4   ? 16.124  3.714   -1.791  1.00 20.69  ? 2   PRO A CD    1 
ATOM   30   N N     . SER A 1 5   ? 13.582  3.008   -5.572  1.00 20.12  ? 3   SER A N     1 
ATOM   31   C CA    . SER A 1 5   ? 13.091  3.698   -6.790  1.00 21.49  ? 3   SER A CA    1 
ATOM   32   C C     . SER A 1 5   ? 11.569  3.722   -6.725  1.00 26.38  ? 3   SER A C     1 
ATOM   33   O O     . SER A 1 5   ? 11.006  2.846   -6.061  1.00 21.15  ? 3   SER A O     1 
ATOM   34   C CB    . SER A 1 5   ? 13.576  3.041   -8.034  1.00 23.00  ? 3   SER A CB    1 
ATOM   35   O OG    . SER A 1 5   ? 12.818  1.881   -8.337  1.00 26.27  ? 3   SER A OG    1 
ATOM   36   N N     . TYR A 1 6   ? 10.958  4.704   -7.376  1.00 19.20  ? 4   TYR A N     1 
ATOM   37   C CA    . TYR A 1 6   ? 9.495   4.920   -7.359  1.00 20.65  ? 4   TYR A CA    1 
ATOM   38   C C     . TYR A 1 6   ? 9.024   5.154   -8.787  1.00 23.70  ? 4   TYR A C     1 
ATOM   39   O O     . TYR A 1 6   ? 9.589   6.006   -9.487  1.00 23.39  ? 4   TYR A O     1 
ATOM   40   C CB    . TYR A 1 6   ? 9.134   6.082   -6.447  1.00 18.49  ? 4   TYR A CB    1 
ATOM   41   C CG    . TYR A 1 6   ? 9.526   5.888   -5.006  1.00 22.48  ? 4   TYR A CG    1 
ATOM   42   C CD1   . TYR A 1 6   ? 8.690   5.231   -4.122  1.00 19.73  ? 4   TYR A CD1   1 
ATOM   43   C CD2   . TYR A 1 6   ? 10.710  6.404   -4.506  1.00 19.83  ? 4   TYR A CD2   1 
ATOM   44   C CE1   . TYR A 1 6   ? 9.035   5.058   -2.797  1.00 17.39  ? 4   TYR A CE1   1 
ATOM   45   C CE2   . TYR A 1 6   ? 11.071  6.242   -3.179  1.00 18.95  ? 4   TYR A CE2   1 
ATOM   46   C CZ    . TYR A 1 6   ? 10.232  5.545   -2.323  1.00 15.80  ? 4   TYR A CZ    1 
ATOM   47   O OH    . TYR A 1 6   ? 10.570  5.360   -1.021  1.00 17.53  ? 4   TYR A OH    1 
ATOM   48   N N     . ARG A 1 7   ? 8.011   4.397   -9.188  1.00 19.52  ? 5   ARG A N     1 
ATOM   49   C CA    . ARG A 1 7   ? 7.251   4.605   -10.441 1.00 19.69  ? 5   ARG A CA    1 
ATOM   50   C C     . ARG A 1 7   ? 5.763   4.596   -10.112 1.00 21.43  ? 5   ARG A C     1 
ATOM   51   O O     . ARG A 1 7   ? 5.381   4.081   -9.039  1.00 18.16  ? 5   ARG A O     1 
ATOM   52   C CB    . ARG A 1 7   ? 7.565   3.508   -11.452 1.00 21.06  ? 5   ARG A CB    1 
ATOM   53   C CG    . ARG A 1 7   ? 9.058   3.316   -11.665 1.00 35.65  ? 5   ARG A CG    1 
ATOM   54   C CD    . ARG A 1 7   ? 9.447   2.715   -12.990 1.00 43.82  ? 5   ARG A CD    1 
ATOM   55   N NE    . ARG A 1 7   ? 8.768   1.465   -13.296 1.00 48.66  ? 5   ARG A NE    1 
ATOM   56   C CZ    . ARG A 1 7   ? 8.982   0.292   -12.701 1.00 66.23  ? 5   ARG A CZ    1 
ATOM   57   N NH1   . ARG A 1 7   ? 9.847   0.169   -11.703 1.00 52.16  ? 5   ARG A NH1   1 
ATOM   58   N NH2   . ARG A 1 7   ? 8.297   -0.764  -13.103 1.00 49.22  ? 5   ARG A NH2   1 
ATOM   59   N N     . VAL A 1 8   ? 4.956   5.150   -11.012 1.00 20.84  ? 6   VAL A N     1 
ATOM   60   C CA    . VAL A 1 8   ? 3.484   5.084   -10.871 1.00 15.97  ? 6   VAL A CA    1 
ATOM   61   C C     . VAL A 1 8   ? 2.894   4.457   -12.141 1.00 19.91  ? 6   VAL A C     1 
ATOM   62   O O     . VAL A 1 8   ? 3.414   4.707   -13.257 1.00 22.22  ? 6   VAL A O     1 
ATOM   63   C CB    . VAL A 1 8   ? 2.854   6.434   -10.512 1.00 16.93  ? 6   VAL A CB    1 
ATOM   64   C CG1   . VAL A 1 8   ? 3.158   7.516   -11.542 1.00 20.15  ? 6   VAL A CG1   1 
ATOM   65   C CG2   . VAL A 1 8   ? 1.356   6.276   -10.287 1.00 19.21  ? 6   VAL A CG2   1 
ATOM   66   N N     . ARG A 1 9   ? 1.893   3.601   -11.948 1.00 18.97  ? 7   ARG A N     1 
ATOM   67   C CA    . ARG A 1 9   ? 1.144   2.939   -13.043 1.00 15.60  ? 7   ARG A CA    1 
ATOM   68   C C     . ARG A 1 9   ? -0.338  3.211   -12.821 1.00 20.84  ? 7   ARG A C     1 
ATOM   69   O O     . ARG A 1 9   ? -0.828  3.079   -11.682 1.00 19.77  ? 7   ARG A O     1 
ATOM   70   C CB    . ARG A 1 9   ? 1.418   1.438   -13.082 1.00 20.74  ? 7   ARG A CB    1 
ATOM   71   C CG    . ARG A 1 9   ? 2.837   1.107   -13.515 1.00 25.10  ? 7   ARG A CG    1 
ATOM   72   C CD    . ARG A 1 9   ? 2.986   -0.355  -13.880 1.00 50.82  ? 7   ARG A CD    1 
ATOM   73   N NE    . ARG A 1 9   ? 4.374   -0.783  -14.038 1.00 70.47  ? 7   ARG A NE    1 
ATOM   74   C CZ    . ARG A 1 9   ? 4.875   -1.414  -15.101 1.00 57.41  ? 7   ARG A CZ    1 
ATOM   75   N NH1   . ARG A 1 9   ? 4.115   -1.711  -16.141 1.00 75.76  ? 7   ARG A NH1   1 
ATOM   76   N NH2   . ARG A 1 9   ? 6.150   -1.752  -15.124 1.00 60.04  ? 7   ARG A NH2   1 
ATOM   77   N N     . ARG A 1 10  ? -1.039  3.620   -13.874 1.00 16.50  ? 8   ARG A N     1 
ATOM   78   C CA    . ARG A 1 10  ? -2.514  3.688   -13.820 1.00 19.26  ? 8   ARG A CA    1 
ATOM   79   C C     . ARG A 1 10  ? -3.022  2.395   -14.439 1.00 18.69  ? 8   ARG A C     1 
ATOM   80   O O     . ARG A 1 10  ? -3.144  2.303   -15.674 1.00 22.17  ? 8   ARG A O     1 
ATOM   81   C CB    . ARG A 1 10  ? -3.038  4.950   -14.498 1.00 19.54  ? 8   ARG A CB    1 
ATOM   82   C CG    . ARG A 1 10  ? -4.524  5.144   -14.276 1.00 18.80  ? 8   ARG A CG    1 
ATOM   83   C CD    . ARG A 1 10  ? -5.022  6.511   -14.702 1.00 24.40  ? 8   ARG A CD    1 
ATOM   84   N NE    . ARG A 1 10  ? -4.733  6.725   -16.104 1.00 34.68  ? 8   ARG A NE    1 
ATOM   85   C CZ    . ARG A 1 10  ? -5.482  6.299   -17.116 1.00 49.26  ? 8   ARG A CZ    1 
ATOM   86   N NH1   . ARG A 1 10  ? -6.596  5.618   -16.900 1.00 68.53  ? 8   ARG A NH1   1 
ATOM   87   N NH2   . ARG A 1 10  ? -5.097  6.549   -18.353 1.00 54.82  ? 8   ARG A NH2   1 
ATOM   88   N N     . ALA A 1 11  ? -3.239  1.394   -13.604 1.00 18.43  ? 9   ALA A N     1 
ATOM   89   C CA    . ALA A 1 11  ? -3.558  0.019   -14.020 1.00 21.69  ? 9   ALA A CA    1 
ATOM   90   C C     . ALA A 1 11  ? -4.072  -0.754  -12.811 1.00 22.43  ? 9   ALA A C     1 
ATOM   91   O O     . ALA A 1 11  ? -3.837  -0.323  -11.656 1.00 17.10  ? 9   ALA A O     1 
ATOM   92   C CB    . ALA A 1 11  ? -2.332  -0.634  -14.609 1.00 25.49  ? 9   ALA A CB    1 
ATOM   93   N N     . ASP A 1 12  ? -4.749  -1.858  -13.080 1.00 19.74  ? 10  ASP A N     1 
ATOM   94   C CA    . ASP A 1 12  ? -5.225  -2.790  -12.037 1.00 19.94  ? 10  ASP A CA    1 
ATOM   95   C C     . ASP A 1 12  ? -3.998  -3.402  -11.374 1.00 16.07  ? 10  ASP A C     1 
ATOM   96   O O     . ASP A 1 12  ? -3.208  -4.076  -12.068 1.00 18.81  ? 10  ASP A O     1 
ATOM   97   C CB    . ASP A 1 12  ? -6.115  -3.879  -12.635 1.00 21.28  ? 10  ASP A CB    1 
ATOM   98   C CG    . ASP A 1 12  ? -6.849  -4.723  -11.604 1.00 28.43  ? 10  ASP A CG    1 
ATOM   99   O OD1   . ASP A 1 12  ? -6.414  -4.760  -10.434 1.00 21.43  ? 10  ASP A OD1   1 
ATOM   100  O OD2   . ASP A 1 12  ? -7.855  -5.335  -11.982 1.00 30.23  ? 10  ASP A OD2   1 
ATOM   101  N N     . ILE A 1 13  ? -3.870  -3.189  -10.064 1.00 16.23  ? 11  ILE A N     1 
ATOM   102  C CA    . ILE A 1 13  ? -2.722  -3.697  -9.275  1.00 16.44  ? 11  ILE A CA    1 
ATOM   103  C C     . ILE A 1 13  ? -2.618  -5.225  -9.380  1.00 14.92  ? 11  ILE A C     1 
ATOM   104  O O     . ILE A 1 13  ? -1.522  -5.751  -9.183  1.00 15.07  ? 11  ILE A O     1 
ATOM   105  C CB    . ILE A 1 13  ? -2.815  -3.187  -7.829  1.00 17.29  ? 11  ILE A CB    1 
ATOM   106  C CG1   . ILE A 1 13  ? -1.440  -3.300  -7.174  1.00 14.14  ? 11  ILE A CG1   1 
ATOM   107  C CG2   . ILE A 1 13  ? -3.913  -3.887  -7.037  1.00 19.30  ? 11  ILE A CG2   1 
ATOM   108  C CD1   . ILE A 1 13  ? -1.357  -2.691  -5.814  1.00 16.36  ? 11  ILE A CD1   1 
ATOM   109  N N     . SER A 1 14  ? -3.701  -5.945  -9.657  1.00 17.09  ? 12  SER A N     1 
ATOM   110  C CA    . SER A 1 14  ? -3.620  -7.427  -9.751  1.00 19.39  ? 12  SER A CA    1 
ATOM   111  C C     . SER A 1 14  ? -2.744  -7.875  -10.935 1.00 16.89  ? 12  SER A C     1 
ATOM   112  O O     . SER A 1 14  ? -2.293  -9.007  -10.891 1.00 19.17  ? 12  SER A O     1 
ATOM   113  C CB    . SER A 1 14  ? -4.969  -8.084  -9.771  1.00 22.37  ? 12  SER A CB    1 
ATOM   114  O OG    . SER A 1 14  ? -5.677  -7.739  -10.934 1.00 24.49  ? 12  SER A OG    1 
ATOM   115  N N     . GLY A 1 15  ? -2.482  -7.019  -11.926 1.00 15.66  ? 13  GLY A N     1 
ATOM   116  C CA    . GLY A 1 15  ? -1.633  -7.357  -13.090 1.00 17.28  ? 13  GLY A CA    1 
ATOM   117  C C     . GLY A 1 15  ? -0.176  -6.952  -12.900 1.00 19.69  ? 13  GLY A C     1 
ATOM   118  O O     . GLY A 1 15  ? 0.615   -7.031  -13.876 1.00 20.76  ? 13  GLY A O     1 
ATOM   119  N N     . HIS A 1 16  ? 0.215   -6.567  -11.681 1.00 16.11  ? 14  HIS A N     1 
ATOM   120  C CA    . HIS A 1 16  ? 1.584   -6.049  -11.413 1.00 16.29  ? 14  HIS A CA    1 
ATOM   121  C C     . HIS A 1 16  ? 2.659   -7.094  -11.748 1.00 13.77  ? 14  HIS A C     1 
ATOM   122  O O     . HIS A 1 16  ? 2.398   -8.327  -11.691 1.00 16.32  ? 14  HIS A O     1 
ATOM   123  C CB    . HIS A 1 16  ? 1.727   -5.584  -9.953  1.00 14.79  ? 14  HIS A CB    1 
ATOM   124  C CG    . HIS A 1 16  ? 1.865   -6.723  -9.002  1.00 13.71  ? 14  HIS A CG    1 
ATOM   125  N ND1   . HIS A 1 16  ? 3.081   -7.283  -8.688  1.00 15.20  ? 14  HIS A ND1   1 
ATOM   126  C CD2   . HIS A 1 16  ? 0.943   -7.441  -8.330  1.00 13.42  ? 14  HIS A CD2   1 
ATOM   127  C CE1   . HIS A 1 16  ? 2.915   -8.287  -7.869  1.00 13.38  ? 14  HIS A CE1   1 
ATOM   128  N NE2   . HIS A 1 16  ? 1.603   -8.398  -7.627  1.00 12.07  ? 14  HIS A NE2   1 
ATOM   129  N N     . GLY A 1 17  ? 3.871   -6.588  -12.032 1.00 16.05  ? 15  GLY A N     1 
ATOM   130  C CA    . GLY A 1 17  ? 5.052   -7.410  -12.341 1.00 17.35  ? 15  GLY A CA    1 
ATOM   131  C C     . GLY A 1 17  ? 6.101   -7.365  -11.248 1.00 19.81  ? 15  GLY A C     1 
ATOM   132  O O     . GLY A 1 17  ? 7.285   -7.617  -11.546 1.00 18.22  ? 15  GLY A O     1 
ATOM   133  N N     . GLU A 1 18  ? 5.709   -7.049  -10.013 1.00 16.68  ? 16  GLU A N     1 
ATOM   134  C CA    . GLU A 1 18  ? 6.669   -6.938  -8.880  1.00 16.98  ? 16  GLU A CA    1 
ATOM   135  C C     . GLU A 1 18  ? 6.700   -8.234  -8.065  1.00 13.75  ? 16  GLU A C     1 
ATOM   136  O O     . GLU A 1 18  ? 5.869   -9.130  -8.296  1.00 16.13  ? 16  GLU A O     1 
ATOM   137  C CB    . GLU A 1 18  ? 6.307   -5.742  -8.009  1.00 17.10  ? 16  GLU A CB    1 
ATOM   138  C CG    . GLU A 1 18  ? 6.628   -4.405  -8.638  1.00 20.32  ? 16  GLU A CG    1 
ATOM   139  C CD    . GLU A 1 18  ? 5.898   -4.052  -9.919  1.00 22.83  ? 16  GLU A CD    1 
ATOM   140  O OE1   . GLU A 1 18  ? 4.678   -3.797  -9.845  1.00 18.53  ? 16  GLU A OE1   1 
ATOM   141  O OE2   . GLU A 1 18  ? 6.559   -4.074  -11.008 1.00 21.00  ? 16  GLU A OE2   1 
ATOM   142  N N     . GLU A 1 19  ? 7.632   -8.333  -7.121  1.00 15.13  ? 17  GLU A N     1 
ATOM   143  C CA    . GLU A 1 19  ? 7.825   -9.554  -6.298  1.00 16.72  ? 17  GLU A CA    1 
ATOM   144  C C     . GLU A 1 19  ? 6.701   -9.686  -5.270  1.00 14.89  ? 17  GLU A C     1 
ATOM   145  O O     . GLU A 1 19  ? 6.357   -10.812 -4.893  1.00 17.37  ? 17  GLU A O     1 
ATOM   146  C CB    . GLU A 1 19  ? 9.165   -9.497  -5.577  1.00 15.94  ? 17  GLU A CB    1 
ATOM   147  C CG    . GLU A 1 19  ? 9.417   -10.714 -4.709  1.00 24.58  ? 17  GLU A CG    1 
ATOM   148  C CD    . GLU A 1 19  ? 10.731  -10.711 -3.956  1.00 26.02  ? 17  GLU A CD    1 
ATOM   149  O OE1   . GLU A 1 19  ? 11.681  -10.008 -4.432  1.00 21.86  ? 17  GLU A OE1   1 
ATOM   150  O OE2   . GLU A 1 19  ? 10.792  -11.407 -2.881  1.00 24.15  ? 17  GLU A OE2   1 
ATOM   151  N N     . ALA A 1 20  ? 6.181   -8.554  -4.789  1.00 12.90  ? 18  ALA A N     1 
ATOM   152  C CA    . ALA A 1 20  ? 5.140   -8.535  -3.753  1.00 11.81  ? 18  ALA A CA    1 
ATOM   153  C C     . ALA A 1 20  ? 4.107   -7.479  -4.102  1.00 12.86  ? 18  ALA A C     1 
ATOM   154  O O     . ALA A 1 20  ? 4.376   -6.574  -4.879  1.00 11.84  ? 18  ALA A O     1 
ATOM   155  C CB    . ALA A 1 20  ? 5.741   -8.261  -2.399  1.00 13.57  ? 18  ALA A CB    1 
ATOM   156  N N     . VAL A 1 21  ? 2.946   -7.577  -3.473  1.00 11.51  ? 19  VAL A N     1 
ATOM   157  C CA    . VAL A 1 21  ? 1.866   -6.585  -3.620  1.00 11.87  ? 19  VAL A CA    1 
ATOM   158  C C     . VAL A 1 21  ? 1.367   -6.249  -2.225  1.00 10.51  ? 19  VAL A C     1 
ATOM   159  O O     . VAL A 1 21  ? 1.164   -7.174  -1.415  1.00 11.92  ? 19  VAL A O     1 
ATOM   160  C CB    . VAL A 1 21  ? 0.712   -7.075  -4.520  1.00 12.90  ? 19  VAL A CB    1 
ATOM   161  C CG1   . VAL A 1 21  ? 0.134   -8.393  -4.052  1.00 12.56  ? 19  VAL A CG1   1 
ATOM   162  C CG2   . VAL A 1 21  ? -0.367  -6.005  -4.661  1.00 15.20  ? 19  VAL A CG2   1 
ATOM   163  N N     . VAL A 1 22  ? 1.115   -4.981  -2.022  1.00 11.42  ? 20  VAL A N     1 
ATOM   164  C CA    . VAL A 1 22  ? 0.414   -4.475  -0.814  1.00 10.55  ? 20  VAL A CA    1 
ATOM   165  C C     . VAL A 1 22  ? -1.085  -4.423  -1.085  1.00 10.48  ? 20  VAL A C     1 
ATOM   166  O O     . VAL A 1 22  ? -1.524  -3.808  -2.101  1.00 11.24  ? 20  VAL A O     1 
ATOM   167  C CB    . VAL A 1 22  ? 0.958   -3.111  -0.382  1.00 9.37   ? 20  VAL A CB    1 
ATOM   168  C CG1   . VAL A 1 22  ? 0.114   -2.532  0.731   1.00 9.29   ? 20  VAL A CG1   1 
ATOM   169  C CG2   . VAL A 1 22  ? 2.408   -3.212  0.043   1.00 11.04  ? 20  VAL A CG2   1 
ATOM   170  N N     . ASN A 1 23  ? -1.864  -5.062  -0.213  1.00 10.35  ? 21  ASN A N     1 
ATOM   171  C CA    . ASN A 1 23  ? -3.339  -4.936  -0.191  1.00 11.02  ? 21  ASN A CA    1 
ATOM   172  C C     . ASN A 1 23  ? -3.670  -3.803  0.771   1.00 11.40  ? 21  ASN A C     1 
ATOM   173  O O     . ASN A 1 23  ? -3.151  -3.841  1.888   1.00 12.88  ? 21  ASN A O     1 
ATOM   174  C CB    . ASN A 1 23  ? -3.980  -6.244  0.236   1.00 12.01  ? 21  ASN A CB    1 
ATOM   175  C CG    . ASN A 1 23  ? -5.479  -6.121  0.340   1.00 14.43  ? 21  ASN A CG    1 
ATOM   176  O OD1   . ASN A 1 23  ? -6.101  -5.441  -0.473  1.00 14.17  ? 21  ASN A OD1   1 
ATOM   177  N ND2   . ASN A 1 23  ? -6.031  -6.685  1.399   1.00 13.45  ? 21  ASN A ND2   1 
ATOM   178  N N     . ALA A 1 24  ? -4.477  -2.842  0.353   1.00 12.66  ? 22  ALA A N     1 
ATOM   179  C CA    . ALA A 1 24  ? -5.051  -1.828  1.247   1.00 11.45  ? 22  ALA A CA    1 
ATOM   180  C C     . ALA A 1 24  ? -6.162  -2.530  2.017   1.00 11.19  ? 22  ALA A C     1 
ATOM   181  O O     . ALA A 1 24  ? -7.289  -2.610  1.521   1.00 13.76  ? 22  ALA A O     1 
ATOM   182  C CB    . ALA A 1 24  ? -5.561  -0.629  0.487   1.00 13.52  ? 22  ALA A CB    1 
ATOM   183  N N     . ALA A 1 25  ? -5.843  -3.037  3.201   1.00 11.41  ? 23  ALA A N     1 
ATOM   184  C CA    . ALA A 1 25  ? -6.675  -4.025  3.900   1.00 11.12  ? 23  ALA A CA    1 
ATOM   185  C C     . ALA A 1 25  ? -7.555  -3.344  4.933   1.00 11.28  ? 23  ALA A C     1 
ATOM   186  O O     . ALA A 1 25  ? -7.327  -2.179  5.314   1.00 12.25  ? 23  ALA A O     1 
ATOM   187  C CB    . ALA A 1 25  ? -5.802  -5.063  4.546   1.00 10.20  ? 23  ALA A CB    1 
ATOM   188  N N     . ASN A 1 26  ? -8.557  -4.089  5.390   1.00 11.20  ? 24  ASN A N     1 
ATOM   189  C CA    . ASN A 1 26  ? -9.247  -3.771  6.660   1.00 12.86  ? 24  ASN A CA    1 
ATOM   190  C C     . ASN A 1 26  ? -8.744  -4.715  7.746   1.00 10.63  ? 24  ASN A C     1 
ATOM   191  O O     . ASN A 1 26  ? -8.203  -5.823  7.483   1.00 11.60  ? 24  ASN A O     1 
ATOM   192  C CB    . ASN A 1 26  ? -10.765 -3.779  6.500   1.00 11.98  ? 24  ASN A CB    1 
ATOM   193  C CG    . ASN A 1 26  ? -11.292 -5.116  6.060   1.00 13.46  ? 24  ASN A CG    1 
ATOM   194  O OD1   . ASN A 1 26  ? -11.223 -6.065  6.834   1.00 14.37  ? 24  ASN A OD1   1 
ATOM   195  N ND2   . ASN A 1 26  ? -11.834 -5.191  4.857   1.00 15.73  ? 24  ASN A ND2   1 
ATOM   196  N N     . ALA A 1 27  ? -9.018  -4.336  8.986   1.00 11.75  ? 25  ALA A N     1 
ATOM   197  C CA    . ALA A 1 27  ? -8.448  -5.030  10.154  1.00 9.58   ? 25  ALA A CA    1 
ATOM   198  C C     . ALA A 1 27  ? -9.039  -6.422  10.288  1.00 11.79  ? 25  ALA A C     1 
ATOM   199  O O     . ALA A 1 27  ? -8.386  -7.261  10.899  1.00 14.62  ? 25  ALA A O     1 
ATOM   200  C CB    . ALA A 1 27  ? -8.718  -4.236  11.416  1.00 13.37  ? 25  ALA A CB    1 
ATOM   201  N N     . LYS A 1 28  ? -10.250 -6.649  9.791   1.00 12.03  ? 26  LYS A N     1 
ATOM   202  C CA    . LYS A 1 28  ? -10.927 -7.958  9.965   1.00 15.89  ? 26  LYS A CA    1 
ATOM   203  C C     . LYS A 1 28  ? -10.434 -8.952  8.917   1.00 15.14  ? 26  LYS A C     1 
ATOM   204  O O     . LYS A 1 28  ? -10.725 -10.156 9.044   1.00 16.82  ? 26  LYS A O     1 
ATOM   205  C CB    . LYS A 1 28  ? -12.441 -7.789  9.852   1.00 18.10  ? 26  LYS A CB    1 
ATOM   206  C CG    . LYS A 1 28  ? -13.229 -9.031  10.272  1.00 37.23  ? 26  LYS A CG    1 
ATOM   207  C CD    . LYS A 1 28  ? -14.715 -8.997  9.975   1.00 80.90  ? 26  LYS A CD    1 
ATOM   208  C CE    . LYS A 1 28  ? -15.374 -7.678  10.313  1.00 49.10  ? 26  LYS A CE    1 
ATOM   209  N NZ    . LYS A 1 28  ? -16.775 -7.648  9.839   1.00 82.34  ? 26  LYS A NZ    1 
ATOM   210  N N     . GLY A 1 29  ? -9.692  -8.501  7.907   1.00 13.07  ? 27  GLY A N     1 
ATOM   211  C CA    . GLY A 1 29  ? -9.258  -9.385  6.818   1.00 11.70  ? 27  GLY A CA    1 
ATOM   212  C C     . GLY A 1 29  ? -10.383 -9.742  5.854   1.00 13.92  ? 27  GLY A C     1 
ATOM   213  O O     . GLY A 1 29  ? -10.300 -10.808 5.233   1.00 15.78  ? 27  GLY A O     1 
ATOM   214  N N     . THR A 1 30  ? -11.415 -8.905  5.727   1.00 15.10  ? 28  THR A N     1 
ATOM   215  C CA    . THR A 1 30  ? -12.567 -9.232  4.864   1.00 17.37  ? 28  THR A CA    1 
ATOM   216  C C     . THR A 1 30  ? -12.294 -8.772  3.427   1.00 17.97  ? 28  THR A C     1 
ATOM   217  O O     . THR A 1 30  ? -11.593 -7.747  3.185   1.00 16.58  ? 28  THR A O     1 
ATOM   218  C CB    . THR A 1 30  ? -13.888 -8.713  5.429   1.00 22.44  ? 28  THR A CB    1 
ATOM   219  O OG1   . THR A 1 30  ? -13.896 -7.297  5.481   1.00 28.78  ? 28  THR A OG1   1 
ATOM   220  C CG2   . THR A 1 30  ? -14.135 -9.194  6.836   1.00 29.04  ? 28  THR A CG2   1 
ATOM   221  N N     . VAL A 1 31  ? -12.870 -9.509  2.496   1.00 19.59  ? 29  VAL A N     1 
ATOM   222  C CA    . VAL A 1 31  ? -12.830 -9.144  1.060   1.00 17.31  ? 29  VAL A CA    1 
ATOM   223  C C     . VAL A 1 31  ? -14.090 -8.343  0.777   1.00 22.12  ? 29  VAL A C     1 
ATOM   224  O O     . VAL A 1 31  ? -15.194 -8.916  0.793   1.00 25.79  ? 29  VAL A O     1 
ATOM   225  C CB    . VAL A 1 31  ? -12.687 -10.384 0.176   1.00 16.14  ? 29  VAL A CB    1 
ATOM   226  C CG1   . VAL A 1 31  ? -12.608 -9.992  -1.284  1.00 20.94  ? 29  VAL A CG1   1 
ATOM   227  C CG2   . VAL A 1 31  ? -11.475 -11.208 0.548   1.00 17.82  ? 29  VAL A CG2   1 
ATOM   228  N N     . SER A 1 32  ? -13.930 -7.057  0.570   1.00 24.59  ? 30  SER A N     1 
ATOM   229  C CA    . SER A 1 32  ? -15.039 -6.088  0.445   1.00 22.75  ? 30  SER A CA    1 
ATOM   230  C C     . SER A 1 32  ? -14.704 -5.181  -0.732  1.00 31.64  ? 30  SER A C     1 
ATOM   231  O O     . SER A 1 32  ? -13.710 -5.475  -1.430  1.00 43.93  ? 30  SER A O     1 
ATOM   232  C CB    . SER A 1 32  ? -15.261 -5.329  1.735   1.00 31.87  ? 30  SER A CB    1 
ATOM   233  O OG    . SER A 1 32  ? -14.037 -4.853  2.282   1.00 30.67  ? 30  SER A OG    1 
ATOM   234  N N     . ASP A 1 33  ? -15.488 -4.128  -0.944  1.00 29.69  ? 31  ASP A N     1 
ATOM   235  C CA    . ASP A 1 33  ? -15.279 -3.189  -2.072  1.00 28.20  ? 31  ASP A CA    1 
ATOM   236  C C     . ASP A 1 33  ? -14.006 -2.397  -1.787  1.00 32.26  ? 31  ASP A C     1 
ATOM   237  O O     . ASP A 1 33  ? -13.946 -1.687  -0.773  1.00 32.75  ? 31  ASP A O     1 
ATOM   238  C CB    . ASP A 1 33  ? -16.475 -2.254  -2.265  1.00 47.97  ? 31  ASP A CB    1 
ATOM   239  C CG    . ASP A 1 33  ? -17.727 -2.949  -2.771  1.00 84.73  ? 31  ASP A CG    1 
ATOM   240  O OD1   . ASP A 1 33  ? -17.680 -4.180  -2.974  1.00 55.75  ? 31  ASP A OD1   1 
ATOM   241  O OD2   . ASP A 1 33  ? -18.742 -2.251  -2.955  1.00 88.10  ? 31  ASP A OD2   1 
ATOM   242  N N     . GLY A 1 34  ? -13.031 -2.525  -2.672  1.00 23.67  ? 32  GLY A N     1 
ATOM   243  C CA    . GLY A 1 34  ? -11.746 -1.828  -2.533  1.00 24.46  ? 32  GLY A CA    1 
ATOM   244  C C     . GLY A 1 34  ? -10.679 -2.582  -3.282  1.00 19.73  ? 32  GLY A C     1 
ATOM   245  O O     . GLY A 1 34  ? -11.005 -3.509  -4.029  1.00 19.72  ? 32  GLY A O     1 
ATOM   246  N N     . VAL A 1 35  ? -9.420  -2.201  -3.094  1.00 15.67  ? 33  VAL A N     1 
ATOM   247  C CA    A VAL A 1 35  ? -8.248  -2.905  -3.686  0.70 14.70  ? 33  VAL A CA    1 
ATOM   248  C CA    B VAL A 1 35  ? -8.281  -2.907  -3.739  0.30 14.38  ? 33  VAL A CA    1 
ATOM   249  C C     . VAL A 1 35  ? -8.366  -4.405  -3.402  1.00 13.70  ? 33  VAL A C     1 
ATOM   250  O O     . VAL A 1 35  ? -7.988  -5.220  -4.255  1.00 15.03  ? 33  VAL A O     1 
ATOM   251  C CB    A VAL A 1 35  ? -6.915  -2.347  -3.123  0.70 17.47  ? 33  VAL A CB    1 
ATOM   252  C CB    B VAL A 1 35  ? -6.941  -2.283  -3.306  0.30 17.39  ? 33  VAL A CB    1 
ATOM   253  C CG1   A VAL A 1 35  ? -5.737  -3.306  -3.302  0.70 17.78  ? 33  VAL A CG1   1 
ATOM   254  C CG1   B VAL A 1 35  ? -6.709  -2.455  -1.822  0.30 12.54  ? 33  VAL A CG1   1 
ATOM   255  C CG2   A VAL A 1 35  ? -6.579  -0.989  -3.716  0.70 17.15  ? 33  VAL A CG2   1 
ATOM   256  C CG2   B VAL A 1 35  ? -5.766  -2.826  -4.098  0.30 29.13  ? 33  VAL A CG2   1 
ATOM   257  N N     . CYS A 1 36  ? -8.858  -4.777  -2.220  1.00 13.45  ? 34  CYS A N     1 
ATOM   258  C CA    . CYS A 1 36  ? -8.833  -6.202  -1.809  1.00 14.69  ? 34  CYS A CA    1 
ATOM   259  C C     . CYS A 1 36  ? -9.705  -7.051  -2.738  1.00 14.24  ? 34  CYS A C     1 
ATOM   260  O O     . CYS A 1 36  ? -9.379  -8.228  -2.894  1.00 14.98  ? 34  CYS A O     1 
ATOM   261  C CB    . CYS A 1 36  ? -9.243  -6.388  -0.360  1.00 20.06  ? 34  CYS A CB    1 
ATOM   262  S SG    . CYS A 1 36  ? -10.903 -5.740  -0.050  1.00 17.44  ? 34  CYS A SG    1 
ATOM   263  N N     . ARG A 1 37  ? -10.715 -6.472  -3.383  1.00 16.56  ? 35  ARG A N     1 
ATOM   264  C CA    . ARG A 1 37  ? -11.546 -7.236  -4.369  1.00 18.22  ? 35  ARG A CA    1 
ATOM   265  C C     . ARG A 1 37  ? -10.620 -7.807  -5.461  1.00 15.84  ? 35  ARG A C     1 
ATOM   266  O O     . ARG A 1 37  ? -10.688 -9.009  -5.763  1.00 17.59  ? 35  ARG A O     1 
ATOM   267  C CB    . ARG A 1 37  ? -12.642 -6.325  -4.928  1.00 18.83  ? 35  ARG A CB    1 
ATOM   268  C CG    . ARG A 1 37  ? -13.554 -6.960  -5.973  1.00 34.85  ? 35  ARG A CG    1 
ATOM   269  C CD    . ARG A 1 37  ? -14.661 -7.772  -5.327  1.00 64.69  ? 35  ARG A CD    1 
ATOM   270  N NE    . ARG A 1 37  ? -15.476 -6.989  -4.403  1.00 47.54  ? 35  ARG A NE    1 
ATOM   271  C CZ    . ARG A 1 37  ? -16.126 -7.484  -3.345  1.00 53.10  ? 35  ARG A CZ    1 
ATOM   272  N NH1   . ARG A 1 37  ? -16.063 -8.773  -3.052  1.00 54.38  ? 35  ARG A NH1   1 
ATOM   273  N NH2   . ARG A 1 37  ? -16.842 -6.682  -2.577  1.00 62.08  ? 35  ARG A NH2   1 
ATOM   274  N N     . ALA A 1 38  ? -9.766  -6.984  -6.054  1.00 14.82  ? 36  ALA A N     1 
ATOM   275  C CA    . ALA A 1 38  ? -8.848  -7.423  -7.129  1.00 13.70  ? 36  ALA A CA    1 
ATOM   276  C C     . ALA A 1 38  ? -7.809  -8.403  -6.581  1.00 15.41  ? 36  ALA A C     1 
ATOM   277  O O     . ALA A 1 38  ? -7.449  -9.381  -7.258  1.00 15.97  ? 36  ALA A O     1 
ATOM   278  C CB    . ALA A 1 38  ? -8.201  -6.228  -7.758  1.00 16.55  ? 36  ALA A CB    1 
ATOM   279  N N     . VAL A 1 39  ? -7.271  -8.122  -5.401  1.00 12.53  ? 37  VAL A N     1 
ATOM   280  C CA    . VAL A 1 39  ? -6.206  -8.990  -4.837  1.00 14.86  ? 37  VAL A CA    1 
ATOM   281  C C     . VAL A 1 39  ? -6.813  -10.377 -4.582  1.00 15.75  ? 37  VAL A C     1 
ATOM   282  O O     . VAL A 1 39  ? -6.179  -11.369 -4.966  1.00 15.64  ? 37  VAL A O     1 
ATOM   283  C CB    . VAL A 1 39  ? -5.595  -8.388  -3.556  1.00 12.79  ? 37  VAL A CB    1 
ATOM   284  C CG1   . VAL A 1 39  ? -4.607  -9.343  -2.903  1.00 17.96  ? 37  VAL A CG1   1 
ATOM   285  C CG2   . VAL A 1 39  ? -4.915  -7.054  -3.843  1.00 16.82  ? 37  VAL A CG2   1 
ATOM   286  N N     . ALA A 1 40  ? -8.016  -10.439 -3.987  1.00 14.15  ? 38  ALA A N     1 
ATOM   287  C CA    . ALA A 1 40  ? -8.673  -11.729 -3.648  1.00 16.67  ? 38  ALA A CA    1 
ATOM   288  C C     . ALA A 1 40  ? -9.013  -12.513 -4.919  1.00 17.46  ? 38  ALA A C     1 
ATOM   289  O O     . ALA A 1 40  ? -8.923  -13.770 -4.929  1.00 17.76  ? 38  ALA A O     1 
ATOM   290  C CB    . ALA A 1 40  ? -9.910  -11.487 -2.833  1.00 15.34  ? 38  ALA A CB    1 
ATOM   291  N N     . LYS A 1 41  ? -9.430  -11.827 -5.959  1.00 16.69  ? 39  LYS A N     1 
ATOM   292  C CA    . LYS A 1 41  ? -9.796  -12.544 -7.196  1.00 19.74  ? 39  LYS A CA    1 
ATOM   293  C C     . LYS A 1 41  ? -8.544  -13.189 -7.801  1.00 19.58  ? 39  LYS A C     1 
ATOM   294  O O     . LYS A 1 41  ? -8.601  -14.348 -8.244  1.00 18.94  ? 39  LYS A O     1 
ATOM   295  C CB    . LYS A 1 41  ? -10.459 -11.592 -8.177  1.00 20.16  ? 39  LYS A CB    1 
ATOM   296  C CG    . LYS A 1 41  ? -10.884 -12.275 -9.463  1.00 30.28  ? 39  LYS A CG    1 
ATOM   297  C CD    . LYS A 1 41  ? -11.396 -11.284 -10.429 1.00 33.73  ? 39  LYS A CD    1 
ATOM   298  C CE    . LYS A 1 41  ? -11.951 -11.950 -11.666 1.00 39.78  ? 39  LYS A CE    1 
ATOM   299  N NZ    . LYS A 1 41  ? -13.148 -12.758 -11.358 1.00 33.83  ? 39  LYS A NZ    1 
ATOM   300  N N     . LYS A 1 42  ? -7.420  -12.481 -7.788  1.00 18.12  ? 40  LYS A N     1 
ATOM   301  C CA    . LYS A 1 42  ? -6.179  -12.953 -8.439  1.00 15.49  ? 40  LYS A CA    1 
ATOM   302  C C     . LYS A 1 42  ? -5.513  -14.050 -7.605  1.00 16.95  ? 40  LYS A C     1 
ATOM   303  O O     . LYS A 1 42  ? -5.004  -15.037 -8.165  1.00 20.56  ? 40  LYS A O     1 
ATOM   304  C CB    . LYS A 1 42  ? -5.275  -11.739 -8.661  1.00 18.18  ? 40  LYS A CB    1 
ATOM   305  C CG    . LYS A 1 42  ? -4.014  -11.989 -9.464  1.00 21.61  ? 40  LYS A CG    1 
ATOM   306  C CD    . LYS A 1 42  ? -4.253  -12.300 -10.910 1.00 27.50  ? 40  LYS A CD    1 
ATOM   307  C CE    . LYS A 1 42  ? -2.937  -12.438 -11.653 1.00 27.90  ? 40  LYS A CE    1 
ATOM   308  N NZ    . LYS A 1 42  ? -3.159  -12.964 -13.016 1.00 32.56  ? 40  LYS A NZ    1 
ATOM   309  N N     . TRP A 1 43  ? -5.496  -13.884 -6.290  1.00 16.44  ? 41  TRP A N     1 
ATOM   310  C CA    . TRP A 1 43  ? -4.803  -14.790 -5.335  1.00 16.39  ? 41  TRP A CA    1 
ATOM   311  C C     . TRP A 1 43  ? -5.801  -15.144 -4.238  1.00 20.02  ? 41  TRP A C     1 
ATOM   312  O O     . TRP A 1 43  ? -5.761  -14.630 -3.110  1.00 15.99  ? 41  TRP A O     1 
ATOM   313  C CB    . TRP A 1 43  ? -3.526  -14.142 -4.798  1.00 16.20  ? 41  TRP A CB    1 
ATOM   314  C CG    . TRP A 1 43  ? -2.603  -13.654 -5.873  1.00 17.14  ? 41  TRP A CG    1 
ATOM   315  C CD1   . TRP A 1 43  ? -1.845  -14.412 -6.717  1.00 18.27  ? 41  TRP A CD1   1 
ATOM   316  C CD2   . TRP A 1 43  ? -2.392  -12.283 -6.256  1.00 17.30  ? 41  TRP A CD2   1 
ATOM   317  N NE1   . TRP A 1 43  ? -1.152  -13.600 -7.576  1.00 19.07  ? 41  TRP A NE1   1 
ATOM   318  C CE2   . TRP A 1 43  ? -1.493  -12.301 -7.343  1.00 18.82  ? 41  TRP A CE2   1 
ATOM   319  C CE3   . TRP A 1 43  ? -2.916  -11.056 -5.847  1.00 15.55  ? 41  TRP A CE3   1 
ATOM   320  C CZ2   . TRP A 1 43  ? -1.060  -11.129 -7.961  1.00 18.79  ? 41  TRP A CZ2   1 
ATOM   321  C CZ3   . TRP A 1 43  ? -2.482  -9.895  -6.450  1.00 18.26  ? 41  TRP A CZ3   1 
ATOM   322  C CH2   . TRP A 1 43  ? -1.563  -9.942  -7.500  1.00 17.66  ? 41  TRP A CH2   1 
ATOM   323  N N     . PRO A 1 44  ? -6.746  -16.055 -4.565  1.00 19.59  ? 42  PRO A N     1 
ATOM   324  C CA    . PRO A 1 44  ? -7.910  -16.294 -3.713  1.00 18.82  ? 42  PRO A CA    1 
ATOM   325  C C     . PRO A 1 44  ? -7.641  -16.930 -2.340  1.00 19.41  ? 42  PRO A C     1 
ATOM   326  O O     . PRO A 1 44  ? -8.537  -16.891 -1.509  1.00 26.53  ? 42  PRO A O     1 
ATOM   327  C CB    . PRO A 1 44  ? -8.803  -17.219 -4.565  1.00 21.59  ? 42  PRO A CB    1 
ATOM   328  C CG    . PRO A 1 44  ? -7.893  -17.813 -5.605  1.00 19.57  ? 42  PRO A CG    1 
ATOM   329  C CD    . PRO A 1 44  ? -6.791  -16.798 -5.832  1.00 20.35  ? 42  PRO A CD    1 
ATOM   330  N N     . SER A 1 45  ? -6.441  -17.448 -2.105  1.00 17.53  ? 43  SER A N     1 
ATOM   331  C CA    . SER A 1 45  ? -6.064  -18.044 -0.796  1.00 23.33  ? 43  SER A CA    1 
ATOM   332  C C     . SER A 1 45  ? -5.253  -17.048 0.028   1.00 18.42  ? 43  SER A C     1 
ATOM   333  O O     . SER A 1 45  ? -4.879  -17.406 1.146   1.00 18.05  ? 43  SER A O     1 
ATOM   334  C CB    . SER A 1 45  ? -5.306  -19.312 -0.959  1.00 21.14  ? 43  SER A CB    1 
ATOM   335  O OG    . SER A 1 45  ? -3.998  -19.093 -1.445  1.00 28.83  ? 43  SER A OG    1 
ATOM   336  N N     . SER A 1 46  ? -5.030  -15.833 -0.482  1.00 17.65  ? 44  SER A N     1 
ATOM   337  C CA    . SER A 1 46  ? -4.114  -14.877 0.190   1.00 14.92  ? 44  SER A CA    1 
ATOM   338  C C     . SER A 1 46  ? -4.772  -14.193 1.393   1.00 15.63  ? 44  SER A C     1 
ATOM   339  O O     . SER A 1 46  ? -4.077  -13.425 2.046   1.00 13.81  ? 44  SER A O     1 
ATOM   340  C CB    . SER A 1 46  ? -3.573  -13.869 -0.800  1.00 14.99  ? 44  SER A CB    1 
ATOM   341  O OG    . SER A 1 46  ? -4.589  -12.998 -1.292  1.00 16.46  ? 44  SER A OG    1 
ATOM   342  N N     . PHE A 1 47  ? -6.051  -14.426 1.700   1.00 15.27  ? 45  PHE A N     1 
ATOM   343  C CA    . PHE A 1 47  ? -6.743  -13.730 2.808   1.00 13.31  ? 45  PHE A CA    1 
ATOM   344  C C     . PHE A 1 47  ? -6.835  -14.605 4.055   1.00 14.25  ? 45  PHE A C     1 
ATOM   345  O O     . PHE A 1 47  ? -7.230  -14.064 5.094   1.00 15.79  ? 45  PHE A O     1 
ATOM   346  C CB    . PHE A 1 47  ? -8.103  -13.205 2.343   1.00 15.12  ? 45  PHE A CB    1 
ATOM   347  C CG    . PHE A 1 47  ? -7.964  -11.937 1.544   1.00 13.34  ? 45  PHE A CG    1 
ATOM   348  C CD1   . PHE A 1 47  ? -7.481  -11.968 0.246   1.00 16.00  ? 45  PHE A CD1   1 
ATOM   349  C CD2   . PHE A 1 47  ? -8.178  -10.706 2.141   1.00 12.78  ? 45  PHE A CD2   1 
ATOM   350  C CE1   . PHE A 1 47  ? -7.293  -10.784 -0.457  1.00 16.69  ? 45  PHE A CE1   1 
ATOM   351  C CE2   . PHE A 1 47  ? -8.026  -9.529  1.424   1.00 15.26  ? 45  PHE A CE2   1 
ATOM   352  C CZ    . PHE A 1 47  ? -7.573  -9.573  0.124   1.00 15.06  ? 45  PHE A CZ    1 
ATOM   353  N N     . LYS A 1 48  ? -6.441  -15.870 3.994   1.00 15.02  ? 46  LYS A N     1 
ATOM   354  C CA    . LYS A 1 48  ? -6.518  -16.769 5.169   1.00 16.51  ? 46  LYS A CA    1 
ATOM   355  C C     . LYS A 1 48  ? -5.630  -16.212 6.289   1.00 14.77  ? 46  LYS A C     1 
ATOM   356  O O     . LYS A 1 48  ? -4.446  -15.995 6.070   1.00 13.64  ? 46  LYS A O     1 
ATOM   357  C CB    . LYS A 1 48  ? -6.131  -18.201 4.788   1.00 19.78  ? 46  LYS A CB    1 
ATOM   358  C CG    . LYS A 1 48  ? -6.227  -19.212 5.928   1.00 21.25  ? 46  LYS A CG    1 
ATOM   359  C CD    . LYS A 1 48  ? -7.578  -19.253 6.623   1.00 41.39  ? 46  LYS A CD    1 
ATOM   360  C CE    . LYS A 1 48  ? -7.761  -20.467 7.519   1.00 46.39  ? 46  LYS A CE    1 
ATOM   361  N NZ    . LYS A 1 48  ? -6.825  -20.466 8.673   1.00 51.71  ? 46  LYS A NZ    1 
ATOM   362  N N     . GLY A 1 49  ? -6.233  -15.895 7.441   1.00 13.85  ? 47  GLY A N     1 
ATOM   363  C CA    . GLY A 1 49  ? -5.532  -15.380 8.626   1.00 12.61  ? 47  GLY A CA    1 
ATOM   364  C C     . GLY A 1 49  ? -4.961  -13.990 8.448   1.00 13.26  ? 47  GLY A C     1 
ATOM   365  O O     . GLY A 1 49  ? -4.069  -13.619 9.215   1.00 13.86  ? 47  GLY A O     1 
ATOM   366  N N     . ALA A 1 50  ? -5.491  -13.235 7.495   1.00 13.43  ? 48  ALA A N     1 
ATOM   367  C CA    . ALA A 1 50  ? -4.971  -11.889 7.165   1.00 14.48  ? 48  ALA A CA    1 
ATOM   368  C C     . ALA A 1 50  ? -5.358  -10.833 8.199   1.00 12.91  ? 48  ALA A C     1 
ATOM   369  O O     . ALA A 1 50  ? -4.781  -9.722  8.142   1.00 12.45  ? 48  ALA A O     1 
ATOM   370  C CB    . ALA A 1 50  ? -5.420  -11.475 5.798   1.00 15.20  ? 48  ALA A CB    1 
ATOM   371  N N     . ALA A 1 51  ? -6.328  -11.057 9.082   1.00 13.81  ? 49  ALA A N     1 
ATOM   372  C CA    . ALA A 1 51  ? -6.742  -10.012 10.037  1.00 13.66  ? 49  ALA A CA    1 
ATOM   373  C C     . ALA A 1 51  ? -5.511  -9.485  10.794  1.00 10.53  ? 49  ALA A C     1 
ATOM   374  O O     . ALA A 1 51  ? -4.683  -10.249 11.262  1.00 12.09  ? 49  ALA A O     1 
ATOM   375  C CB    . ALA A 1 51  ? -7.790  -10.549 10.986  1.00 15.15  ? 49  ALA A CB    1 
ATOM   376  N N     . THR A 1 52  ? -5.457  -8.170  10.983  1.00 12.40  ? 50  THR A N     1 
ATOM   377  C CA    . THR A 1 52  ? -4.332  -7.493  11.653  1.00 11.86  ? 50  THR A CA    1 
ATOM   378  C C     . THR A 1 52  ? -4.815  -6.117  12.054  1.00 11.93  ? 50  THR A C     1 
ATOM   379  O O     . THR A 1 52  ? -5.677  -5.554  11.360  1.00 11.56  ? 50  THR A O     1 
ATOM   380  C CB    . THR A 1 52  ? -3.099  -7.461  10.731  1.00 13.50  ? 50  THR A CB    1 
ATOM   381  O OG1   . THR A 1 52  ? -1.938  -7.127  11.467  1.00 14.48  ? 50  THR A OG1   1 
ATOM   382  C CG2   . THR A 1 52  ? -3.189  -6.508  9.554   1.00 13.58  ? 50  THR A CG2   1 
ATOM   383  N N     . PRO A 1 53  ? -4.350  -5.553  13.187  1.00 12.18  ? 51  PRO A N     1 
ATOM   384  C CA    . PRO A 1 53  ? -4.891  -4.273  13.613  1.00 11.69  ? 51  PRO A CA    1 
ATOM   385  C C     . PRO A 1 53  ? -4.547  -3.097  12.708  1.00 11.93  ? 51  PRO A C     1 
ATOM   386  O O     . PRO A 1 53  ? -3.580  -3.107  11.961  1.00 12.30  ? 51  PRO A O     1 
ATOM   387  C CB    . PRO A 1 53  ? -4.262  -4.015  14.975  1.00 14.69  ? 51  PRO A CB    1 
ATOM   388  C CG    . PRO A 1 53  ? -3.836  -5.372  15.458  1.00 16.14  ? 51  PRO A CG    1 
ATOM   389  C CD    . PRO A 1 53  ? -3.460  -6.139  14.205  1.00 11.98  ? 51  PRO A CD    1 
ATOM   390  N N     . VAL A 1 54  ? -5.348  -2.038  12.822  1.00 10.76  ? 52  VAL A N     1 
ATOM   391  C CA    . VAL A 1 54  ? -5.041  -0.782  12.105  1.00 10.53  ? 52  VAL A CA    1 
ATOM   392  C C     . VAL A 1 54  ? -3.614  -0.352  12.420  1.00 11.03  ? 52  VAL A C     1 
ATOM   393  O O     . VAL A 1 54  ? -3.187  -0.412  13.602  1.00 12.05  ? 52  VAL A O     1 
ATOM   394  C CB    . VAL A 1 54  ? -6.035  0.322   12.470  1.00 11.65  ? 52  VAL A CB    1 
ATOM   395  C CG1   . VAL A 1 54  ? -5.689  1.601   11.734  1.00 13.61  ? 52  VAL A CG1   1 
ATOM   396  C CG2   . VAL A 1 54  ? -7.457  -0.086  12.165  1.00 13.31  ? 52  VAL A CG2   1 
ATOM   397  N N     . GLY A 1 55  ? -2.902  0.111   11.407  1.00 11.16  ? 53  GLY A N     1 
ATOM   398  C CA    . GLY A 1 55  ? -1.547  0.655   11.564  1.00 11.18  ? 53  GLY A CA    1 
ATOM   399  C C     . GLY A 1 55  ? -0.486  -0.423  11.559  1.00 12.63  ? 53  GLY A C     1 
ATOM   400  O O     . GLY A 1 55  ? 0.683   -0.108  11.869  1.00 13.28  ? 53  GLY A O     1 
ATOM   401  N N     . THR A 1 56  ? -0.880  -1.628  11.180  1.00 10.26  ? 54  THR A N     1 
ATOM   402  C CA    . THR A 1 56  ? 0.033   -2.784  11.084  1.00 9.92   ? 54  THR A CA    1 
ATOM   403  C C     . THR A 1 56  ? -0.076  -3.419  9.711   1.00 10.83  ? 54  THR A C     1 
ATOM   404  O O     . THR A 1 56  ? -0.999  -3.104  8.953   1.00 10.45  ? 54  THR A O     1 
ATOM   405  C CB    . THR A 1 56  ? -0.217  -3.822  12.175  1.00 11.70  ? 54  THR A CB    1 
ATOM   406  O OG1   . THR A 1 56  ? -1.401  -4.595  11.941  1.00 11.76  ? 54  THR A OG1   1 
ATOM   407  C CG2   . THR A 1 56  ? -0.213  -3.195  13.554  1.00 12.03  ? 54  THR A CG2   1 
ATOM   408  N N     . ALA A 1 57  ? 0.777   -4.402  9.434   1.00 10.86  ? 55  ALA A N     1 
ATOM   409  C CA    . ALA A 1 57  ? 0.734   -5.126  8.171   1.00 11.38  ? 55  ALA A CA    1 
ATOM   410  C C     . ALA A 1 57  ? 1.076   -6.583  8.449   1.00 10.84  ? 55  ALA A C     1 
ATOM   411  O O     . ALA A 1 57  ? 1.800   -6.878  9.403   1.00 9.85   ? 55  ALA A O     1 
ATOM   412  C CB    . ALA A 1 57  ? 1.703   -4.511  7.185   1.00 11.66  ? 55  ALA A CB    1 
ATOM   413  N N     . LYS A 1 58  ? 0.504   -7.456  7.642   1.00 12.19  ? 56  LYS A N     1 
ATOM   414  C CA    . LYS A 1 58  ? 0.716   -8.903  7.804   1.00 11.47  ? 56  LYS A CA    1 
ATOM   415  C C     . LYS A 1 58  ? 0.919   -9.529  6.435   1.00 10.00  ? 56  LYS A C     1 
ATOM   416  O O     . LYS A 1 58  ? 0.019   -9.384  5.598   1.00 11.89  ? 56  LYS A O     1 
ATOM   417  C CB    . LYS A 1 58  ? -0.521  -9.423  8.514   1.00 15.10  ? 56  LYS A CB    1 
ATOM   418  C CG    . LYS A 1 58  ? -0.374  -10.801 9.078   1.00 16.33  ? 56  LYS A CG    1 
ATOM   419  C CD    . LYS A 1 58  ? -1.479  -11.134 10.045  1.00 12.87  ? 56  LYS A CD    1 
ATOM   420  C CE    . LYS A 1 58  ? -1.176  -10.740 11.466  1.00 16.66  ? 56  LYS A CE    1 
ATOM   421  N NZ    . LYS A 1 58  ? -2.269  -11.119 12.383  1.00 17.65  ? 56  LYS A NZ    1 
ATOM   422  N N     . MET A 1 59  ? 1.991   -10.296 6.277   1.00 10.57  ? 57  MET A N     1 
ATOM   423  C CA    . MET A 1 59  ? 2.379   -10.892 4.985   1.00 10.89  ? 57  MET A CA    1 
ATOM   424  C C     . MET A 1 59  ? 2.037   -12.391 4.947   1.00 10.94  ? 57  MET A C     1 
ATOM   425  O O     . MET A 1 59  ? 2.066   -13.096 5.985   1.00 11.23  ? 57  MET A O     1 
ATOM   426  C CB    . MET A 1 59  ? 3.876   -10.695 4.787   1.00 12.16  ? 57  MET A CB    1 
ATOM   427  C CG    . MET A 1 59  ? 4.394   -11.204 3.490   1.00 11.89  ? 57  MET A CG    1 
ATOM   428  S SD    . MET A 1 59  ? 4.961   -12.902 3.583   1.00 14.16  ? 57  MET A SD    1 
ATOM   429  C CE    . MET A 1 59  ? 6.612   -12.626 4.228   1.00 15.03  ? 57  MET A CE    1 
ATOM   430  N N     . ILE A 1 60  ? 1.708   -12.819 3.739   1.00 11.86  ? 58  ILE A N     1 
ATOM   431  C CA    . ILE A 1 60  ? 1.466   -14.239 3.382   1.00 10.74  ? 58  ILE A CA    1 
ATOM   432  C C     . ILE A 1 60  ? 2.060   -14.509 2.002   1.00 12.03  ? 58  ILE A C     1 
ATOM   433  O O     . ILE A 1 60  ? 2.057   -13.608 1.159   1.00 13.74  ? 58  ILE A O     1 
ATOM   434  C CB    . ILE A 1 60  ? -0.040  -14.550 3.429   1.00 12.10  ? 58  ILE A CB    1 
ATOM   435  C CG1   . ILE A 1 60  ? -0.299  -16.055 3.358   1.00 13.11  ? 58  ILE A CG1   1 
ATOM   436  C CG2   . ILE A 1 60  ? -0.811  -13.784 2.353   1.00 14.22  ? 58  ILE A CG2   1 
ATOM   437  C CD1   . ILE A 1 60  ? -1.784  -16.414 3.450   1.00 15.24  ? 58  ILE A CD1   1 
ATOM   438  N N     . ARG A 1 61  ? 2.587   -15.725 1.788   1.00 11.27  ? 59  ARG A N     1 
ATOM   439  C CA    . ARG A 1 61  ? 2.861   -16.261 0.448   1.00 12.33  ? 59  ARG A CA    1 
ATOM   440  C C     . ARG A 1 61  ? 1.710   -17.191 0.105   1.00 14.55  ? 59  ARG A C     1 
ATOM   441  O O     . ARG A 1 61  ? 1.479   -18.167 0.858   1.00 15.37  ? 59  ARG A O     1 
ATOM   442  C CB    . ARG A 1 61  ? 4.228   -16.936 0.428   1.00 15.58  ? 59  ARG A CB    1 
ATOM   443  C CG    . ARG A 1 61  ? 5.351   -15.939 0.642   1.00 20.77  ? 59  ARG A CG    1 
ATOM   444  C CD    . ARG A 1 61  ? 6.715   -16.558 0.397   1.00 30.81  ? 59  ARG A CD    1 
ATOM   445  N NE    . ARG A 1 61  ? 7.702   -15.491 0.380   1.00 47.81  ? 59  ARG A NE    1 
ATOM   446  C CZ    . ARG A 1 61  ? 8.259   -14.963 1.463   1.00 29.95  ? 59  ARG A CZ    1 
ATOM   447  N NH1   . ARG A 1 61  ? 7.945   -15.417 2.665   1.00 27.58  ? 59  ARG A NH1   1 
ATOM   448  N NH2   . ARG A 1 61  ? 9.138   -13.980 1.338   1.00 32.20  ? 59  ARG A NH2   1 
ATOM   449  N N     . ALA A 1 62  ? 1.009   -16.887 -0.985  1.00 17.33  ? 60  ALA A N     1 
ATOM   450  C CA    . ALA A 1 62  ? -0.159  -17.676 -1.423  1.00 15.67  ? 60  ALA A CA    1 
ATOM   451  C C     . ALA A 1 62  ? -0.338  -17.529 -2.931  1.00 18.24  ? 60  ALA A C     1 
ATOM   452  O O     . ALA A 1 62  ? -0.137  -16.429 -3.447  1.00 19.34  ? 60  ALA A O     1 
ATOM   453  C CB    . ALA A 1 62  ? -1.380  -17.262 -0.656  1.00 18.60  ? 60  ALA A CB    1 
ATOM   454  N N     . ASP A 1 63  ? -0.670  -18.640 -3.607  1.00 19.98  ? 61  ASP A N     1 
ATOM   455  C CA    . ASP A 1 63  ? -1.031  -18.633 -5.050  1.00 20.43  ? 61  ASP A CA    1 
ATOM   456  C C     . ASP A 1 63  ? 0.142   -18.076 -5.870  1.00 17.68  ? 61  ASP A C     1 
ATOM   457  O O     . ASP A 1 63  ? -0.118  -17.441 -6.910  1.00 23.80  ? 61  ASP A O     1 
ATOM   458  C CB    . ASP A 1 63  ? -2.330  -17.851 -5.245  1.00 23.80  ? 61  ASP A CB    1 
ATOM   459  C CG    . ASP A 1 63  ? -3.466  -18.430 -4.432  1.00 29.02  ? 61  ASP A CG    1 
ATOM   460  O OD1   . ASP A 1 63  ? -3.654  -19.665 -4.502  1.00 26.34  ? 61  ASP A OD1   1 
ATOM   461  O OD2   . ASP A 1 63  ? -4.134  -17.667 -3.715  1.00 22.45  ? 61  ASP A OD2   1 
ATOM   462  N N     . GLY A 1 64  ? 1.379   -18.327 -5.431  1.00 19.83  ? 62  GLY A N     1 
ATOM   463  C CA    . GLY A 1 64  ? 2.601   -17.895 -6.132  1.00 25.49  ? 62  GLY A CA    1 
ATOM   464  C C     . GLY A 1 64  ? 2.905   -16.418 -5.937  1.00 22.86  ? 62  GLY A C     1 
ATOM   465  O O     . GLY A 1 64  ? 3.802   -15.903 -6.626  1.00 25.27  ? 62  GLY A O     1 
ATOM   466  N N     . MET A 1 65  ? 2.260   -15.752 -4.975  1.00 19.19  ? 63  MET A N     1 
ATOM   467  C CA    . MET A 1 65  ? 2.466   -14.291 -4.761  1.00 17.91  ? 63  MET A CA    1 
ATOM   468  C C     . MET A 1 65  ? 2.787   -14.021 -3.286  1.00 15.73  ? 63  MET A C     1 
ATOM   469  O O     . MET A 1 65  ? 2.318   -14.774 -2.415  1.00 16.57  ? 63  MET A O     1 
ATOM   470  C CB    . MET A 1 65  ? 1.217   -13.516 -5.199  1.00 18.32  ? 63  MET A CB    1 
ATOM   471  C CG    . MET A 1 65  ? 1.285   -12.014 -5.008  1.00 16.90  ? 63  MET A CG    1 
ATOM   472  S SD    . MET A 1 65  ? 2.687   -11.157 -5.781  1.00 16.62  ? 63  MET A SD    1 
ATOM   473  C CE    . MET A 1 65  ? 2.707   -11.889 -7.423  1.00 20.39  ? 63  MET A CE    1 
ATOM   474  N N     . THR A 1 66  ? 3.525   -12.939 -3.024  1.00 15.70  ? 64  THR A N     1 
ATOM   475  C CA    . THR A 1 66  ? 3.729   -12.381 -1.670  1.00 12.57  ? 64  THR A CA    1 
ATOM   476  C C     . THR A 1 66  ? 2.753   -11.224 -1.515  1.00 11.72  ? 64  THR A C     1 
ATOM   477  O O     . THR A 1 66  ? 2.852   -10.230 -2.287  1.00 12.77  ? 64  THR A O     1 
ATOM   478  C CB    . THR A 1 66  ? 5.174   -11.943 -1.434  1.00 14.13  ? 64  THR A CB    1 
ATOM   479  O OG1   . THR A 1 66  ? 6.035   -13.082 -1.570  1.00 15.00  ? 64  THR A OG1   1 
ATOM   480  C CG2   . THR A 1 66  ? 5.358   -11.286 -0.084  1.00 12.53  ? 64  THR A CG2   1 
ATOM   481  N N     . VAL A 1 67  ? 1.787   -11.384 -0.621  1.00 12.75  ? 65  VAL A N     1 
ATOM   482  C CA    . VAL A 1 67  ? 0.736   -10.375 -0.366  1.00 11.52  ? 65  VAL A CA    1 
ATOM   483  C C     . VAL A 1 67  ? 0.947   -9.786  1.020   1.00 11.21  ? 65  VAL A C     1 
ATOM   484  O O     . VAL A 1 67  ? 1.081   -10.548 2.001   1.00 12.06  ? 65  VAL A O     1 
ATOM   485  C CB    . VAL A 1 67  ? -0.669  -10.975 -0.485  1.00 12.12  ? 65  VAL A CB    1 
ATOM   486  C CG1   . VAL A 1 67  ? -1.710  -9.906  -0.220  1.00 13.84  ? 65  VAL A CG1   1 
ATOM   487  C CG2   . VAL A 1 67  ? -0.863  -11.629 -1.851  1.00 12.52  ? 65  VAL A CG2   1 
ATOM   488  N N     . ILE A 1 68  ? 1.008   -8.465  1.075   1.00 9.21   ? 66  ILE A N     1 
ATOM   489  C CA    . ILE A 1 68  ? 1.239   -7.767  2.353   1.00 11.21  ? 66  ILE A CA    1 
ATOM   490  C C     . ILE A 1 68  ? -0.033  -7.016  2.690   1.00 9.44   ? 66  ILE A C     1 
ATOM   491  O O     . ILE A 1 68  ? -0.354  -6.034  2.016   1.00 10.44  ? 66  ILE A O     1 
ATOM   492  C CB    . ILE A 1 68  ? 2.426   -6.815  2.225   1.00 9.73   ? 66  ILE A CB    1 
ATOM   493  C CG1   . ILE A 1 68  ? 3.698   -7.586  1.856   1.00 11.69  ? 66  ILE A CG1   1 
ATOM   494  C CG2   . ILE A 1 68  ? 2.600   -6.003  3.494   1.00 11.30  ? 66  ILE A CG2   1 
ATOM   495  C CD1   . ILE A 1 68  ? 4.818   -6.703  1.370   1.00 11.37  ? 66  ILE A CD1   1 
ATOM   496  N N     . HIS A 1 69  ? -0.766  -7.470  3.683   1.00 9.38   ? 67  HIS A N     1 
ATOM   497  C CA    . HIS A 1 69  ? -2.022  -6.801  4.072   1.00 11.73  ? 67  HIS A CA    1 
ATOM   498  C C     . HIS A 1 69  ? -1.716  -5.652  5.011   1.00 10.39  ? 67  HIS A C     1 
ATOM   499  O O     . HIS A 1 69  ? -1.307  -5.941  6.133   1.00 11.12  ? 67  HIS A O     1 
ATOM   500  C CB    . HIS A 1 69  ? -2.975  -7.807  4.687   1.00 9.90   ? 67  HIS A CB    1 
ATOM   501  C CG    . HIS A 1 69  ? -3.332  -8.934  3.786   1.00 9.42   ? 67  HIS A CG    1 
ATOM   502  N ND1   . HIS A 1 69  ? -4.396  -8.861  2.915   1.00 11.73  ? 67  HIS A ND1   1 
ATOM   503  C CD2   . HIS A 1 69  ? -2.787  -10.166 3.637   1.00 12.34  ? 67  HIS A CD2   1 
ATOM   504  C CE1   . HIS A 1 69  ? -4.478  -10.021 2.269   1.00 11.80  ? 67  HIS A CE1   1 
ATOM   505  N NE2   . HIS A 1 69  ? -3.521  -10.836 2.700   1.00 13.37  ? 67  HIS A NE2   1 
ATOM   506  N N     . ALA A 1 70  ? -1.878  -4.417  4.557   1.00 9.58   ? 68  ALA A N     1 
ATOM   507  C CA    . ALA A 1 70  ? -1.543  -3.226  5.352   1.00 10.84  ? 68  ALA A CA    1 
ATOM   508  C C     . ALA A 1 70  ? -2.860  -2.503  5.646   1.00 9.41   ? 68  ALA A C     1 
ATOM   509  O O     . ALA A 1 70  ? -3.575  -2.158  4.696   1.00 10.82  ? 68  ALA A O     1 
ATOM   510  C CB    . ALA A 1 70  ? -0.579  -2.338  4.597   1.00 12.04  ? 68  ALA A CB    1 
ATOM   511  N N     . VAL A 1 71  ? -3.116  -2.235  6.920   1.00 10.77  ? 69  VAL A N     1 
ATOM   512  C CA    . VAL A 1 71  ? -4.385  -1.591  7.360   1.00 10.04  ? 69  VAL A CA    1 
ATOM   513  C C     . VAL A 1 71  ? -4.150  -0.116  7.662   1.00 9.56   ? 69  VAL A C     1 
ATOM   514  O O     . VAL A 1 71  ? -3.650  0.214   8.753   1.00 10.92  ? 69  VAL A O     1 
ATOM   515  C CB    . VAL A 1 71  ? -5.014  -2.336  8.539   1.00 12.32  ? 69  VAL A CB    1 
ATOM   516  C CG1   . VAL A 1 71  ? -6.377  -1.753  8.858   1.00 12.73  ? 69  VAL A CG1   1 
ATOM   517  C CG2   . VAL A 1 71  ? -5.163  -3.815  8.232   1.00 11.79  ? 69  VAL A CG2   1 
ATOM   518  N N     . GLY A 1 72  ? -4.505  0.725   6.699   1.00 9.73   ? 70  GLY A N     1 
ATOM   519  C CA    . GLY A 1 72  ? -4.507  2.171   6.911   1.00 9.10   ? 70  GLY A CA    1 
ATOM   520  C C     . GLY A 1 72  ? -5.680  2.517   7.817   1.00 11.12  ? 70  GLY A C     1 
ATOM   521  O O     . GLY A 1 72  ? -6.630  1.748   7.940   1.00 12.33  ? 70  GLY A O     1 
ATOM   522  N N     . PRO A 1 73  ? -5.653  3.695   8.459   1.00 10.00  ? 71  PRO A N     1 
ATOM   523  C CA    . PRO A 1 73  ? -6.778  4.129   9.265   1.00 10.81  ? 71  PRO A CA    1 
ATOM   524  C C     . PRO A 1 73  ? -7.976  4.524   8.403   1.00 11.01  ? 71  PRO A C     1 
ATOM   525  O O     . PRO A 1 73  ? -7.800  4.976   7.297   1.00 10.82  ? 71  PRO A O     1 
ATOM   526  C CB    . PRO A 1 73  ? -6.241  5.387   9.964   1.00 12.00  ? 71  PRO A CB    1 
ATOM   527  C CG    . PRO A 1 73  ? -5.219  5.923   8.975   1.00 9.94   ? 71  PRO A CG    1 
ATOM   528  C CD    . PRO A 1 73  ? -4.543  4.673   8.456   1.00 8.99   ? 71  PRO A CD    1 
ATOM   529  N N     . ASN A 1 74  ? -9.156  4.378   8.978   1.00 10.35  ? 72  ASN A N     1 
ATOM   530  C CA    . ASN A 1 74  ? -10.429 4.888   8.393   1.00 11.37  ? 72  ASN A CA    1 
ATOM   531  C C     . ASN A 1 74  ? -10.614 6.287   8.983   1.00 10.42  ? 72  ASN A C     1 
ATOM   532  O O     . ASN A 1 74  ? -10.877 6.444   10.179  1.00 10.65  ? 72  ASN A O     1 
ATOM   533  C CB    . ASN A 1 74  ? -11.591 3.941   8.701   1.00 11.78  ? 72  ASN A CB    1 
ATOM   534  C CG    . ASN A 1 74  ? -12.889 4.448   8.112   1.00 14.56  ? 72  ASN A CG    1 
ATOM   535  O OD1   . ASN A 1 74  ? -12.953 5.576   7.642   1.00 13.24  ? 72  ASN A OD1   1 
ATOM   536  N ND2   . ASN A 1 74  ? -13.919 3.608   8.141   1.00 14.83  ? 72  ASN A ND2   1 
ATOM   537  N N     . PHE A 1 75  ? -10.446 7.310   8.163   1.00 12.10  ? 73  PHE A N     1 
ATOM   538  C CA    . PHE A 1 75  ? -10.461 8.720   8.609   1.00 11.27  ? 73  PHE A CA    1 
ATOM   539  C C     . PHE A 1 75  ? -11.866 9.138   9.068   1.00 11.76  ? 73  PHE A C     1 
ATOM   540  O O     . PHE A 1 75  ? -11.988 10.258  9.618   1.00 12.78  ? 73  PHE A O     1 
ATOM   541  C CB    . PHE A 1 75  ? -9.854  9.604   7.535   1.00 10.21  ? 73  PHE A CB    1 
ATOM   542  C CG    . PHE A 1 75  ? -8.347  9.673   7.580   1.00 10.79  ? 73  PHE A CG    1 
ATOM   543  C CD1   . PHE A 1 75  ? -7.688  10.519  8.465   1.00 10.42  ? 73  PHE A CD1   1 
ATOM   544  C CD2   . PHE A 1 75  ? -7.592  8.836   6.774   1.00 11.77  ? 73  PHE A CD2   1 
ATOM   545  C CE1   . PHE A 1 75  ? -6.291  10.548  8.500   1.00 11.26  ? 73  PHE A CE1   1 
ATOM   546  C CE2   . PHE A 1 75  ? -6.205  8.864   6.807   1.00 12.57  ? 73  PHE A CE2   1 
ATOM   547  C CZ    . PHE A 1 75  ? -5.561  9.731   7.657   1.00 11.02  ? 73  PHE A CZ    1 
ATOM   548  N N     . SER A 1 76  ? -12.887 8.301   8.898   1.00 11.47  ? 74  SER A N     1 
ATOM   549  C CA    . SER A 1 76  ? -14.212 8.551   9.525   1.00 12.63  ? 74  SER A CA    1 
ATOM   550  C C     . SER A 1 76  ? -14.195 8.166   11.004  1.00 14.02  ? 74  SER A C     1 
ATOM   551  O O     . SER A 1 76  ? -15.192 8.453   11.721  1.00 14.78  ? 74  SER A O     1 
ATOM   552  C CB    . SER A 1 76  ? -15.308 7.797   8.817   1.00 15.16  ? 74  SER A CB    1 
ATOM   553  O OG    . SER A 1 76  ? -15.454 8.253   7.483   1.00 19.88  ? 74  SER A OG    1 
ATOM   554  N N     . THR A 1 77  ? -13.131 7.511   11.495  1.00 10.07  ? 75  THR A N     1 
ATOM   555  C CA    . THR A 1 77  ? -13.183 6.866   12.830  1.00 11.58  ? 75  THR A CA    1 
ATOM   556  C C     . THR A 1 77  ? -12.047 7.315   13.745  1.00 9.86   ? 75  THR A C     1 
ATOM   557  O O     . THR A 1 77  ? -11.924 6.777   14.868  1.00 11.36  ? 75  THR A O     1 
ATOM   558  C CB    . THR A 1 77  ? -13.140 5.343   12.675  1.00 9.97   ? 75  THR A CB    1 
ATOM   559  O OG1   . THR A 1 77  ? -11.810 4.901   12.354  1.00 12.49  ? 75  THR A OG1   1 
ATOM   560  C CG2   . THR A 1 77  ? -14.170 4.908   11.661  1.00 10.91  ? 75  THR A CG2   1 
ATOM   561  N N     . VAL A 1 78  ? -11.217 8.242   13.288  1.00 9.82   ? 76  VAL A N     1 
ATOM   562  C CA    . VAL A 1 78  ? -10.068 8.756   14.067  1.00 10.16  ? 76  VAL A CA    1 
ATOM   563  C C     . VAL A 1 78  ? -9.988  10.245  13.848  1.00 8.82   ? 76  VAL A C     1 
ATOM   564  O O     . VAL A 1 78  ? -10.501 10.734  12.825  1.00 11.35  ? 76  VAL A O     1 
ATOM   565  C CB    . VAL A 1 78  ? -8.734  8.125   13.642  1.00 12.75  ? 76  VAL A CB    1 
ATOM   566  C CG1   . VAL A 1 78  ? -8.659  6.670   14.044  1.00 9.51   ? 76  VAL A CG1   1 
ATOM   567  C CG2   . VAL A 1 78  ? -8.537  8.270   12.151  1.00 13.86  ? 76  VAL A CG2   1 
ATOM   568  N N     . THR A 1 79  ? -9.337  10.946  14.762  1.00 10.99  ? 77  THR A N     1 
ATOM   569  C CA    . THR A 1 79  ? -9.039  12.365  14.486  1.00 9.53   ? 77  THR A CA    1 
ATOM   570  C C     . THR A 1 79  ? -7.988  12.442  13.379  1.00 9.15   ? 77  THR A C     1 
ATOM   571  O O     . THR A 1 79  ? -7.290  11.461  13.051  1.00 11.42  ? 77  THR A O     1 
ATOM   572  C CB    . THR A 1 79  ? -8.588  13.097  15.750  1.00 11.11  ? 77  THR A CB    1 
ATOM   573  O OG1   . THR A 1 79  ? -7.257  12.653  16.027  1.00 12.58  ? 77  THR A OG1   1 
ATOM   574  C CG2   . THR A 1 79  ? -9.494  12.917  16.941  1.00 11.83  ? 77  THR A CG2   1 
ATOM   575  N N     . GLU A 1 80  ? -7.870  13.611  12.768  1.00 10.43  ? 78  GLU A N     1 
ATOM   576  C CA    . GLU A 1 80  ? -6.904  13.812  11.667  1.00 11.45  ? 78  GLU A CA    1 
ATOM   577  C C     . GLU A 1 80  ? -5.493  13.484  12.144  1.00 12.18  ? 78  GLU A C     1 
ATOM   578  O O     . GLU A 1 80  ? -4.795  12.759  11.430  1.00 13.01  ? 78  GLU A O     1 
ATOM   579  C CB    . GLU A 1 80  ? -6.998  15.251  11.162  1.00 13.23  ? 78  GLU A CB    1 
ATOM   580  C CG    . GLU A 1 80  ? -8.215  15.478  10.280  1.00 12.97  ? 78  GLU A CG    1 
ATOM   581  C CD    . GLU A 1 80  ? -8.182  14.943  8.863   1.00 19.43  ? 78  GLU A CD    1 
ATOM   582  O OE1   . GLU A 1 80  ? -7.142  14.423  8.448   1.00 16.39  ? 78  GLU A OE1   1 
ATOM   583  O OE2   . GLU A 1 80  ? -9.202  15.114  8.149   1.00 17.22  ? 78  GLU A OE2   1 
ATOM   584  N N     . ALA A 1 81  ? -5.095  13.973  13.322  1.00 12.69  ? 79  ALA A N     1 
ATOM   585  C CA    . ALA A 1 81  ? -3.736  13.724  13.873  1.00 12.74  ? 79  ALA A CA    1 
ATOM   586  C C     . ALA A 1 81  ? -3.562  12.231  14.138  1.00 12.89  ? 79  ALA A C     1 
ATOM   587  O O     . ALA A 1 81  ? -2.471  11.701  13.868  1.00 13.09  ? 79  ALA A O     1 
ATOM   588  C CB    . ALA A 1 81  ? -3.515  14.523  15.127  1.00 16.49  ? 79  ALA A CB    1 
ATOM   589  N N     . GLU A 1 82  ? -4.592  11.588  14.692  1.00 11.61  ? 80  GLU A N     1 
ATOM   590  C CA    . GLU A 1 82  ? -4.469  10.150  15.038  1.00 12.07  ? 80  GLU A CA    1 
ATOM   591  C C     . GLU A 1 82  ? -4.353  9.352   13.741  1.00 10.92  ? 80  GLU A C     1 
ATOM   592  O O     . GLU A 1 82  ? -3.498  8.442   13.642  1.00 11.02  ? 80  GLU A O     1 
ATOM   593  C CB    . GLU A 1 82  ? -5.683  9.694   15.842  1.00 11.97  ? 80  GLU A CB    1 
ATOM   594  C CG    . GLU A 1 82  ? -5.636  8.214   16.162  1.00 11.04  ? 80  GLU A CG    1 
ATOM   595  C CD    . GLU A 1 82  ? -4.486  7.766   17.042  1.00 12.69  ? 80  GLU A CD    1 
ATOM   596  O OE1   . GLU A 1 82  ? -4.058  8.548   17.898  1.00 13.94  ? 80  GLU A OE1   1 
ATOM   597  O OE2   . GLU A 1 82  ? -4.047  6.592   16.894  1.00 13.62  ? 80  GLU A OE2   1 
ATOM   598  N N     . GLY A 1 83  ? -5.180  9.671   12.745  1.00 10.36  ? 81  GLY A N     1 
ATOM   599  C CA    . GLY A 1 83  ? -5.086  8.960   11.455  1.00 10.13  ? 81  GLY A CA    1 
ATOM   600  C C     . GLY A 1 83  ? -3.742  9.180   10.790  1.00 10.21  ? 81  GLY A C     1 
ATOM   601  O O     . GLY A 1 83  ? -3.174  8.244   10.222  1.00 10.22  ? 81  GLY A O     1 
ATOM   602  N N     . ASP A 1 84  ? -3.209  10.402  10.869  1.00 10.46  ? 82  ASP A N     1 
ATOM   603  C CA    . ASP A 1 84  ? -1.901  10.655  10.215  1.00 11.04  ? 82  ASP A CA    1 
ATOM   604  C C     . ASP A 1 84  ? -0.847  9.743   10.849  1.00 11.57  ? 82  ASP A C     1 
ATOM   605  O O     . ASP A 1 84  ? -0.023  9.170   10.100  1.00 11.54  ? 82  ASP A O     1 
ATOM   606  C CB    . ASP A 1 84  ? -1.498  12.121  10.308  1.00 11.42  ? 82  ASP A CB    1 
ATOM   607  C CG    . ASP A 1 84  ? -0.361  12.443  9.367   1.00 14.87  ? 82  ASP A CG    1 
ATOM   608  O OD1   . ASP A 1 84  ? -0.616  12.505  8.146   1.00 16.46  ? 82  ASP A OD1   1 
ATOM   609  O OD2   . ASP A 1 84  ? 0.776   12.553  9.853   1.00 16.84  ? 82  ASP A OD2   1 
ATOM   610  N N     . ARG A 1 85  ? -0.857  9.601   12.166  1.00 10.03  ? 83  ARG A N     1 
ATOM   611  C CA    . ARG A 1 85  ? 0.118   8.721   12.860  1.00 9.33   ? 83  ARG A CA    1 
ATOM   612  C C     . ARG A 1 85  ? -0.083  7.270   12.421  1.00 10.82  ? 83  ARG A C     1 
ATOM   613  O O     . ARG A 1 85  ? 0.902   6.557   12.162  1.00 11.88  ? 83  ARG A O     1 
ATOM   614  C CB    . ARG A 1 85  ? -0.029  8.802   14.380  1.00 11.30  ? 83  ARG A CB    1 
ATOM   615  C CG    . ARG A 1 85  ? 0.528   10.080  14.992  1.00 15.25  ? 83  ARG A CG    1 
ATOM   616  C CD    . ARG A 1 85  ? 0.535   9.992   16.512  1.00 20.41  ? 83  ARG A CD    1 
ATOM   617  N NE    . ARG A 1 85  ? -0.813  10.016  17.105  1.00 22.90  ? 83  ARG A NE    1 
ATOM   618  C CZ    . ARG A 1 85  ? -1.494  11.128  17.368  1.00 28.32  ? 83  ARG A CZ    1 
ATOM   619  N NH1   . ARG A 1 85  ? -0.962  12.310  17.109  1.00 23.25  ? 83  ARG A NH1   1 
ATOM   620  N NH2   . ARG A 1 85  ? -2.702  11.066  17.910  1.00 22.29  ? 83  ARG A NH2   1 
ATOM   621  N N     . GLU A 1 86  ? -1.322  6.822   12.394  1.00 9.37   ? 84  GLU A N     1 
ATOM   622  C CA    . GLU A 1 86  ? -1.602  5.407   12.050  1.00 10.00  ? 84  GLU A CA    1 
ATOM   623  C C     . GLU A 1 86  ? -1.232  5.124   10.598  1.00 9.96   ? 84  GLU A C     1 
ATOM   624  O O     . GLU A 1 86  ? -0.824  3.984   10.293  1.00 11.92  ? 84  GLU A O     1 
ATOM   625  C CB    . GLU A 1 86  ? -3.073  5.104   12.344  1.00 10.96  ? 84  GLU A CB    1 
ATOM   626  C CG    . GLU A 1 86  ? -3.423  5.198   13.824  1.00 10.09  ? 84  GLU A CG    1 
ATOM   627  C CD    . GLU A 1 86  ? -4.888  4.934   14.122  1.00 11.90  ? 84  GLU A CD    1 
ATOM   628  O OE1   . GLU A 1 86  ? -5.601  4.576   13.176  1.00 13.72  ? 84  GLU A OE1   1 
ATOM   629  O OE2   . GLU A 1 86  ? -5.323  5.097   15.319  1.00 13.26  ? 84  GLU A OE2   1 
ATOM   630  N N     . LEU A 1 87  ? -1.477  6.064   9.691   1.00 8.68   ? 85  LEU A N     1 
ATOM   631  C CA    . LEU A 1 87  ? -1.142  5.884   8.264   1.00 9.43   ? 85  LEU A CA    1 
ATOM   632  C C     . LEU A 1 87  ? 0.387   5.763   8.105   1.00 9.81   ? 85  LEU A C     1 
ATOM   633  O O     . LEU A 1 87  ? 0.884   4.856   7.408   1.00 10.23  ? 85  LEU A O     1 
ATOM   634  C CB    . LEU A 1 87  ? -1.686  7.088   7.502   1.00 11.64  ? 85  LEU A CB    1 
ATOM   635  C CG    . LEU A 1 87  ? -1.495  7.043   5.994   1.00 10.98  ? 85  LEU A CG    1 
ATOM   636  C CD1   . LEU A 1 87  ? -2.042  5.769   5.369   1.00 12.00  ? 85  LEU A CD1   1 
ATOM   637  C CD2   . LEU A 1 87  ? -2.136  8.277   5.373   1.00 12.55  ? 85  LEU A CD2   1 
ATOM   638  N N     . ALA A 1 88  ? 1.122   6.632   8.789   1.00 10.14  ? 86  ALA A N     1 
ATOM   639  C CA    . ALA A 1 88  ? 2.594   6.546   8.765   1.00 11.14  ? 86  ALA A CA    1 
ATOM   640  C C     . ALA A 1 88  ? 3.033   5.166   9.295   1.00 10.19  ? 86  ALA A C     1 
ATOM   641  O O     . ALA A 1 88  ? 3.939   4.532   8.699   1.00 13.24  ? 86  ALA A O     1 
ATOM   642  C CB    . ALA A 1 88  ? 3.161   7.668   9.586   1.00 14.79  ? 86  ALA A CB    1 
ATOM   643  N N     . ALA A 1 89  ? 2.429   4.734   10.397  1.00 10.79  ? 87  ALA A N     1 
ATOM   644  C CA    . ALA A 1 89  ? 2.757   3.449   11.035  1.00 10.69  ? 87  ALA A CA    1 
ATOM   645  C C     . ALA A 1 89  ? 2.485   2.317   10.048  1.00 10.88  ? 87  ALA A C     1 
ATOM   646  O O     . ALA A 1 89  ? 3.303   1.382   9.992   1.00 11.03  ? 87  ALA A O     1 
ATOM   647  C CB    . ALA A 1 89  ? 1.992   3.272   12.309  1.00 9.38   ? 87  ALA A CB    1 
ATOM   648  N N     . ALA A 1 90  ? 1.348   2.321   9.348   1.00 10.13  ? 88  ALA A N     1 
ATOM   649  C CA    . ALA A 1 90  ? 1.035   1.211   8.422   1.00 10.53  ? 88  ALA A CA    1 
ATOM   650  C C     . ALA A 1 90  ? 2.123   1.116   7.347   1.00 9.77   ? 88  ALA A C     1 
ATOM   651  O O     . ALA A 1 90  ? 2.537   0.011   6.975   1.00 9.90   ? 88  ALA A O     1 
ATOM   652  C CB    . ALA A 1 90  ? -0.318  1.404   7.798   1.00 11.53  ? 88  ALA A CB    1 
ATOM   653  N N     . TYR A 1 91  ? 2.571   2.248   6.810   1.00 9.13   ? 89  TYR A N     1 
ATOM   654  C CA    . TYR A 1 91  ? 3.621   2.201   5.767   1.00 10.34  ? 89  TYR A CA    1 
ATOM   655  C C     . TYR A 1 91  ? 4.966   1.796   6.366   1.00 8.90   ? 89  TYR A C     1 
ATOM   656  O O     . TYR A 1 91  ? 5.663   1.085   5.689   1.00 10.73  ? 89  TYR A O     1 
ATOM   657  C CB    . TYR A 1 91  ? 3.751   3.544   5.047   1.00 10.56  ? 89  TYR A CB    1 
ATOM   658  C CG    . TYR A 1 91  ? 2.715   3.816   3.985   1.00 9.89   ? 89  TYR A CG    1 
ATOM   659  C CD1   . TYR A 1 91  ? 2.643   3.046   2.840   1.00 9.80   ? 89  TYR A CD1   1 
ATOM   660  C CD2   . TYR A 1 91  ? 1.838   4.876   4.105   1.00 9.13   ? 89  TYR A CD2   1 
ATOM   661  C CE1   . TYR A 1 91  ? 1.742   3.336   1.826   1.00 11.89  ? 89  TYR A CE1   1 
ATOM   662  C CE2   . TYR A 1 91  ? 0.929   5.176   3.103   1.00 9.74   ? 89  TYR A CE2   1 
ATOM   663  C CZ    . TYR A 1 91  ? 0.889   4.407   1.964   1.00 11.05  ? 89  TYR A CZ    1 
ATOM   664  O OH    . TYR A 1 91  ? 0.030   4.715   0.938   1.00 11.64  ? 89  TYR A OH    1 
ATOM   665  N N     . ARG A 1 92  ? 5.296   2.195   7.592   1.00 9.73   ? 90  ARG A N     1 
ATOM   666  C CA    . ARG A 1 92  ? 6.562   1.694   8.222   1.00 11.55  ? 90  ARG A CA    1 
ATOM   667  C C     . ARG A 1 92  ? 6.473   0.162   8.396   1.00 9.69   ? 90  ARG A C     1 
ATOM   668  O O     . ARG A 1 92  ? 7.492   -0.538  8.227   1.00 12.39  ? 90  ARG A O     1 
ATOM   669  C CB    . ARG A 1 92  ? 6.816   2.355   9.573   1.00 12.62  ? 90  ARG A CB    1 
ATOM   670  C CG    . ARG A 1 92  ? 7.215   3.815   9.468   1.00 11.15  ? 90  ARG A CG    1 
ATOM   671  C CD    . ARG A 1 92  ? 7.779   4.326   10.764  1.00 10.90  ? 90  ARG A CD    1 
ATOM   672  N NE    . ARG A 1 92  ? 6.845   4.241   11.858  1.00 11.80  ? 90  ARG A NE    1 
ATOM   673  C CZ    . ARG A 1 92  ? 5.981   5.183   12.187  1.00 13.30  ? 90  ARG A CZ    1 
ATOM   674  N NH1   . ARG A 1 92  ? 5.183   5.006   13.228  1.00 16.31  ? 90  ARG A NH1   1 
ATOM   675  N NH2   . ARG A 1 92  ? 5.909   6.300   11.489  1.00 14.19  ? 90  ARG A NH2   1 
ATOM   676  N N     . ALA A 1 93  ? 5.286   -0.362  8.705   1.00 9.31   ? 91  ALA A N     1 
ATOM   677  C CA    . ALA A 1 93  ? 5.086   -1.817  8.846   1.00 9.44   ? 91  ALA A CA    1 
ATOM   678  C C     . ALA A 1 93  ? 5.341   -2.505  7.496   1.00 10.27  ? 91  ALA A C     1 
ATOM   679  O O     . ALA A 1 93  ? 5.936   -3.602  7.475   1.00 10.85  ? 91  ALA A O     1 
ATOM   680  C CB    . ALA A 1 93  ? 3.710   -2.128  9.400   1.00 9.90   ? 91  ALA A CB    1 
ATOM   681  N N     . VAL A 1 94  ? 4.841   -1.930  6.409   1.00 9.11   ? 92  VAL A N     1 
ATOM   682  C CA    . VAL A 1 94  ? 5.129   -2.461  5.054   1.00 8.32   ? 92  VAL A CA    1 
ATOM   683  C C     . VAL A 1 94  ? 6.642   -2.457  4.826   1.00 8.87   ? 92  VAL A C     1 
ATOM   684  O O     . VAL A 1 94  ? 7.195   -3.472  4.353   1.00 10.79  ? 92  VAL A O     1 
ATOM   685  C CB    . VAL A 1 94  ? 4.391   -1.638  3.989   1.00 9.37   ? 92  VAL A CB    1 
ATOM   686  C CG1   . VAL A 1 94  ? 4.824   -1.978  2.559   1.00 11.34  ? 92  VAL A CG1   1 
ATOM   687  C CG2   . VAL A 1 94  ? 2.901   -1.840  4.141   1.00 9.51   ? 92  VAL A CG2   1 
ATOM   688  N N     . ALA A 1 95  ? 7.283   -1.313  5.078   1.00 9.40   ? 93  ALA A N     1 
ATOM   689  C CA    . ALA A 1 95  ? 8.734   -1.166  4.817   1.00 11.90  ? 93  ALA A CA    1 
ATOM   690  C C     . ALA A 1 95  ? 9.512   -2.225  5.604   1.00 10.41  ? 93  ALA A C     1 
ATOM   691  O O     . ALA A 1 95  ? 10.472  -2.813  5.054   1.00 11.09  ? 93  ALA A O     1 
ATOM   692  C CB    . ALA A 1 95  ? 9.190   0.222   5.152   1.00 10.72  ? 93  ALA A CB    1 
ATOM   693  N N     . SER A 1 96  ? 9.109   -2.519  6.841   1.00 9.63   ? 94  SER A N     1 
ATOM   694  C CA    . SER A 1 96  ? 9.824   -3.499  7.691   1.00 10.96  ? 94  SER A CA    1 
ATOM   695  C C     . SER A 1 96  ? 9.679   -4.892  7.071   1.00 11.65  ? 94  SER A C     1 
ATOM   696  O O     . SER A 1 96  ? 10.638  -5.652  7.001   1.00 12.55  ? 94  SER A O     1 
ATOM   697  C CB    . SER A 1 96  ? 9.332   -3.477  9.094   1.00 11.90  ? 94  SER A CB    1 
ATOM   698  O OG    . SER A 1 96  ? 10.073  -4.430  9.848   1.00 14.57  ? 94  SER A OG    1 
ATOM   699  N N     . ILE A 1 97  ? 8.489   -5.183  6.561   1.00 10.49  ? 95  ILE A N     1 
ATOM   700  C CA    . ILE A 1 97  ? 8.272   -6.511  5.913   1.00 9.41   ? 95  ILE A CA    1 
ATOM   701  C C     . ILE A 1 97  ? 9.134   -6.599  4.653   1.00 11.12  ? 95  ILE A C     1 
ATOM   702  O O     . ILE A 1 97  ? 9.758   -7.656  4.402   1.00 12.23  ? 95  ILE A O     1 
ATOM   703  C CB    . ILE A 1 97  ? 6.773   -6.724  5.632   1.00 8.53   ? 95  ILE A CB    1 
ATOM   704  C CG1   . ILE A 1 97  ? 5.996   -6.971  6.934   1.00 10.07  ? 95  ILE A CG1   1 
ATOM   705  C CG2   . ILE A 1 97  ? 6.552   -7.841  4.605   1.00 11.36  ? 95  ILE A CG2   1 
ATOM   706  C CD1   . ILE A 1 97  ? 4.510   -6.976  6.785   1.00 9.88   ? 95  ILE A CD1   1 
ATOM   707  N N     . ILE A 1 98  ? 9.218   -5.523  3.884   1.00 10.68  ? 96  ILE A N     1 
ATOM   708  C CA    . ILE A 1 98  ? 10.026  -5.529  2.641   1.00 11.57  ? 96  ILE A CA    1 
ATOM   709  C C     . ILE A 1 98  ? 11.487  -5.812  3.000   1.00 11.48  ? 96  ILE A C     1 
ATOM   710  O O     . ILE A 1 98  ? 12.113  -6.697  2.380   1.00 11.95  ? 96  ILE A O     1 
ATOM   711  C CB    . ILE A 1 98  ? 9.845   -4.195  1.897   1.00 10.81  ? 96  ILE A CB    1 
ATOM   712  C CG1   . ILE A 1 98  ? 8.446   -4.062  1.291   1.00 13.54  ? 96  ILE A CG1   1 
ATOM   713  C CG2   . ILE A 1 98  ? 10.898  -4.029  0.808   1.00 11.79  ? 96  ILE A CG2   1 
ATOM   714  C CD1   . ILE A 1 98  ? 8.073   -5.092  0.258   1.00 18.42  ? 96  ILE A CD1   1 
ATOM   715  N N     . SER A 1 99  ? 12.037  -5.071  3.950   1.00 12.54  ? 97  SER A N     1 
ATOM   716  C CA    A SER A 1 99  ? 13.493  -5.171  4.238   0.50 13.54  ? 97  SER A CA    1 
ATOM   717  C CA    B SER A 1 99  ? 13.482  -5.162  4.286   0.50 12.94  ? 97  SER A CA    1 
ATOM   718  C C     . SER A 1 99  ? 13.796  -6.522  4.910   1.00 13.31  ? 97  SER A C     1 
ATOM   719  O O     . SER A 1 99  ? 14.792  -7.181  4.491   1.00 15.51  ? 97  SER A O     1 
ATOM   720  C CB    A SER A 1 99  ? 14.012  -3.985  5.001   0.50 15.59  ? 97  SER A CB    1 
ATOM   721  C CB    B SER A 1 99  ? 13.876  -4.041  5.171   0.50 13.75  ? 97  SER A CB    1 
ATOM   722  O OG    A SER A 1 99  ? 13.337  -3.813  6.231   0.50 14.97  ? 97  SER A OG    1 
ATOM   723  O OG    B SER A 1 99  ? 13.783  -2.832  4.444   0.50 11.87  ? 97  SER A OG    1 
ATOM   724  N N     . THR A 1 100 ? 12.972  -6.972  5.852   1.00 11.40  ? 98  THR A N     1 
ATOM   725  C CA    . THR A 1 100 ? 13.314  -8.199  6.618   1.00 11.00  ? 98  THR A CA    1 
ATOM   726  C C     . THR A 1 100 ? 13.165  -9.450  5.751   1.00 12.07  ? 98  THR A C     1 
ATOM   727  O O     . THR A 1 100 ? 13.826  -10.455 6.075   1.00 13.80  ? 98  THR A O     1 
ATOM   728  C CB    . THR A 1 100 ? 12.502  -8.304  7.909   1.00 13.81  ? 98  THR A CB    1 
ATOM   729  O OG1   . THR A 1 100 ? 11.123  -8.339  7.548   1.00 13.44  ? 98  THR A OG1   1 
ATOM   730  C CG2   . THR A 1 100 ? 12.826  -7.174  8.868   1.00 15.86  ? 98  THR A CG2   1 
ATOM   731  N N     . ASN A 1 101 ? 12.350  -9.402  4.689   1.00 11.65  ? 99  ASN A N     1 
ATOM   732  C CA    . ASN A 1 101 ? 12.099  -10.579 3.819   1.00 12.11  ? 99  ASN A CA    1 
ATOM   733  C C     . ASN A 1 101 ? 12.890  -10.464 2.522   1.00 13.01  ? 99  ASN A C     1 
ATOM   734  O O     . ASN A 1 101 ? 12.647  -11.305 1.641   1.00 15.42  ? 99  ASN A O     1 
ATOM   735  C CB    . ASN A 1 101 ? 10.610  -10.792 3.600   1.00 10.63  ? 99  ASN A CB    1 
ATOM   736  C CG    . ASN A 1 101 ? 9.920   -11.165 4.891   1.00 13.70  ? 99  ASN A CG    1 
ATOM   737  O OD1   . ASN A 1 101 ? 10.011  -12.309 5.379   1.00 14.77  ? 99  ASN A OD1   1 
ATOM   738  N ND2   . ASN A 1 101 ? 9.197   -10.199 5.443   1.00 15.31  ? 99  ASN A ND2   1 
ATOM   739  N N     . ASN A 1 102 ? 13.755  -9.447  2.397   1.00 15.59  ? 100 ASN A N     1 
ATOM   740  C CA    . ASN A 1 102 ? 14.619  -9.290  1.190   1.00 18.64  ? 100 ASN A CA    1 
ATOM   741  C C     . ASN A 1 102 ? 13.752  -9.222  -0.075  1.00 19.63  ? 100 ASN A C     1 
ATOM   742  O O     . ASN A 1 102 ? 14.080  -9.846  -1.103  1.00 19.61  ? 100 ASN A O     1 
ATOM   743  C CB    . ASN A 1 102 ? 15.597  -10.453 1.078   1.00 22.38  ? 100 ASN A CB    1 
ATOM   744  C CG    . ASN A 1 102 ? 16.702  -10.172 0.088   1.00 26.06  ? 100 ASN A CG    1 
ATOM   745  O OD1   . ASN A 1 102 ? 17.192  -9.057  0.012   1.00 29.06  ? 100 ASN A OD1   1 
ATOM   746  N ND2   . ASN A 1 102 ? 17.073  -11.177 -0.680  1.00 30.32  ? 100 ASN A ND2   1 
ATOM   747  N N     . ILE A 1 103 ? 12.649  -8.495  -0.003  1.00 13.48  ? 101 ILE A N     1 
ATOM   748  C CA    . ILE A 1 103 ? 11.765  -8.285  -1.170  1.00 14.01  ? 101 ILE A CA    1 
ATOM   749  C C     . ILE A 1 103 ? 12.350  -7.150  -2.014  1.00 14.61  ? 101 ILE A C     1 
ATOM   750  O O     . ILE A 1 103 ? 12.571  -6.050  -1.480  1.00 15.82  ? 101 ILE A O     1 
ATOM   751  C CB    . ILE A 1 103 ? 10.344  -8.009  -0.675  1.00 13.58  ? 101 ILE A CB    1 
ATOM   752  C CG1   . ILE A 1 103 ? 9.772   -9.244  0.033   1.00 13.42  ? 101 ILE A CG1   1 
ATOM   753  C CG2   . ILE A 1 103 ? 9.488   -7.530  -1.827  1.00 14.04  ? 101 ILE A CG2   1 
ATOM   754  C CD1   . ILE A 1 103 ? 8.486   -8.973  0.849   1.00 14.91  ? 101 ILE A CD1   1 
ATOM   755  N N     . LYS A 1 104 ? 12.605  -7.413  -3.302  1.00 17.33  ? 102 LYS A N     1 
ATOM   756  C CA    . LYS A 1 104 ? 13.348  -6.472  -4.180  1.00 17.49  ? 102 LYS A CA    1 
ATOM   757  C C     . LYS A 1 104 ? 12.423  -5.479  -4.890  1.00 15.29  ? 102 LYS A C     1 
ATOM   758  O O     . LYS A 1 104 ? 12.906  -4.433  -5.309  1.00 16.64  ? 102 LYS A O     1 
ATOM   759  C CB    . LYS A 1 104 ? 14.144  -7.294  -5.194  1.00 21.15  ? 102 LYS A CB    1 
ATOM   760  C CG    . LYS A 1 104 ? 15.083  -8.302  -4.549  1.00 27.65  ? 102 LYS A CG    1 
ATOM   761  C CD    . LYS A 1 104 ? 16.091  -7.664  -3.614  1.00 32.48  ? 102 LYS A CD    1 
ATOM   762  C CE    . LYS A 1 104 ? 17.162  -8.641  -3.177  1.00 46.13  ? 102 LYS A CE    1 
ATOM   763  N NZ    . LYS A 1 104 ? 18.083  -8.026  -2.196  1.00 43.26  ? 102 LYS A NZ    1 
ATOM   764  N N     . SER A 1 105 ? 11.139  -5.809  -5.033  1.00 13.16  ? 103 SER A N     1 
ATOM   765  C CA    . SER A 1 105 ? 10.154  -4.934  -5.704  1.00 14.23  ? 103 SER A CA    1 
ATOM   766  C C     . SER A 1 105 ? 8.756   -5.152  -5.129  1.00 12.50  ? 103 SER A C     1 
ATOM   767  O O     . SER A 1 105 ? 8.444   -6.264  -4.663  1.00 14.18  ? 103 SER A O     1 
ATOM   768  C CB    . SER A 1 105 ? 10.199  -5.136  -7.203  1.00 14.97  ? 103 SER A CB    1 
ATOM   769  O OG    . SER A 1 105 ? 9.783   -6.428  -7.581  1.00 16.76  ? 103 SER A OG    1 
ATOM   770  N N     . VAL A 1 106 ? 7.956   -4.089  -5.170  1.00 13.58  ? 104 VAL A N     1 
ATOM   771  C CA    . VAL A 1 106 ? 6.610   -4.150  -4.542  1.00 10.76  ? 104 VAL A CA    1 
ATOM   772  C C     . VAL A 1 106 ? 5.662   -3.203  -5.259  1.00 13.23  ? 104 VAL A C     1 
ATOM   773  O O     . VAL A 1 106 ? 6.012   -2.049  -5.541  1.00 13.94  ? 104 VAL A O     1 
ATOM   774  C CB    . VAL A 1 106 ? 6.697   -3.880  -3.031  1.00 13.00  ? 104 VAL A CB    1 
ATOM   775  C CG1   . VAL A 1 106 ? 7.271   -2.512  -2.716  1.00 15.79  ? 104 VAL A CG1   1 
ATOM   776  C CG2   . VAL A 1 106 ? 5.340   -4.077  -2.374  1.00 14.87  ? 104 VAL A CG2   1 
ATOM   777  N N     . ALA A 1 107 ? 4.461   -3.713  -5.481  1.00 11.56  ? 105 ALA A N     1 
ATOM   778  C CA    . ALA A 1 107 ? 3.320   -2.953  -6.030  1.00 11.60  ? 105 ALA A CA    1 
ATOM   779  C C     . ALA A 1 107 ? 2.509   -2.408  -4.855  1.00 10.23  ? 105 ALA A C     1 
ATOM   780  O O     . ALA A 1 107 ? 2.148   -3.197  -3.980  1.00 12.00  ? 105 ALA A O     1 
ATOM   781  C CB    . ALA A 1 107 ? 2.502   -3.881  -6.871  1.00 12.46  ? 105 ALA A CB    1 
ATOM   782  N N     . VAL A 1 108 ? 2.242   -1.116  -4.833  1.00 12.14  ? 106 VAL A N     1 
ATOM   783  C CA    . VAL A 1 108 ? 1.639   -0.475  -3.645  1.00 11.32  ? 106 VAL A CA    1 
ATOM   784  C C     . VAL A 1 108 ? 0.500   0.419   -4.085  1.00 11.62  ? 106 VAL A C     1 
ATOM   785  O O     . VAL A 1 108 ? 0.710   1.327   -4.875  1.00 13.80  ? 106 VAL A O     1 
ATOM   786  C CB    . VAL A 1 108 ? 2.685   0.315   -2.859  1.00 13.88  ? 106 VAL A CB    1 
ATOM   787  C CG1   . VAL A 1 108 ? 2.102   0.839   -1.566  1.00 13.24  ? 106 VAL A CG1   1 
ATOM   788  C CG2   . VAL A 1 108 ? 3.927   -0.526  -2.578  1.00 13.70  ? 106 VAL A CG2   1 
ATOM   789  N N     . PRO A 1 109 ? -0.705  0.260   -3.519  1.00 13.45  ? 107 PRO A N     1 
ATOM   790  C CA    . PRO A 1 109 ? -1.766  1.238   -3.703  1.00 10.81  ? 107 PRO A CA    1 
ATOM   791  C C     . PRO A 1 109 ? -1.664  2.299   -2.608  1.00 14.63  ? 107 PRO A C     1 
ATOM   792  O O     . PRO A 1 109 ? -0.935  2.094   -1.649  1.00 14.93  ? 107 PRO A O     1 
ATOM   793  C CB    . PRO A 1 109 ? -3.017  0.381   -3.512  1.00 13.74  ? 107 PRO A CB    1 
ATOM   794  C CG    . PRO A 1 109 ? -2.602  -0.607  -2.420  1.00 15.95  ? 107 PRO A CG    1 
ATOM   795  C CD    . PRO A 1 109 ? -1.100  -0.812  -2.590  1.00 13.17  ? 107 PRO A CD    1 
ATOM   796  N N     . LEU A 1 110 ? -2.370  3.414   -2.723  1.00 12.21  ? 108 LEU A N     1 
ATOM   797  C CA    . LEU A 1 110 ? -2.255  4.461   -1.687  1.00 14.04  ? 108 LEU A CA    1 
ATOM   798  C C     . LEU A 1 110 ? -3.266  4.172   -0.574  1.00 12.26  ? 108 LEU A C     1 
ATOM   799  O O     . LEU A 1 110 ? -4.497  4.302   -0.767  1.00 12.18  ? 108 LEU A O     1 
ATOM   800  C CB    . LEU A 1 110 ? -2.441  5.839   -2.324  1.00 13.82  ? 108 LEU A CB    1 
ATOM   801  C CG    . LEU A 1 110 ? -1.365  6.282   -3.317  1.00 14.63  ? 108 LEU A CG    1 
ATOM   802  C CD1   . LEU A 1 110 ? -1.677  7.708   -3.740  1.00 15.00  ? 108 LEU A CD1   1 
ATOM   803  C CD2   . LEU A 1 110 ? 0.034   6.179   -2.730  1.00 16.11  ? 108 LEU A CD2   1 
ATOM   804  N N     . LEU A 1 111 ? -2.752  3.732   0.574   1.00 9.72   ? 109 LEU A N     1 
ATOM   805  C CA    . LEU A 1 111 ? -3.582  3.416   1.748   1.00 10.60  ? 109 LEU A CA    1 
ATOM   806  C C     . LEU A 1 111 ? -4.436  4.619   2.146   1.00 11.19  ? 109 LEU A C     1 
ATOM   807  O O     . LEU A 1 111 ? -3.959  5.757   2.130   1.00 10.36  ? 109 LEU A O     1 
ATOM   808  C CB    . LEU A 1 111 ? -2.636  3.009   2.870   1.00 10.85  ? 109 LEU A CB    1 
ATOM   809  C CG    . LEU A 1 111 ? -1.774  1.772   2.621   1.00 13.82  ? 109 LEU A CG    1 
ATOM   810  C CD1   . LEU A 1 111 ? -0.979  1.474   3.878   1.00 13.43  ? 109 LEU A CD1   1 
ATOM   811  C CD2   . LEU A 1 111 ? -2.600  0.565   2.187   1.00 14.99  ? 109 LEU A CD2   1 
ATOM   812  N N     . SER A 1 112 ? -5.667  4.362   2.541   1.00 11.17  ? 110 SER A N     1 
ATOM   813  C CA    . SER A 1 112 ? -6.587  5.354   3.153   1.00 13.60  ? 110 SER A CA    1 
ATOM   814  C C     . SER A 1 112 ? -7.000  6.443   2.158   1.00 11.90  ? 110 SER A C     1 
ATOM   815  O O     . SER A 1 112 ? -7.456  7.483   2.615   1.00 14.79  ? 110 SER A O     1 
ATOM   816  C CB    . SER A 1 112 ? -6.027  5.944   4.419   1.00 11.81  ? 110 SER A CB    1 
ATOM   817  O OG    . SER A 1 112 ? -5.749  4.951   5.413   1.00 11.39  ? 110 SER A OG    1 
ATOM   818  N N     . THR A 1 113 ? -6.891  6.197   0.852   1.00 12.56  ? 111 THR A N     1 
ATOM   819  C CA    . THR A 1 113 ? -7.293  7.204   -0.170  1.00 12.81  ? 111 THR A CA    1 
ATOM   820  C C     . THR A 1 113 ? -8.645  6.863   -0.790  1.00 17.10  ? 111 THR A C     1 
ATOM   821  O O     . THR A 1 113 ? -9.108  7.676   -1.581  1.00 16.94  ? 111 THR A O     1 
ATOM   822  C CB    . THR A 1 113 ? -6.258  7.351   -1.286  1.00 14.84  ? 111 THR A CB    1 
ATOM   823  O OG1   . THR A 1 113 ? -6.152  6.113   -1.987  1.00 15.52  ? 111 THR A OG1   1 
ATOM   824  C CG2   . THR A 1 113 ? -4.936  7.843   -0.739  1.00 14.11  ? 111 THR A CG2   1 
ATOM   825  N N     . GLY A 1 114 ? -9.288  5.757   -0.407  1.00 13.45  ? 112 GLY A N     1 
ATOM   826  C CA    . GLY A 1 114 ? -10.561 5.343   -1.004  1.00 12.38  ? 112 GLY A CA    1 
ATOM   827  C C     . GLY A 1 114 ? -11.649 5.157   0.042   1.00 11.37  ? 112 GLY A C     1 
ATOM   828  O O     . GLY A 1 114 ? -12.111 6.141   0.647   1.00 14.88  ? 112 GLY A O     1 
ATOM   829  N N     . THR A 1 115 ? -11.947 3.904   0.343   1.00 12.61  ? 113 THR A N     1 
ATOM   830  C CA    . THR A 1 115 ? -12.949 3.500   1.348   1.00 12.67  ? 113 THR A CA    1 
ATOM   831  C C     . THR A 1 115 ? -12.665 4.220   2.667   1.00 13.26  ? 113 THR A C     1 
ATOM   832  O O     . THR A 1 115 ? -13.598 4.591   3.382   1.00 15.20  ? 113 THR A O     1 
ATOM   833  C CB    . THR A 1 115 ? -12.869 1.987   1.593   1.00 15.00  ? 113 THR A CB    1 
ATOM   834  O OG1   . THR A 1 115 ? -12.978 1.342   0.322   1.00 16.86  ? 113 THR A OG1   1 
ATOM   835  C CG2   . THR A 1 115 ? -13.953 1.483   2.514   1.00 16.53  ? 113 THR A CG2   1 
ATOM   836  N N     . PHE A 1 116 ? -11.381 4.381   2.995   1.00 11.88  ? 114 PHE A N     1 
ATOM   837  C CA    . PHE A 1 116 ? -10.974 4.868   4.325   1.00 11.44  ? 114 PHE A CA    1 
ATOM   838  C C     . PHE A 1 116 ? -10.628 6.359   4.309   1.00 12.07  ? 114 PHE A C     1 
ATOM   839  O O     . PHE A 1 116 ? -10.075 6.853   5.299   1.00 12.23  ? 114 PHE A O     1 
ATOM   840  C CB    . PHE A 1 116 ? -9.821  3.989   4.819   1.00 11.52  ? 114 PHE A CB    1 
ATOM   841  C CG    . PHE A 1 116 ? -10.179 2.603   5.270   1.00 11.95  ? 114 PHE A CG    1 
ATOM   842  C CD1   . PHE A 1 116 ? -11.472 2.185   5.477   1.00 11.78  ? 114 PHE A CD1   1 
ATOM   843  C CD2   . PHE A 1 116 ? -9.147  1.711   5.562   1.00 15.07  ? 114 PHE A CD2   1 
ATOM   844  C CE1   . PHE A 1 116 ? -11.747 0.901   5.918   1.00 14.05  ? 114 PHE A CE1   1 
ATOM   845  C CE2   . PHE A 1 116 ? -9.418  0.433   6.013   1.00 16.11  ? 114 PHE A CE2   1 
ATOM   846  C CZ    . PHE A 1 116 ? -10.712 0.036   6.218   1.00 16.42  ? 114 PHE A CZ    1 
ATOM   847  N N     . SER A 1 117 ? -10.963 7.091   3.245   1.00 13.52  ? 115 SER A N     1 
ATOM   848  C CA    . SER A 1 117 ? -10.514 8.503   3.080   1.00 12.78  ? 115 SER A CA    1 
ATOM   849  C C     . SER A 1 117 ? -11.375 9.476   3.894   1.00 14.00  ? 115 SER A C     1 
ATOM   850  O O     . SER A 1 117 ? -11.008 10.655  3.969   1.00 15.72  ? 115 SER A O     1 
ATOM   851  C CB    . SER A 1 117 ? -10.481 8.922   1.637   1.00 16.70  ? 115 SER A CB    1 
ATOM   852  O OG    . SER A 1 117 ? -11.789 8.914   1.092   1.00 16.89  ? 115 SER A OG    1 
ATOM   853  N N     . GLY A 1 118 ? -12.501 9.058   4.452   1.00 14.75  ? 116 GLY A N     1 
ATOM   854  C CA    . GLY A 1 118 ? -13.422 9.998   5.114   1.00 18.17  ? 116 GLY A CA    1 
ATOM   855  C C     . GLY A 1 118 ? -13.964 11.011  4.117   1.00 17.57  ? 116 GLY A C     1 
ATOM   856  O O     . GLY A 1 118 ? -14.352 12.119  4.544   1.00 26.01  ? 116 GLY A O     1 
ATOM   857  N N     . GLY A 1 119 ? -13.974 10.664  2.834   1.00 17.56  ? 117 GLY A N     1 
ATOM   858  C CA    . GLY A 1 119 ? -14.530 11.516  1.763   1.00 19.02  ? 117 GLY A CA    1 
ATOM   859  C C     . GLY A 1 119 ? -13.626 12.672  1.403   1.00 26.01  ? 117 GLY A C     1 
ATOM   860  O O     . GLY A 1 119 ? -14.089 13.580  0.690   1.00 25.63  ? 117 GLY A O     1 
ATOM   861  N N     . LYS A 1 120 ? -12.368 12.660  1.839   1.00 19.37  ? 118 LYS A N     1 
ATOM   862  C CA    . LYS A 1 120 ? -11.367 13.701  1.493   1.00 19.41  ? 118 LYS A CA    1 
ATOM   863  C C     . LYS A 1 120 ? -10.327 13.169  0.510   1.00 19.58  ? 118 LYS A C     1 
ATOM   864  O O     . LYS A 1 120 ? -10.076 11.960  0.469   1.00 18.72  ? 118 LYS A O     1 
ATOM   865  C CB    . LYS A 1 120 ? -10.658 14.216  2.737   1.00 17.92  ? 118 LYS A CB    1 
ATOM   866  C CG    . LYS A 1 120 ? -11.582 14.740  3.830   1.00 32.25  ? 118 LYS A CG    1 
ATOM   867  C CD    . LYS A 1 120 ? -12.667 15.660  3.296   1.00 40.64  ? 118 LYS A CD    1 
ATOM   868  C CE    . LYS A 1 120 ? -13.307 16.576  4.321   1.00 56.54  ? 118 LYS A CE    1 
ATOM   869  N NZ    . LYS A 1 120 ? -12.396 16.910  5.444   1.00 48.73  ? 118 LYS A NZ    1 
ATOM   870  N N     . ASP A 1 121 ? -9.708  14.081  -0.224  1.00 17.54  ? 119 ASP A N     1 
ATOM   871  C CA    . ASP A 1 121 ? -8.561  13.788  -1.108  1.00 17.62  ? 119 ASP A CA    1 
ATOM   872  C C     . ASP A 1 121 ? -7.309  13.633  -0.236  1.00 18.49  ? 119 ASP A C     1 
ATOM   873  O O     . ASP A 1 121 ? -6.874  14.634  0.370   1.00 18.02  ? 119 ASP A O     1 
ATOM   874  C CB    . ASP A 1 121 ? -8.430  14.902  -2.142  1.00 19.70  ? 119 ASP A CB    1 
ATOM   875  C CG    . ASP A 1 121 ? -7.206  14.811  -3.039  1.00 29.39  ? 119 ASP A CG    1 
ATOM   876  O OD1   . ASP A 1 121 ? -6.333  13.962  -2.798  1.00 22.15  ? 119 ASP A OD1   1 
ATOM   877  O OD2   . ASP A 1 121 ? -7.125  15.627  -3.984  1.00 41.56  ? 119 ASP A OD2   1 
ATOM   878  N N     . ARG A 1 122 ? -6.801  12.401  -0.110  1.00 15.72  ? 120 ARG A N     1 
ATOM   879  C CA    . ARG A 1 122 ? -5.609  12.130  0.735   1.00 16.38  ? 120 ARG A CA    1 
ATOM   880  C C     . ARG A 1 122 ? -4.455  11.574  -0.098  1.00 14.96  ? 120 ARG A C     1 
ATOM   881  O O     . ARG A 1 122 ? -3.562  10.940  0.463   1.00 16.04  ? 120 ARG A O     1 
ATOM   882  C CB    . ARG A 1 122 ? -6.011  11.189  1.865   1.00 15.96  ? 120 ARG A CB    1 
ATOM   883  C CG    . ARG A 1 122 ? -7.029  11.795  2.817   1.00 18.26  ? 120 ARG A CG    1 
ATOM   884  C CD    . ARG A 1 122 ? -7.369  10.895  3.983   1.00 16.14  ? 120 ARG A CD    1 
ATOM   885  N NE    . ARG A 1 122 ? -8.438  11.474  4.767   1.00 13.13  ? 120 ARG A NE    1 
ATOM   886  C CZ    . ARG A 1 122 ? -8.318  12.450  5.670   1.00 14.51  ? 120 ARG A CZ    1 
ATOM   887  N NH1   . ARG A 1 122 ? -7.132  12.961  5.982   1.00 14.01  ? 120 ARG A NH1   1 
ATOM   888  N NH2   . ARG A 1 122 ? -9.392  12.889  6.299   1.00 14.00  ? 120 ARG A NH2   1 
ATOM   889  N N     . VAL A 1 123 ? -4.448  11.789  -1.412  1.00 14.20  ? 121 VAL A N     1 
ATOM   890  C CA    . VAL A 1 123 ? -3.411  11.225  -2.305  1.00 15.28  ? 121 VAL A CA    1 
ATOM   891  C C     . VAL A 1 123 ? -2.031  11.685  -1.838  1.00 16.02  ? 121 VAL A C     1 
ATOM   892  O O     . VAL A 1 123 ? -1.159  10.817  -1.619  1.00 16.23  ? 121 VAL A O     1 
ATOM   893  C CB    . VAL A 1 123 ? -3.676  11.591  -3.771  1.00 19.93  ? 121 VAL A CB    1 
ATOM   894  C CG1   . VAL A 1 123 ? -2.527  11.153  -4.666  1.00 18.57  ? 121 VAL A CG1   1 
ATOM   895  C CG2   . VAL A 1 123 ? -5.018  11.031  -4.224  1.00 18.25  ? 121 VAL A CG2   1 
ATOM   896  N N     . MET A 1 124 ? -1.800  12.999  -1.691  1.00 16.73  ? 122 MET A N     1 
ATOM   897  C CA    . MET A 1 124 ? -0.446  13.479  -1.304  1.00 17.95  ? 122 MET A CA    1 
ATOM   898  C C     . MET A 1 124 ? -0.139  13.092  0.150   1.00 14.96  ? 122 MET A C     1 
ATOM   899  O O     . MET A 1 124 ? 1.027   12.762  0.446   1.00 15.87  ? 122 MET A O     1 
ATOM   900  C CB    . MET A 1 124 ? -0.350  14.995  -1.501  1.00 21.12  ? 122 MET A CB    1 
ATOM   901  C CG    . MET A 1 124 ? -0.503  15.400  -2.969  1.00 22.70  ? 122 MET A CG    1 
ATOM   902  S SD    . MET A 1 124 ? 0.576   14.510  -4.155  1.00 31.79  ? 122 MET A SD    1 
ATOM   903  C CE    . MET A 1 124 ? 2.184   14.818  -3.433  1.00 37.45  ? 122 MET A CE    1 
ATOM   904  N N     . GLN A 1 125 ? -1.130  13.117  1.038   1.00 13.70  ? 123 GLN A N     1 
ATOM   905  C CA    . GLN A 1 125 ? -0.863  12.720  2.451   1.00 12.00  ? 123 GLN A CA    1 
ATOM   906  C C     . GLN A 1 125 ? -0.325  11.289  2.458   1.00 13.36  ? 123 GLN A C     1 
ATOM   907  O O     . GLN A 1 125 ? 0.675   10.994  3.149   1.00 13.99  ? 123 GLN A O     1 
ATOM   908  C CB    . GLN A 1 125 ? -2.143  12.808  3.256   1.00 14.69  ? 123 GLN A CB    1 
ATOM   909  C CG    . GLN A 1 125 ? -2.014  12.272  4.663   1.00 13.51  ? 123 GLN A CG    1 
ATOM   910  C CD    . GLN A 1 125 ? -3.271  12.437  5.454   1.00 12.52  ? 123 GLN A CD    1 
ATOM   911  O OE1   . GLN A 1 125 ? -4.357  12.592  4.884   1.00 15.61  ? 123 GLN A OE1   1 
ATOM   912  N NE2   . GLN A 1 125 ? -3.147  12.429  6.768   1.00 15.06  ? 123 GLN A NE2   1 
ATOM   913  N N     . SER A 1 126 ? -1.036  10.406  1.781   1.00 13.48  ? 124 SER A N     1 
ATOM   914  C CA    . SER A 1 126 ? -0.704  8.958   1.775   1.00 11.67  ? 124 SER A CA    1 
ATOM   915  C C     . SER A 1 126 ? 0.616   8.743   1.032   1.00 12.51  ? 124 SER A C     1 
ATOM   916  O O     . SER A 1 126 ? 1.494   7.979   1.499   1.00 12.94  ? 124 SER A O     1 
ATOM   917  C CB    . SER A 1 126 ? -1.866  8.181   1.169   1.00 12.71  ? 124 SER A CB    1 
ATOM   918  O OG    . SER A 1 126 ? -1.599  6.776   1.203   1.00 12.04  ? 124 SER A OG    1 
ATOM   919  N N     . LEU A 1 127 ? 0.788   9.390   -0.117  1.00 12.87  ? 125 LEU A N     1 
ATOM   920  C CA    . LEU A 1 127 ? 2.026   9.215   -0.911  1.00 12.50  ? 125 LEU A CA    1 
ATOM   921  C C     . LEU A 1 127 ? 3.237   9.676   -0.089  1.00 10.86  ? 125 LEU A C     1 
ATOM   922  O O     . LEU A 1 127 ? 4.263   9.009   -0.148  1.00 14.55  ? 125 LEU A O     1 
ATOM   923  C CB    . LEU A 1 127 ? 1.886   10.003  -2.206  1.00 13.56  ? 125 LEU A CB    1 
ATOM   924  C CG    . LEU A 1 127 ? 3.106   9.962   -3.114  1.00 16.75  ? 125 LEU A CG    1 
ATOM   925  C CD1   . LEU A 1 127 ? 3.395   8.576   -3.621  1.00 16.19  ? 125 LEU A CD1   1 
ATOM   926  C CD2   . LEU A 1 127 ? 2.888   10.934  -4.252  1.00 16.12  ? 125 LEU A CD2   1 
ATOM   927  N N     . ASN A 1 128 ? 3.141   10.791  0.623   1.00 13.18  ? 126 ASN A N     1 
ATOM   928  C CA    . ASN A 1 128 ? 4.343   11.307  1.336   1.00 18.39  ? 126 ASN A CA    1 
ATOM   929  C C     . ASN A 1 128 ? 4.719   10.333  2.464   1.00 12.66  ? 126 ASN A C     1 
ATOM   930  O O     . ASN A 1 128 ? 5.907   10.124  2.664   1.00 13.57  ? 126 ASN A O     1 
ATOM   931  C CB    . ASN A 1 128 ? 4.175   12.765  1.751   1.00 16.82  ? 126 ASN A CB    1 
ATOM   932  C CG    . ASN A 1 128 ? 4.416   13.700  0.576   1.00 19.95  ? 126 ASN A CG    1 
ATOM   933  O OD1   . ASN A 1 128 ? 5.304   13.460  -0.242  1.00 28.78  ? 126 ASN A OD1   1 
ATOM   934  N ND2   . ASN A 1 128 ? 3.643   14.768  0.492   1.00 25.38  ? 126 ASN A ND2   1 
ATOM   935  N N     . HIS A 1 129 ? 3.736   9.679   3.114   1.00 13.37  ? 127 HIS A N     1 
ATOM   936  C CA    . HIS A 1 129 ? 4.040   8.657   4.146   1.00 14.69  ? 127 HIS A CA    1 
ATOM   937  C C     . HIS A 1 129 ? 4.617   7.397   3.506   1.00 13.55  ? 127 HIS A C     1 
ATOM   938  O O     . HIS A 1 129 ? 5.501   6.766   4.117   1.00 13.40  ? 127 HIS A O     1 
ATOM   939  C CB    . HIS A 1 129 ? 2.824   8.319   4.980   1.00 12.22  ? 127 HIS A CB    1 
ATOM   940  C CG    . HIS A 1 129 ? 2.466   9.412   5.927   1.00 14.16  ? 127 HIS A CG    1 
ATOM   941  N ND1   . HIS A 1 129 ? 3.427   9.984   6.749   1.00 16.89  ? 127 HIS A ND1   1 
ATOM   942  C CD2   . HIS A 1 129 ? 1.306   10.038  6.183   1.00 17.01  ? 127 HIS A CD2   1 
ATOM   943  C CE1   . HIS A 1 129 ? 2.849   10.922  7.499   1.00 21.10  ? 127 HIS A CE1   1 
ATOM   944  N NE2   . HIS A 1 129 ? 1.540   10.972  7.182   1.00 16.31  ? 127 HIS A NE2   1 
ATOM   945  N N     . LEU A 1 130 ? 4.170   7.056   2.304   1.00 11.54  ? 128 LEU A N     1 
ATOM   946  C CA    . LEU A 1 130 ? 4.756   5.941   1.536   1.00 10.62  ? 128 LEU A CA    1 
ATOM   947  C C     . LEU A 1 130 ? 6.237   6.251   1.271   1.00 11.00  ? 128 LEU A C     1 
ATOM   948  O O     . LEU A 1 130 ? 7.105   5.411   1.597   1.00 12.69  ? 128 LEU A O     1 
ATOM   949  C CB    . LEU A 1 130 ? 3.923   5.783   0.262   1.00 11.76  ? 128 LEU A CB    1 
ATOM   950  C CG    . LEU A 1 130 ? 4.295   4.606   -0.629  1.00 14.00  ? 128 LEU A CG    1 
ATOM   951  C CD1   . LEU A 1 130 ? 3.176   4.378   -1.646  1.00 14.68  ? 128 LEU A CD1   1 
ATOM   952  C CD2   . LEU A 1 130 ? 5.599   4.827   -1.357  1.00 14.89  ? 128 LEU A CD2   1 
ATOM   953  N N     . PHE A 1 131 ? 6.551   7.455   0.771   1.00 12.37  ? 129 PHE A N     1 
ATOM   954  C CA    . PHE A 1 131 ? 7.964   7.800   0.492   1.00 14.58  ? 129 PHE A CA    1 
ATOM   955  C C     . PHE A 1 131 ? 8.794   7.715   1.777   1.00 13.70  ? 129 PHE A C     1 
ATOM   956  O O     . PHE A 1 131 ? 9.847   7.082   1.767   1.00 13.70  ? 129 PHE A O     1 
ATOM   957  C CB    . PHE A 1 131 ? 8.097   9.200   -0.098  1.00 13.19  ? 129 PHE A CB    1 
ATOM   958  C CG    . PHE A 1 131 ? 7.563   9.453   -1.477  1.00 15.53  ? 129 PHE A CG    1 
ATOM   959  C CD1   . PHE A 1 131 ? 7.761   8.548   -2.508  1.00 15.06  ? 129 PHE A CD1   1 
ATOM   960  C CD2   . PHE A 1 131 ? 6.938   10.660  -1.758  1.00 18.00  ? 129 PHE A CD2   1 
ATOM   961  C CE1   . PHE A 1 131 ? 7.327   8.829   -3.794  1.00 22.21  ? 129 PHE A CE1   1 
ATOM   962  C CE2   . PHE A 1 131 ? 6.492   10.931  -3.046  1.00 19.04  ? 129 PHE A CE2   1 
ATOM   963  C CZ    . PHE A 1 131 ? 6.690   10.018  -4.054  1.00 20.90  ? 129 PHE A CZ    1 
ATOM   964  N N     . THR A 1 132 ? 8.345   8.354   2.859   1.00 12.06  ? 130 THR A N     1 
ATOM   965  C CA    . THR A 1 132 ? 9.137   8.384   4.121   1.00 11.39  ? 130 THR A CA    1 
ATOM   966  C C     . THR A 1 132 ? 9.457   6.946   4.547   1.00 15.55  ? 130 THR A C     1 
ATOM   967  O O     . THR A 1 132 ? 10.613  6.655   4.913   1.00 15.59  ? 130 THR A O     1 
ATOM   968  C CB    . THR A 1 132 ? 8.454   9.186   5.229   1.00 14.20  ? 130 THR A CB    1 
ATOM   969  O OG1   . THR A 1 132 ? 8.137   10.485  4.724   1.00 16.08  ? 130 THR A OG1   1 
ATOM   970  C CG2   . THR A 1 132 ? 9.320   9.298   6.464   1.00 19.09  ? 130 THR A CG2   1 
ATOM   971  N N     . ALA A 1 133 ? 8.459   6.069   4.573   1.00 12.27  ? 131 ALA A N     1 
ATOM   972  C CA    . ALA A 1 133 ? 8.663   4.676   5.038   1.00 12.16  ? 131 ALA A CA    1 
ATOM   973  C C     . ALA A 1 133 ? 9.530   3.886   4.066   1.00 12.26  ? 131 ALA A C     1 
ATOM   974  O O     . ALA A 1 133 ? 10.474  3.196   4.532   1.00 13.96  ? 131 ALA A O     1 
ATOM   975  C CB    . ALA A 1 133 ? 7.332   4.020   5.262   1.00 14.54  ? 131 ALA A CB    1 
ATOM   976  N N     . LEU A 1 134 ? 9.201   3.901   2.769   1.00 12.08  ? 132 LEU A N     1 
ATOM   977  C CA    . LEU A 1 134 ? 9.845   2.993   1.796   1.00 14.28  ? 132 LEU A CA    1 
ATOM   978  C C     . LEU A 1 134 ? 11.253  3.501   1.474   1.00 13.12  ? 132 LEU A C     1 
ATOM   979  O O     . LEU A 1 134 ? 12.057  2.720   0.939   1.00 14.02  ? 132 LEU A O     1 
ATOM   980  C CB    . LEU A 1 134 ? 8.968   2.824   0.545   1.00 17.37  ? 132 LEU A CB    1 
ATOM   981  C CG    . LEU A 1 134 ? 7.859   1.767   0.665   1.00 18.04  ? 132 LEU A CG    1 
ATOM   982  C CD1   . LEU A 1 134 ? 8.453   0.365   0.711   1.00 24.89  ? 132 LEU A CD1   1 
ATOM   983  C CD2   . LEU A 1 134 ? 6.945   1.998   1.870   1.00 24.71  ? 132 LEU A CD2   1 
ATOM   984  N N     . ASP A 1 135 ? 11.551  4.738   1.879   1.00 16.10  ? 133 ASP A N     1 
ATOM   985  C CA    . ASP A 1 135 ? 12.926  5.282   1.725   1.00 14.61  ? 133 ASP A CA    1 
ATOM   986  C C     . ASP A 1 135 ? 13.894  4.463   2.597   1.00 16.32  ? 133 ASP A C     1 
ATOM   987  O O     . ASP A 1 135 ? 15.097  4.508   2.332   1.00 21.09  ? 133 ASP A O     1 
ATOM   988  C CB    . ASP A 1 135 ? 12.979  6.767   2.074   1.00 17.69  ? 133 ASP A CB    1 
ATOM   989  C CG    . ASP A 1 135 ? 12.614  7.709   0.937   1.00 19.82  ? 133 ASP A CG    1 
ATOM   990  O OD1   . ASP A 1 135 ? 12.379  7.237   -0.184  1.00 19.16  ? 133 ASP A OD1   1 
ATOM   991  O OD2   . ASP A 1 135 ? 12.579  8.932   1.196   1.00 22.72  ? 133 ASP A OD2   1 
ATOM   992  N N     . ALA A 1 136 ? 13.394  3.760   3.621   1.00 16.50  ? 134 ALA A N     1 
ATOM   993  C CA    . ALA A 1 136 ? 14.208  2.916   4.535   1.00 16.27  ? 134 ALA A CA    1 
ATOM   994  C C     . ALA A 1 136 ? 14.535  1.571   3.871   1.00 20.56  ? 134 ALA A C     1 
ATOM   995  O O     . ALA A 1 136 ? 15.296  0.820   4.467   1.00 24.03  ? 134 ALA A O     1 
ATOM   996  C CB    . ALA A 1 136 ? 13.518  2.718   5.849   1.00 21.76  ? 134 ALA A CB    1 
ATOM   997  N N     . THR A 1 137 ? 14.010  1.292   2.677   1.00 16.69  ? 135 THR A N     1 
ATOM   998  C CA    . THR A 1 137 ? 14.234  0.024   1.947   1.00 16.88  ? 135 THR A CA    1 
ATOM   999  C C     . THR A 1 137 ? 15.135  0.280   0.741   1.00 16.38  ? 135 THR A C     1 
ATOM   1000 O O     . THR A 1 137 ? 15.482  1.449   0.483   1.00 18.64  ? 135 THR A O     1 
ATOM   1001 C CB    . THR A 1 137 ? 12.910  -0.602  1.480   1.00 14.15  ? 135 THR A CB    1 
ATOM   1002 O OG1   . THR A 1 137 ? 12.454  0.093   0.319   1.00 16.07  ? 135 THR A OG1   1 
ATOM   1003 C CG2   . THR A 1 137 ? 11.838  -0.591  2.550   1.00 14.71  ? 135 THR A CG2   1 
ATOM   1004 N N     . ASP A 1 138 ? 15.489  -0.789  0.034   1.00 14.98  ? 136 ASP A N     1 
ATOM   1005 C CA    . ASP A 1 138 ? 16.226  -0.706  -1.253  1.00 17.56  ? 136 ASP A CA    1 
ATOM   1006 C C     . ASP A 1 138 ? 15.321  -1.181  -2.394  1.00 18.01  ? 136 ASP A C     1 
ATOM   1007 O O     . ASP A 1 138 ? 15.812  -1.508  -3.472  1.00 19.66  ? 136 ASP A O     1 
ATOM   1008 C CB    . ASP A 1 138 ? 17.544  -1.477  -1.155  1.00 19.58  ? 136 ASP A CB    1 
ATOM   1009 C CG    . ASP A 1 138 ? 17.391  -2.982  -1.140  1.00 28.43  ? 136 ASP A CG    1 
ATOM   1010 O OD1   . ASP A 1 138 ? 16.246  -3.442  -1.045  1.00 25.81  ? 136 ASP A OD1   1 
ATOM   1011 O OD2   . ASP A 1 138 ? 18.420  -3.677  -1.290  1.00 38.96  ? 136 ASP A OD2   1 
ATOM   1012 N N     . ALA A 1 139 ? 14.005  -1.232  -2.169  1.00 17.37  ? 137 ALA A N     1 
ATOM   1013 C CA    . ALA A 1 139 ? 13.052  -1.849  -3.108  1.00 17.82  ? 137 ALA A CA    1 
ATOM   1014 C C     . ALA A 1 139 ? 12.746  -0.911  -4.268  1.00 15.00  ? 137 ALA A C     1 
ATOM   1015 O O     . ALA A 1 139 ? 12.736  0.307   -4.083  1.00 17.15  ? 137 ALA A O     1 
ATOM   1016 C CB    . ALA A 1 139 ? 11.783  -2.216  -2.380  1.00 18.01  ? 137 ALA A CB    1 
ATOM   1017 N N     . ASP A 1 140 ? 12.461  -1.516  -5.422  1.00 15.63  ? 138 ASP A N     1 
ATOM   1018 C CA    . ASP A 1 140 ? 11.786  -0.861  -6.563  1.00 17.20  ? 138 ASP A CA    1 
ATOM   1019 C C     . ASP A 1 140 ? 10.290  -0.886  -6.263  1.00 14.25  ? 138 ASP A C     1 
ATOM   1020 O O     . ASP A 1 140 ? 9.672   -1.977  -6.256  1.00 18.94  ? 138 ASP A O     1 
ATOM   1021 C CB    . ASP A 1 140 ? 12.118  -1.546  -7.878  1.00 17.90  ? 138 ASP A CB    1 
ATOM   1022 C CG    . ASP A 1 140 ? 13.589  -1.412  -8.223  1.00 23.05  ? 138 ASP A CG    1 
ATOM   1023 O OD1   . ASP A 1 140 ? 14.163  -0.342  -7.921  1.00 24.06  ? 138 ASP A OD1   1 
ATOM   1024 O OD2   . ASP A 1 140 ? 14.146  -2.386  -8.765  1.00 29.71  ? 138 ASP A OD2   1 
ATOM   1025 N N     . VAL A 1 141 ? 9.768   0.289   -6.012  1.00 14.95  ? 139 VAL A N     1 
ATOM   1026 C CA    . VAL A 1 141 ? 8.346   0.479   -5.612  1.00 13.69  ? 139 VAL A CA    1 
ATOM   1027 C C     . VAL A 1 141 ? 7.586   0.943   -6.850  1.00 16.91  ? 139 VAL A C     1 
ATOM   1028 O O     . VAL A 1 141 ? 8.007   1.904   -7.472  1.00 19.10  ? 139 VAL A O     1 
ATOM   1029 C CB    . VAL A 1 141 ? 8.203   1.506   -4.483  1.00 13.34  ? 139 VAL A CB    1 
ATOM   1030 C CG1   . VAL A 1 141 ? 6.738   1.732   -4.105  1.00 19.21  ? 139 VAL A CG1   1 
ATOM   1031 C CG2   . VAL A 1 141 ? 9.048   1.117   -3.276  1.00 15.93  ? 139 VAL A CG2   1 
ATOM   1032 N N     . VAL A 1 142 ? 6.444   0.310   -7.121  1.00 14.00  ? 140 VAL A N     1 
ATOM   1033 C CA    . VAL A 1 142 ? 5.527   0.734   -8.204  1.00 13.28  ? 140 VAL A CA    1 
ATOM   1034 C C     . VAL A 1 142 ? 4.196   1.051   -7.559  1.00 14.16  ? 140 VAL A C     1 
ATOM   1035 O O     . VAL A 1 142 ? 3.593   0.138   -6.959  1.00 14.64  ? 140 VAL A O     1 
ATOM   1036 C CB    . VAL A 1 142 ? 5.414   -0.306  -9.310  1.00 15.18  ? 140 VAL A CB    1 
ATOM   1037 C CG1   . VAL A 1 142 ? 4.564   0.204   -10.470 1.00 15.38  ? 140 VAL A CG1   1 
ATOM   1038 C CG2   . VAL A 1 142 ? 6.785   -0.727  -9.809  1.00 17.91  ? 140 VAL A CG2   1 
ATOM   1039 N N     . ILE A 1 143 ? 3.803   2.313   -7.627  1.00 14.59  ? 141 ILE A N     1 
ATOM   1040 C CA    . ILE A 1 143 ? 2.532   2.797   -7.035  1.00 15.18  ? 141 ILE A CA    1 
ATOM   1041 C C     . ILE A 1 143 ? 1.436   2.594   -8.074  1.00 15.38  ? 141 ILE A C     1 
ATOM   1042 O O     . ILE A 1 143 ? 1.649   2.964   -9.241  1.00 15.43  ? 141 ILE A O     1 
ATOM   1043 C CB    . ILE A 1 143 ? 2.681   4.269   -6.617  1.00 15.44  ? 141 ILE A CB    1 
ATOM   1044 C CG1   . ILE A 1 143 ? 3.800   4.435   -5.586  1.00 16.48  ? 141 ILE A CG1   1 
ATOM   1045 C CG2   . ILE A 1 143 ? 1.360   4.846   -6.121  1.00 16.57  ? 141 ILE A CG2   1 
ATOM   1046 C CD1   . ILE A 1 143 ? 4.390   5.814   -5.523  1.00 20.09  ? 141 ILE A CD1   1 
ATOM   1047 N N     . TYR A 1 144 ? 0.318   1.990   -7.687  1.00 15.06  ? 142 TYR A N     1 
ATOM   1048 C CA    . TYR A 1 144 ? -0.816  1.721   -8.604  1.00 13.21  ? 142 TYR A CA    1 
ATOM   1049 C C     . TYR A 1 144 ? -1.972  2.620   -8.207  1.00 16.52  ? 142 TYR A C     1 
ATOM   1050 O O     . TYR A 1 144 ? -2.216  2.853   -7.005  1.00 18.44  ? 142 TYR A O     1 
ATOM   1051 C CB    . TYR A 1 144 ? -1.216  0.243   -8.613  1.00 14.78  ? 142 TYR A CB    1 
ATOM   1052 C CG    . TYR A 1 144 ? -0.239  -0.606  -9.372  1.00 16.85  ? 142 TYR A CG    1 
ATOM   1053 C CD1   . TYR A 1 144 ? 0.971   -0.951  -8.810  1.00 15.37  ? 142 TYR A CD1   1 
ATOM   1054 C CD2   . TYR A 1 144 ? -0.497  -1.047  -10.667 1.00 20.85  ? 142 TYR A CD2   1 
ATOM   1055 C CE1   . TYR A 1 144 ? 1.916   -1.691  -9.495  1.00 18.48  ? 142 TYR A CE1   1 
ATOM   1056 C CE2   . TYR A 1 144 ? 0.432   -1.806  -11.355 1.00 18.93  ? 142 TYR A CE2   1 
ATOM   1057 C CZ    . TYR A 1 144 ? 1.655   -2.121  -10.780 1.00 20.79  ? 142 TYR A CZ    1 
ATOM   1058 O OH    . TYR A 1 144 ? 2.635   -2.855  -11.408 1.00 24.28  ? 142 TYR A OH    1 
ATOM   1059 N N     . CYS A 1 145 ? -2.675  3.142   -9.221  1.00 14.24  ? 143 CYS A N     1 
ATOM   1060 C CA    . CYS A 1 145 ? -3.896  3.967   -9.052  1.00 14.84  ? 143 CYS A CA    1 
ATOM   1061 C C     . CYS A 1 145 ? -4.786  3.755   -10.285 1.00 15.46  ? 143 CYS A C     1 
ATOM   1062 O O     . CYS A 1 145 ? -4.348  3.027   -11.203 1.00 15.34  ? 143 CYS A O     1 
ATOM   1063 C CB    . CYS A 1 145 ? -3.568  5.437   -8.835  1.00 19.00  ? 143 CYS A CB    1 
ATOM   1064 S SG    . CYS A 1 145 ? -2.863  6.242   -10.296 1.00 20.90  ? 143 CYS A SG    1 
ATOM   1065 N N     . ARG A 1 146 ? -6.012  4.283   -10.223 1.00 18.52  ? 144 ARG A N     1 
ATOM   1066 C CA    . ARG A 1 146 ? -7.005  4.169   -11.319 1.00 18.46  ? 144 ARG A CA    1 
ATOM   1067 C C     . ARG A 1 146 ? -7.278  5.539   -11.944 1.00 24.25  ? 144 ARG A C     1 
ATOM   1068 O O     . ARG A 1 146 ? -7.681  5.568   -13.115 1.00 29.15  ? 144 ARG A O     1 
ATOM   1069 C CB    . ARG A 1 146 ? -8.290  3.530   -10.793 1.00 22.18  ? 144 ARG A CB    1 
ATOM   1070 C CG    . ARG A 1 146 ? -8.207  2.022   -10.595 1.00 40.73  ? 144 ARG A CG    1 
ATOM   1071 C CD    . ARG A 1 146 ? -9.575  1.401   -10.822 1.00 89.05  ? 144 ARG A CD    1 
ATOM   1072 N NE    . ARG A 1 146 ? -9.641  -0.056  -10.768 1.00 100.55 ? 144 ARG A NE    1 
ATOM   1073 C CZ    . ARG A 1 146 ? -9.181  -0.892  -11.700 1.00 53.91  ? 144 ARG A CZ    1 
ATOM   1074 N NH1   . ARG A 1 146 ? -8.561  -0.439  -12.780 1.00 59.13  ? 144 ARG A NH1   1 
ATOM   1075 N NH2   . ARG A 1 146 ? -9.341  -2.196  -11.541 1.00 84.77  ? 144 ARG A NH2   1 
ATOM   1076 N N     . ASP A 1 147 ? -7.040  6.615   -11.213 1.00 21.99  ? 145 ASP A N     1 
ATOM   1077 C CA    . ASP A 1 147 ? -7.482  7.981   -11.584 1.00 19.44  ? 145 ASP A CA    1 
ATOM   1078 C C     . ASP A 1 147 ? -6.362  8.709   -12.333 1.00 20.64  ? 145 ASP A C     1 
ATOM   1079 O O     . ASP A 1 147 ? -5.226  8.770   -11.838 1.00 21.79  ? 145 ASP A O     1 
ATOM   1080 C CB    . ASP A 1 147 ? -7.917  8.713   -10.324 1.00 17.76  ? 145 ASP A CB    1 
ATOM   1081 C CG    . ASP A 1 147 ? -8.406  10.131  -10.563 1.00 22.87  ? 145 ASP A CG    1 
ATOM   1082 O OD1   . ASP A 1 147 ? -7.590  10.954  -11.003 1.00 25.14  ? 145 ASP A OD1   1 
ATOM   1083 O OD2   . ASP A 1 147 ? -9.584  10.387  -10.273 1.00 26.20  ? 145 ASP A OD2   1 
ATOM   1084 N N     . LYS A 1 148 ? -6.676  9.306   -13.489 1.00 19.33  ? 146 LYS A N     1 
ATOM   1085 C CA    . LYS A 1 148 ? -5.697  10.037  -14.330 1.00 18.28  ? 146 LYS A CA    1 
ATOM   1086 C C     . LYS A 1 148 ? -5.160  11.278  -13.602 1.00 15.90  ? 146 LYS A C     1 
ATOM   1087 O O     . LYS A 1 148 ? -3.964  11.604  -13.791 1.00 20.11  ? 146 LYS A O     1 
ATOM   1088 C CB    . LYS A 1 148 ? -6.354  10.442  -15.659 1.00 23.28  ? 146 LYS A CB    1 
ATOM   1089 C CG    . LYS A 1 148 ? -5.451  11.196  -16.626 1.00 38.41  ? 146 LYS A CG    1 
ATOM   1090 C CD    . LYS A 1 148 ? -6.164  11.805  -17.820 1.00 66.12  ? 146 LYS A CD    1 
ATOM   1091 C CE    . LYS A 1 148 ? -5.217  12.507  -18.773 1.00 59.44  ? 146 LYS A CE    1 
ATOM   1092 N NZ    . LYS A 1 148 ? -4.282  11.560  -19.428 1.00 88.33  ? 146 LYS A NZ    1 
ATOM   1093 N N     . ASN A 1 149 ? -6.011  11.969  -12.844 1.00 19.60  ? 147 ASN A N     1 
ATOM   1094 C CA    . ASN A 1 149 ? -5.605  13.192  -12.101 1.00 18.97  ? 147 ASN A CA    1 
ATOM   1095 C C     . ASN A 1 149 ? -4.660  12.756  -10.984 1.00 19.25  ? 147 ASN A C     1 
ATOM   1096 O O     . ASN A 1 149 ? -3.635  13.436  -10.788 1.00 22.29  ? 147 ASN A O     1 
ATOM   1097 C CB    . ASN A 1 149 ? -6.795  13.980  -11.576 1.00 21.62  ? 147 ASN A CB    1 
ATOM   1098 C CG    . ASN A 1 149 ? -7.603  14.568  -12.704 1.00 20.69  ? 147 ASN A CG    1 
ATOM   1099 O OD1   . ASN A 1 149 ? -7.027  15.056  -13.671 1.00 25.85  ? 147 ASN A OD1   1 
ATOM   1100 N ND2   . ASN A 1 149 ? -8.910  14.543  -12.567 1.00 21.72  ? 147 ASN A ND2   1 
ATOM   1101 N N     . TRP A 1 150 ? -4.946  11.633  -10.332 1.00 21.49  ? 148 TRP A N     1 
ATOM   1102 C CA    . TRP A 1 150 ? -4.027  11.078  -9.297  1.00 22.20  ? 148 TRP A CA    1 
ATOM   1103 C C     . TRP A 1 150 ? -2.693  10.722  -9.934  1.00 18.96  ? 148 TRP A C     1 
ATOM   1104 O O     . TRP A 1 150 ? -1.635  11.035  -9.342  1.00 18.65  ? 148 TRP A O     1 
ATOM   1105 C CB    . TRP A 1 150 ? -4.573  9.812   -8.668  1.00 21.80  ? 148 TRP A CB    1 
ATOM   1106 C CG    . TRP A 1 150 ? -5.749  9.988   -7.785  1.00 24.15  ? 148 TRP A CG    1 
ATOM   1107 C CD1   . TRP A 1 150 ? -6.681  10.979  -7.808  1.00 25.59  ? 148 TRP A CD1   1 
ATOM   1108 C CD2   . TRP A 1 150 ? -6.131  9.078   -6.746  1.00 25.68  ? 148 TRP A CD2   1 
ATOM   1109 N NE1   . TRP A 1 150 ? -7.612  10.761  -6.830  1.00 37.94  ? 148 TRP A NE1   1 
ATOM   1110 C CE2   . TRP A 1 150 ? -7.307  9.595   -6.174  1.00 30.34  ? 148 TRP A CE2   1 
ATOM   1111 C CE3   . TRP A 1 150 ? -5.568  7.909   -6.229  1.00 28.82  ? 148 TRP A CE3   1 
ATOM   1112 C CZ2   . TRP A 1 150 ? -7.941  8.970   -5.103  1.00 38.50  ? 148 TRP A CZ2   1 
ATOM   1113 C CZ3   . TRP A 1 150 ? -6.197  7.290   -5.173  1.00 35.84  ? 148 TRP A CZ3   1 
ATOM   1114 C CH2   . TRP A 1 150 ? -7.375  7.808   -4.637  1.00 30.70  ? 148 TRP A CH2   1 
ATOM   1115 N N     . GLU A 1 151 ? -2.733  9.994   -11.045 1.00 16.70  ? 149 GLU A N     1 
ATOM   1116 C CA    . GLU A 1 151 ? -1.513  9.512   -11.723 1.00 17.03  ? 149 GLU A CA    1 
ATOM   1117 C C     . GLU A 1 151 ? -0.597  10.720  -11.966 1.00 21.82  ? 149 GLU A C     1 
ATOM   1118 O O     . GLU A 1 151 ? 0.598   10.639  -11.682 1.00 20.48  ? 149 GLU A O     1 
ATOM   1119 C CB    . GLU A 1 151 ? -1.856  8.795   -13.022 1.00 20.20  ? 149 GLU A CB    1 
ATOM   1120 C CG    . GLU A 1 151 ? -0.652  8.199   -13.732 1.00 19.95  ? 149 GLU A CG    1 
ATOM   1121 C CD    . GLU A 1 151 ? -0.916  7.735   -15.160 1.00 27.41  ? 149 GLU A CD    1 
ATOM   1122 O OE1   . GLU A 1 151 ? -1.965  8.116   -15.725 1.00 27.58  ? 149 GLU A OE1   1 
ATOM   1123 O OE2   . GLU A 1 151 ? -0.085  6.971   -15.701 1.00 27.42  ? 149 GLU A OE2   1 
ATOM   1124 N N     . LYS A 1 152 ? -1.157  11.841  -12.437 1.00 21.30  ? 150 LYS A N     1 
ATOM   1125 C CA    . LYS A 1 152 ? -0.335  13.035  -12.748 1.00 22.22  ? 150 LYS A CA    1 
ATOM   1126 C C     . LYS A 1 152 ? 0.307   13.585  -11.468 1.00 21.63  ? 150 LYS A C     1 
ATOM   1127 O O     . LYS A 1 152 ? 1.523   13.880  -11.511 1.00 24.96  ? 150 LYS A O     1 
ATOM   1128 C CB    . LYS A 1 152 ? -1.180  14.093  -13.467 1.00 27.59  ? 150 LYS A CB    1 
ATOM   1129 C CG    . LYS A 1 152 ? -0.372  15.292  -13.942 1.00 40.49  ? 150 LYS A CG    1 
ATOM   1130 C CD    . LYS A 1 152 ? -1.138  16.255  -14.809 1.00 57.17  ? 150 LYS A CD    1 
ATOM   1131 C CE    . LYS A 1 152 ? -0.314  17.478  -15.155 1.00 72.63  ? 150 LYS A CE    1 
ATOM   1132 N NZ    . LYS A 1 152 ? -1.110  18.484  -15.893 1.00 88.81  ? 150 LYS A NZ    1 
ATOM   1133 N N     . LYS A 1 153 ? -0.485  13.733  -10.405 1.00 22.97  ? 151 LYS A N     1 
ATOM   1134 C CA    . LYS A 1 153 ? -0.063  14.297  -9.095  1.00 23.91  ? 151 LYS A CA    1 
ATOM   1135 C C     . LYS A 1 153 ? 1.032   13.406  -8.527  1.00 24.49  ? 151 LYS A C     1 
ATOM   1136 O O     . LYS A 1 153 ? 2.041   13.934  -8.024  1.00 22.86  ? 151 LYS A O     1 
ATOM   1137 C CB    . LYS A 1 153 ? -1.221  14.355  -8.098  1.00 35.70  ? 151 LYS A CB    1 
ATOM   1138 C CG    . LYS A 1 153 ? -2.276  15.412  -8.369  1.00 43.27  ? 151 LYS A CG    1 
ATOM   1139 C CD    . LYS A 1 153 ? -3.378  15.378  -7.339  1.00 35.75  ? 151 LYS A CD    1 
ATOM   1140 C CE    . LYS A 1 153 ? -4.564  16.255  -7.686  1.00 78.29  ? 151 LYS A CE    1 
ATOM   1141 N NZ    . LYS A 1 153 ? -5.663  16.089  -6.706  1.00 90.30  ? 151 LYS A NZ    1 
ATOM   1142 N N     . ILE A 1 154 ? 0.840   12.093  -8.605  1.00 17.21  ? 152 ILE A N     1 
ATOM   1143 C CA    . ILE A 1 154 ? 1.875   11.143  -8.087  1.00 22.08  ? 152 ILE A CA    1 
ATOM   1144 C C     . ILE A 1 154 ? 3.173   11.281  -8.899  1.00 22.90  ? 152 ILE A C     1 
ATOM   1145 O O     . ILE A 1 154 ? 4.249   11.416  -8.287  1.00 20.46  ? 152 ILE A O     1 
ATOM   1146 C CB    . ILE A 1 154 ? 1.346   9.704   -8.069  1.00 21.13  ? 152 ILE A CB    1 
ATOM   1147 C CG1   . ILE A 1 154 ? 0.136   9.574   -7.148  1.00 20.02  ? 152 ILE A CG1   1 
ATOM   1148 C CG2   . ILE A 1 154 ? 2.461   8.716   -7.724  1.00 18.31  ? 152 ILE A CG2   1 
ATOM   1149 C CD1   . ILE A 1 154 ? -0.661  8.315   -7.387  1.00 18.14  ? 152 ILE A CD1   1 
ATOM   1150 N N     . GLN A 1 155 ? 3.107   11.258  -10.232 1.00 19.89  ? 153 GLN A N     1 
ATOM   1151 C CA    . GLN A 1 155 ? 4.318   11.372  -11.075 1.00 24.31  ? 153 GLN A CA    1 
ATOM   1152 C C     . GLN A 1 155 ? 5.058   12.688  -10.785 1.00 20.73  ? 153 GLN A C     1 
ATOM   1153 O O     . GLN A 1 155 ? 6.301   12.625  -10.714 1.00 24.43  ? 153 GLN A O     1 
ATOM   1154 C CB    . GLN A 1 155 ? 3.956   11.326  -12.556 1.00 24.72  ? 153 GLN A CB    1 
ATOM   1155 C CG    . GLN A 1 155 ? 5.192   11.319  -13.446 1.00 27.25  ? 153 GLN A CG    1 
ATOM   1156 C CD    . GLN A 1 155 ? 6.025   10.085  -13.225 1.00 24.75  ? 153 GLN A CD    1 
ATOM   1157 O OE1   . GLN A 1 155 ? 5.611   8.980   -13.538 1.00 30.43  ? 153 GLN A OE1   1 
ATOM   1158 N NE2   . GLN A 1 155 ? 7.222   10.266  -12.689 1.00 32.56  ? 153 GLN A NE2   1 
ATOM   1159 N N     . GLU A 1 156 ? 4.327   13.801  -10.623 1.00 21.96  ? 154 GLU A N     1 
ATOM   1160 C CA    . GLU A 1 156 ? 4.895   15.152  -10.333 1.00 24.63  ? 154 GLU A CA    1 
ATOM   1161 C C     . GLU A 1 156 ? 5.697   15.082  -9.030  1.00 33.33  ? 154 GLU A C     1 
ATOM   1162 O O     . GLU A 1 156 ? 6.816   15.616  -8.981  1.00 29.09  ? 154 GLU A O     1 
ATOM   1163 C CB    . GLU A 1 156 ? 3.794   16.202  -10.192 1.00 29.60  ? 154 GLU A CB    1 
ATOM   1164 C CG    . GLU A 1 156 ? 3.229   16.704  -11.510 1.00 48.05  ? 154 GLU A CG    1 
ATOM   1165 C CD    . GLU A 1 156 ? 1.980   17.563  -11.393 1.00 73.26  ? 154 GLU A CD    1 
ATOM   1166 O OE1   . GLU A 1 156 ? 1.601   17.917  -10.255 1.00 78.72  ? 154 GLU A OE1   1 
ATOM   1167 O OE2   . GLU A 1 156 ? 1.387   17.875  -12.442 1.00 63.53  ? 154 GLU A OE2   1 
ATOM   1168 N N     . ALA A 1 157 ? 5.131   14.429  -8.013  1.00 25.12  ? 155 ALA A N     1 
ATOM   1169 C CA    . ALA A 1 157 ? 5.738   14.283  -6.665  1.00 30.80  ? 155 ALA A CA    1 
ATOM   1170 C C     . ALA A 1 157 ? 7.005   13.431  -6.764  1.00 30.02  ? 155 ALA A C     1 
ATOM   1171 O O     . ALA A 1 157 ? 8.020   13.773  -6.107  1.00 28.63  ? 155 ALA A O     1 
ATOM   1172 C CB    . ALA A 1 157 ? 4.738   13.670  -5.719  1.00 26.46  ? 155 ALA A CB    1 
ATOM   1173 N N     . ILE A 1 158 ? 6.958   12.345  -7.536  1.00 24.42  ? 156 ILE A N     1 
ATOM   1174 C CA    . ILE A 1 158 ? 8.132   11.459  -7.761  1.00 24.41  ? 156 ILE A CA    1 
ATOM   1175 C C     . ILE A 1 158 ? 9.240   12.284  -8.426  1.00 44.92  ? 156 ILE A C     1 
ATOM   1176 O O     . ILE A 1 158 ? 10.424  12.151  -8.033  1.00 27.75  ? 156 ILE A O     1 
ATOM   1177 C CB    . ILE A 1 158 ? 7.768   10.224  -8.605  1.00 27.89  ? 156 ILE A CB    1 
ATOM   1178 C CG1   . ILE A 1 158 ? 6.815   9.293   -7.844  1.00 21.15  ? 156 ILE A CG1   1 
ATOM   1179 C CG2   . ILE A 1 158 ? 9.024   9.489   -9.054  1.00 26.96  ? 156 ILE A CG2   1 
ATOM   1180 C CD1   . ILE A 1 158 ? 6.318   8.136   -8.655  1.00 21.45  ? 156 ILE A CD1   1 
ATOM   1181 N N     . ASP A 1 159 ? 8.871   13.090  -9.422  1.00 29.10  ? 157 ASP A N     1 
ATOM   1182 C CA    . ASP A 1 159 ? 9.851   13.835  -10.257 1.00 38.13  ? 157 ASP A CA    1 
ATOM   1183 C C     . ASP A 1 159 ? 10.573  14.861  -9.376  1.00 38.79  ? 157 ASP A C     1 
ATOM   1184 O O     . ASP A 1 159 ? 11.810  14.974  -9.494  1.00 38.78  ? 157 ASP A O     1 
ATOM   1185 C CB    . ASP A 1 159 ? 9.172   14.453  -11.482 1.00 29.10  ? 157 ASP A CB    1 
ATOM   1186 C CG    . ASP A 1 159 ? 8.731   13.434  -12.518 1.00 34.53  ? 157 ASP A CG    1 
ATOM   1187 O OD1   . ASP A 1 159 ? 9.249   12.295  -12.493 1.00 36.15  ? 157 ASP A OD1   1 
ATOM   1188 O OD2   . ASP A 1 159 ? 7.860   13.779  -13.329 1.00 37.81  ? 157 ASP A OD2   1 
ATOM   1189 N N     . ARG A 1 160 ? 9.839   15.548  -8.504  1.00 30.64  ? 158 ARG A N     1 
ATOM   1190 C CA    . ARG A 1 160 ? 10.403  16.570  -7.583  1.00 40.22  ? 158 ARG A CA    1 
ATOM   1191 C C     . ARG A 1 160 ? 11.546  15.942  -6.773  1.00 50.69  ? 158 ARG A C     1 
ATOM   1192 O O     . ARG A 1 160 ? 12.574  16.605  -6.613  1.00 44.75  ? 158 ARG A O     1 
ATOM   1193 C CB    . ARG A 1 160 ? 9.322   17.142  -6.662  1.00 35.37  ? 158 ARG A CB    1 
ATOM   1194 C CG    . ARG A 1 160 ? 8.386   18.139  -7.328  1.00 52.26  ? 158 ARG A CG    1 
ATOM   1195 C CD    . ARG A 1 160 ? 7.292   18.610  -6.385  1.00 68.03  ? 158 ARG A CD    1 
ATOM   1196 N NE    . ARG A 1 160 ? 6.093   19.048  -7.091  1.00 60.65  ? 158 ARG A NE    1 
ATOM   1197 C CZ    . ARG A 1 160 ? 5.051   19.662  -6.529  1.00 127.93 ? 158 ARG A CZ    1 
ATOM   1198 N NH1   . ARG A 1 160 ? 5.045   19.930  -5.233  1.00 76.43  ? 158 ARG A NH1   1 
ATOM   1199 N NH2   . ARG A 1 160 ? 4.015   20.016  -7.271  1.00 54.69  ? 158 ARG A NH2   1 
ATOM   1200 N N     . ARG A 1 161 ? 11.391  14.697  -6.311  1.00 46.90  ? 159 ARG A N     1 
ATOM   1201 C CA    . ARG A 1 161 ? 12.365  14.030  -5.401  1.00 40.68  ? 159 ARG A CA    1 
ATOM   1202 C C     . ARG A 1 161 ? 13.739  13.954  -6.071  1.00 48.68  ? 159 ARG A C     1 
ATOM   1203 O O     . ARG A 1 161 ? 14.745  14.067  -5.348  1.00 65.28  ? 159 ARG A O     1 
ATOM   1204 C CB    . ARG A 1 161 ? 11.911  12.621  -5.015  1.00 41.48  ? 159 ARG A CB    1 
ATOM   1205 C CG    . ARG A 1 161 ? 10.487  12.548  -4.490  1.00 46.37  ? 159 ARG A CG    1 
ATOM   1206 C CD    . ARG A 1 161 ? 10.281  11.253  -3.735  1.00 40.54  ? 159 ARG A CD    1 
ATOM   1207 N NE    . ARG A 1 161 ? 10.549  11.439  -2.317  1.00 41.14  ? 159 ARG A NE    1 
ATOM   1208 C CZ    . ARG A 1 161 ? 11.153  10.559  -1.524  1.00 27.02  ? 159 ARG A CZ    1 
ATOM   1209 N NH1   . ARG A 1 161 ? 11.593  9.406   -2.004  1.00 35.42  ? 159 ARG A NH1   1 
ATOM   1210 N NH2   . ARG A 1 161 ? 11.325  10.851  -0.243  1.00 30.97  ? 159 ARG A NH2   1 
ATOM   1211 N N     . THR A 1 162 ? 13.769  13.732  -7.388  1.00 62.35  ? 160 THR A N     1 
ATOM   1212 C CA    . THR A 1 162 ? 14.968  13.925  -8.247  1.00 75.93  ? 160 THR A CA    1 
ATOM   1213 C C     . THR A 1 162 ? 15.302  15.420  -8.278  1.00 51.02  ? 160 THR A C     1 
ATOM   1214 O O     . THR A 1 162 ? 16.455  15.828  -8.394  1.00 84.60  ? 160 THR A O     1 
ATOM   1215 C CB    . THR A 1 162 ? 14.747  13.375  -9.661  1.00 85.88  ? 160 THR A CB    1 
ATOM   1216 O OG1   . THR A 1 162 ? 14.170  12.073  -9.550  1.00 84.49  ? 160 THR A OG1   1 
ATOM   1217 C CG2   . THR A 1 162 ? 16.023  13.312  -10.473 1.00 104.80 ? 160 THR A CG2   1 
HETATM 1218 O "O5'" . JNT B 2 .   ? -7.950  1.656   -2.373  1.00 19.62  ? 201 JNT A "O5'" 1 
HETATM 1219 C "C5'" . JNT B 2 .   ? -6.911  2.613   -2.272  1.00 27.53  ? 201 JNT A "C5'" 1 
HETATM 1220 C "C4'" . JNT B 2 .   ? -6.738  3.274   -3.612  1.00 36.19  ? 201 JNT A "C4'" 1 
HETATM 1221 O "O4'" . JNT B 2 .   ? -6.440  2.369   -4.669  1.00 28.46  ? 201 JNT A "O4'" 1 
HETATM 1222 C "C3'" . JNT B 2 .   ? -8.039  3.880   -3.983  1.00 25.13  ? 201 JNT A "C3'" 1 
HETATM 1223 O "O3'" . JNT B 2 .   ? -7.895  5.289   -3.968  1.00 44.90  ? 201 JNT A "O3'" 1 
HETATM 1224 C "C2'" . JNT B 2 .   ? -8.493  3.355   -5.330  1.00 45.30  ? 201 JNT A "C2'" 1 
HETATM 1225 O "O2'" . JNT B 2 .   ? -8.845  4.365   -6.279  1.00 35.61  ? 201 JNT A "O2'" 1 
HETATM 1226 C "C1'" . JNT B 2 .   ? -7.279  2.603   -5.799  1.00 22.91  ? 201 JNT A "C1'" 1 
HETATM 1227 N N9    . JNT B 2 .   ? -7.602  1.237   -6.282  1.00 19.66  ? 201 JNT A N9    1 
HETATM 1228 C C8    . JNT B 2 .   ? -8.651  0.477   -5.919  1.00 19.70  ? 201 JNT A C8    1 
HETATM 1229 N N7    . JNT B 2 .   ? -8.632  -0.712  -6.520  1.00 17.79  ? 201 JNT A N7    1 
HETATM 1230 C C5    . JNT B 2 .   ? -7.513  -0.717  -7.298  1.00 14.10  ? 201 JNT A C5    1 
HETATM 1231 C C4    . JNT B 2 .   ? -6.843  0.561   -7.149  1.00 15.86  ? 201 JNT A C4    1 
HETATM 1232 N N3    . JNT B 2 .   ? -5.691  0.831   -7.831  1.00 16.56  ? 201 JNT A N3    1 
HETATM 1233 C C2    . JNT B 2 .   ? -5.205  -0.114  -8.652  1.00 17.20  ? 201 JNT A C2    1 
HETATM 1234 N N1    . JNT B 2 .   ? -5.784  -1.323  -8.786  1.00 16.85  ? 201 JNT A N1    1 
HETATM 1235 C C6    . JNT B 2 .   ? -6.928  -1.674  -8.195  1.00 17.03  ? 201 JNT A C6    1 
HETATM 1236 N N6    . JNT B 2 .   ? -7.502  -2.885  -8.346  1.00 20.27  ? 201 JNT A N6    1 
HETATM 1237 O O1C   . JNT B 2 .   ? -9.440  -5.092  2.049   1.00 17.77  ? 201 JNT A O1C   1 
HETATM 1238 C C1A   . JNT B 2 .   ? -10.514 -4.762  1.417   1.00 15.22  ? 201 JNT A C1A   1 
HETATM 1239 C C2A   . JNT B 2 .   ? -10.619 -3.287  1.035   1.00 16.72  ? 201 JNT A C2A   1 
HETATM 1240 O O2C   . JNT B 2 .   ? -9.502  -2.950  0.187   1.00 15.17  ? 201 JNT A O2C   1 
HETATM 1241 C C3A   . JNT B 2 .   ? -10.610 -2.403  2.297   1.00 14.85  ? 201 JNT A C3A   1 
HETATM 1242 O O3C   . JNT B 2 .   ? -11.711 -2.684  3.218   1.00 17.43  ? 201 JNT A O3C   1 
HETATM 1243 C C4A   . JNT B 2 .   ? -10.691 -0.902  2.013   1.00 13.21  ? 201 JNT A C4A   1 
HETATM 1244 O O4C   . JNT B 2 .   ? -11.170 -0.597  0.706   1.00 14.80  ? 201 JNT A O4C   1 
HETATM 1245 C C5A   . JNT B 2 .   ? -9.367  -0.170  2.190   1.00 13.35  ? 201 JNT A C5A   1 
HETATM 1246 O O5A   . JNT B 2 .   ? -9.570  1.257   2.109   1.00 11.03  ? 201 JNT A O5A   1 
HETATM 1247 P PB    . JNT B 2 .   ? -8.417  2.224   1.569   1.00 12.97  ? 201 JNT A PB    1 
HETATM 1248 O O2B   . JNT B 2 .   ? -7.160  1.975   2.390   1.00 13.16  ? 201 JNT A O2B   1 
HETATM 1249 O O1B   . JNT B 2 .   ? -8.954  3.617   1.515   1.00 11.93  ? 201 JNT A O1B   1 
HETATM 1250 O O3A   . JNT B 2 .   ? -8.041  1.738   0.097   1.00 14.01  ? 201 JNT A O3A   1 
HETATM 1251 P PA    . JNT B 2 .   ? -8.966  1.364   -1.173  1.00 14.25  ? 201 JNT A PA    1 
HETATM 1252 O O1A   . JNT B 2 .   ? -10.162 2.255   -1.221  1.00 15.58  ? 201 JNT A O1A   1 
HETATM 1253 O O2A   . JNT B 2 .   ? -9.225  -0.086  -1.179  1.00 13.88  ? 201 JNT A O2A   1 
HETATM 1254 C C1    . EDO C 3 .   ? 11.614  0.361   8.392   1.00 33.58  ? 202 EDO A C1    1 
HETATM 1255 O O1    . EDO C 3 .   ? 10.233  0.312   8.765   1.00 23.19  ? 202 EDO A O1    1 
HETATM 1256 C C2    . EDO C 3 .   ? 12.320  -0.963  8.302   1.00 22.49  ? 202 EDO A C2    1 
HETATM 1257 O O2    . EDO C 3 .   ? 12.811  -1.294  6.990   1.00 36.88  ? 202 EDO A O2    1 
HETATM 1258 O O     . HOH D 4 .   ? -10.161 4.938   -4.245  1.00 33.24  ? 301 HOH A O     1 
HETATM 1259 O O     . HOH D 4 .   ? 16.188  -2.069  -10.195 1.00 37.50  ? 302 HOH A O     1 
HETATM 1260 O O     . HOH D 4 .   ? -6.682  17.155  0.256   1.00 36.89  ? 303 HOH A O     1 
HETATM 1261 O O     . HOH D 4 .   ? 2.372   6.405   -15.300 1.00 29.65  ? 304 HOH A O     1 
HETATM 1262 O O     . HOH D 4 .   ? -11.966 2.085   -3.034  1.00 29.85  ? 305 HOH A O     1 
HETATM 1263 O O     . HOH D 4 .   ? 10.340  -14.444 3.980   1.00 29.65  ? 306 HOH A O     1 
HETATM 1264 O O     . HOH D 4 .   ? -16.419 -10.994 -0.120  1.00 29.16  ? 307 HOH A O     1 
HETATM 1265 O O     . HOH D 4 .   ? -5.406  -13.576 -14.143 1.00 40.14  ? 308 HOH A O     1 
HETATM 1266 O O     . HOH D 4 .   ? 16.412  6.218   0.863   1.00 30.32  ? 309 HOH A O     1 
HETATM 1267 O O     . HOH D 4 .   ? -4.683  13.632  8.867   1.00 18.71  ? 310 HOH A O     1 
HETATM 1268 O O     . HOH D 4 .   ? 19.229  2.228   0.170   1.00 34.71  ? 311 HOH A O     1 
HETATM 1269 O O     . HOH D 4 .   ? 2.649   14.334  9.302   1.00 19.05  ? 312 HOH A O     1 
HETATM 1270 O O     . HOH D 4 .   ? 12.421  -10.250 -6.959  1.00 30.30  ? 313 HOH A O     1 
HETATM 1271 O O     . HOH D 4 .   ? 8.427   -7.078  -13.873 1.00 21.57  ? 314 HOH A O     1 
HETATM 1272 O O     . HOH D 4 .   ? 9.173   -3.764  -11.323 1.00 33.43  ? 315 HOH A O     1 
HETATM 1273 O O     . HOH D 4 .   ? 6.115   11.165  6.301   1.00 30.04  ? 316 HOH A O     1 
HETATM 1274 O O     . HOH D 4 .   ? -5.850  -21.000 -3.825  1.00 36.17  ? 317 HOH A O     1 
HETATM 1275 O O     . HOH D 4 .   ? 15.497  -3.865  -5.511  1.00 31.66  ? 318 HOH A O     1 
HETATM 1276 O O     . HOH D 4 .   ? -3.019  -15.258 11.031  1.00 18.16  ? 319 HOH A O     1 
HETATM 1277 O O     . HOH D 4 .   ? 2.132   16.409  -7.039  1.00 34.74  ? 320 HOH A O     1 
HETATM 1278 O O     . HOH D 4 .   ? -9.889  13.033  -10.413 1.00 36.95  ? 321 HOH A O     1 
HETATM 1279 O O     . HOH D 4 .   ? 15.505  6.989   -3.815  1.00 33.53  ? 322 HOH A O     1 
HETATM 1280 O O     . HOH D 4 .   ? -10.500 -16.224 -8.253  1.00 32.65  ? 323 HOH A O     1 
HETATM 1281 O O     . HOH D 4 .   ? 10.315  1.488   -9.177  1.00 23.48  ? 324 HOH A O     1 
HETATM 1282 O O     . HOH D 4 .   ? 8.655   -12.611 -1.784  1.00 31.09  ? 325 HOH A O     1 
HETATM 1283 O O     . HOH D 4 .   ? -2.434  10.930  -15.874 1.00 42.11  ? 326 HOH A O     1 
HETATM 1284 O O     . HOH D 4 .   ? 9.610   -8.079  -10.311 1.00 36.06  ? 327 HOH A O     1 
HETATM 1285 O O     . HOH D 4 .   ? -9.335  -7.336  -11.004 1.00 23.58  ? 328 HOH A O     1 
HETATM 1286 O O     . HOH D 4 .   ? -4.430  -19.704 2.442   1.00 26.21  ? 329 HOH A O     1 
HETATM 1287 O O     . HOH D 4 .   ? -14.102 -2.193  1.966   1.00 28.14  ? 330 HOH A O     1 
HETATM 1288 O O     . HOH D 4 .   ? 8.386   -6.509  9.917   1.00 17.70  ? 331 HOH A O     1 
HETATM 1289 O O     . HOH D 4 .   ? 11.810  -12.588 -0.702  1.00 33.18  ? 332 HOH A O     1 
HETATM 1290 O O     . HOH D 4 .   ? -0.140  -8.267  -16.130 1.00 33.06  ? 333 HOH A O     1 
HETATM 1291 O O     . HOH D 4 .   ? 13.302  -4.909  -9.105  1.00 40.67  ? 334 HOH A O     1 
HETATM 1292 O O     . HOH D 4 .   ? -2.521  -17.867 6.315   1.00 14.50  ? 335 HOH A O     1 
HETATM 1293 O O     . HOH D 4 .   ? -4.553  -0.530  15.930  1.00 25.62  ? 336 HOH A O     1 
HETATM 1294 O O     . HOH D 4 .   ? -1.254  -4.250  -13.930 1.00 37.98  ? 337 HOH A O     1 
HETATM 1295 O O     . HOH D 4 .   ? 11.891  -7.816  -8.558  1.00 39.21  ? 338 HOH A O     1 
HETATM 1296 O O     . HOH D 4 .   ? 12.579  -3.510  10.307  1.00 31.32  ? 339 HOH A O     1 
HETATM 1297 O O     . HOH D 4 .   ? 0.226   -9.961  -11.191 1.00 23.27  ? 340 HOH A O     1 
HETATM 1298 O O     . HOH D 4 .   ? 3.327   -5.325  11.017  1.00 14.00  ? 341 HOH A O     1 
HETATM 1299 O O     . HOH D 4 .   ? -9.017  -6.851  4.068   1.00 14.43  ? 342 HOH A O     1 
HETATM 1300 O O     . HOH D 4 .   ? 8.979   -8.966  9.087   1.00 23.33  ? 343 HOH A O     1 
HETATM 1301 O O     . HOH D 4 .   ? -4.881  14.733  3.297   1.00 28.54  ? 344 HOH A O     1 
HETATM 1302 O O     . HOH D 4 .   ? -16.821 10.624  11.632  1.00 20.61  ? 345 HOH A O     1 
HETATM 1303 O O     . HOH D 4 .   ? 14.669  -5.374  0.122   1.00 26.14  ? 346 HOH A O     1 
HETATM 1304 O O     . HOH D 4 .   ? -3.909  15.116  -2.291  1.00 21.40  ? 347 HOH A O     1 
HETATM 1305 O O     . HOH D 4 .   ? 6.579   6.455   -13.140 1.00 25.59  ? 348 HOH A O     1 
HETATM 1306 O O     . HOH D 4 .   ? -7.940  3.338   13.876  1.00 12.52  ? 349 HOH A O     1 
HETATM 1307 O O     . HOH D 4 .   ? -10.225 12.229  10.544  1.00 14.84  ? 350 HOH A O     1 
HETATM 1308 O O     . HOH D 4 .   ? 8.085   17.562  -10.440 1.00 43.68  ? 351 HOH A O     1 
HETATM 1309 O O     . HOH D 4 .   ? -12.876 -10.586 -5.251  1.00 28.15  ? 352 HOH A O     1 
HETATM 1310 O O     . HOH D 4 .   ? 3.308   7.252   13.294  1.00 27.22  ? 353 HOH A O     1 
HETATM 1311 O O     . HOH D 4 .   ? 10.160  2.700   7.400   1.00 16.99  ? 354 HOH A O     1 
HETATM 1312 O O     . HOH D 4 .   ? -13.969 6.643   5.185   1.00 14.62  ? 355 HOH A O     1 
HETATM 1313 O O     . HOH D 4 .   ? 16.665  4.641   -7.143  1.00 38.26  ? 356 HOH A O     1 
HETATM 1314 O O     . HOH D 4 .   ? -4.015  3.737   -5.102  1.00 23.27  ? 357 HOH A O     1 
HETATM 1315 O O     . HOH D 4 .   ? -3.660  16.144  -11.344 1.00 36.04  ? 358 HOH A O     1 
HETATM 1316 O O     . HOH D 4 .   ? -5.070  -12.857 12.120  1.00 24.86  ? 359 HOH A O     1 
HETATM 1317 O O     . HOH D 4 .   ? 12.676  8.278   5.830   1.00 26.45  ? 360 HOH A O     1 
HETATM 1318 O O     . HOH D 4 .   ? 17.914  2.638   -7.411  1.00 37.16  ? 361 HOH A O     1 
HETATM 1319 O O     . HOH D 4 .   ? -0.217  13.331  13.747  1.00 19.49  ? 362 HOH A O     1 
HETATM 1320 O O     . HOH D 4 .   ? -11.565 16.134  9.210   1.00 27.72  ? 363 HOH A O     1 
HETATM 1321 O O     . HOH D 4 .   ? 17.482  2.694   1.976   1.00 35.56  ? 364 HOH A O     1 
HETATM 1322 O O     . HOH D 4 .   ? -8.449  10.361  -1.211  1.00 16.85  ? 365 HOH A O     1 
HETATM 1323 O O     . HOH D 4 .   ? -1.334  7.041   17.369  1.00 22.10  ? 366 HOH A O     1 
HETATM 1324 O O     . HOH D 4 .   ? -8.213  -16.205 1.179   1.00 25.42  ? 367 HOH A O     1 
HETATM 1325 O O     . HOH D 4 .   ? 2.839   -1.192  13.276  1.00 22.96  ? 368 HOH A O     1 
HETATM 1326 O O     . HOH D 4 .   ? 5.906   -14.917 -3.674  1.00 26.46  ? 369 HOH A O     1 
HETATM 1327 O O     . HOH D 4 .   ? -7.541  -7.500  13.552  1.00 23.93  ? 370 HOH A O     1 
HETATM 1328 O O     . HOH D 4 .   ? 2.828   -20.583 0.452   1.00 35.13  ? 371 HOH A O     1 
HETATM 1329 O O     . HOH D 4 .   ? -6.013  -7.480  6.937   1.00 13.51  ? 372 HOH A O     1 
HETATM 1330 O O     . HOH D 4 .   ? -11.451 -11.242 11.522  1.00 31.78  ? 373 HOH A O     1 
HETATM 1331 O O     . HOH D 4 .   ? -11.411 -14.894 -4.302  1.00 35.44  ? 374 HOH A O     1 
HETATM 1332 O O     . HOH D 4 .   ? -1.896  -13.798 13.148  1.00 18.89  ? 375 HOH A O     1 
HETATM 1333 O O     . HOH D 4 .   ? -8.088  -9.386  -9.996  1.00 21.27  ? 376 HOH A O     1 
HETATM 1334 O O     . HOH D 4 .   ? 13.650  -11.728 -3.148  1.00 42.51  ? 377 HOH A O     1 
HETATM 1335 O O     . HOH D 4 .   ? 10.399  11.846  3.753   1.00 25.32  ? 378 HOH A O     1 
HETATM 1336 O O     . HOH D 4 .   ? -5.252  -2.459  -15.788 1.00 30.24  ? 379 HOH A O     1 
HETATM 1337 O O     . HOH D 4 .   ? 4.745   0.369   12.193  1.00 15.22  ? 380 HOH A O     1 
HETATM 1338 O O     . HOH D 4 .   ? -0.443  -20.198 1.231   1.00 30.50  ? 381 HOH A O     1 
HETATM 1339 O O     . HOH D 4 .   ? 1.900   13.121  4.539   1.00 20.02  ? 382 HOH A O     1 
HETATM 1340 O O     . HOH D 4 .   ? -16.150 10.989  7.430   1.00 31.36  ? 383 HOH A O     1 
HETATM 1341 O O     . HOH D 4 .   ? 6.346   -13.392 -6.048  1.00 27.06  ? 384 HOH A O     1 
HETATM 1342 O O     . HOH D 4 .   ? -3.354  14.840  0.727   1.00 21.97  ? 385 HOH A O     1 
HETATM 1343 O O     . HOH D 4 .   ? -9.018  0.904   9.208   1.00 15.34  ? 386 HOH A O     1 
HETATM 1344 O O     . HOH D 4 .   ? -5.986  0.170   4.232   1.00 12.10  ? 387 HOH A O     1 
HETATM 1345 O O     . HOH D 4 .   ? -12.357 10.535  -1.166  1.00 31.23  ? 388 HOH A O     1 
HETATM 1346 O O     . HOH D 4 .   ? 5.708   6.632   6.950   1.00 23.86  ? 389 HOH A O     1 
HETATM 1347 O O     . HOH D 4 .   ? 5.928   -5.044  9.939   1.00 13.75  ? 390 HOH A O     1 
HETATM 1348 O O     . HOH D 4 .   ? -2.740  2.102   14.886  1.00 39.06  ? 391 HOH A O     1 
HETATM 1349 O O     . HOH D 4 .   ? 16.593  -9.392  4.190   1.00 26.69  ? 392 HOH A O     1 
HETATM 1350 O O     . HOH D 4 .   ? -4.883  -8.767  -13.492 1.00 34.26  ? 393 HOH A O     1 
HETATM 1351 O O     . HOH D 4 .   ? 4.269   -10.165 -10.451 1.00 20.76  ? 394 HOH A O     1 
HETATM 1352 O O     . HOH D 4 .   ? -16.526 4.480   7.270   1.00 26.86  ? 395 HOH A O     1 
HETATM 1353 O O     . HOH D 4 .   ? -10.151 -1.709  9.375   1.00 15.01  ? 396 HOH A O     1 
HETATM 1354 O O     . HOH D 4 .   ? 21.234  -2.926  -1.662  1.00 41.96  ? 397 HOH A O     1 
HETATM 1355 O O     . HOH D 4 .   ? -7.173  5.915   -8.061  1.00 22.55  ? 398 HOH A O     1 
HETATM 1356 O O     . HOH D 4 .   ? 5.161   -14.122 -8.460  1.00 36.78  ? 399 HOH A O     1 
HETATM 1357 O O     . HOH D 4 .   ? 9.351   0.104   11.522  1.00 32.49  ? 400 HOH A O     1 
HETATM 1358 O O     . HOH D 4 .   ? 0.375   3.898   -16.403 1.00 31.07  ? 401 HOH A O     1 
HETATM 1359 O O     . HOH D 4 .   ? -9.402  2.929   11.492  1.00 13.10  ? 402 HOH A O     1 
HETATM 1360 O O     . HOH D 4 .   ? -2.928  13.962  18.486  1.00 37.54  ? 403 HOH A O     1 
HETATM 1361 O O     . HOH D 4 .   ? -9.091  -16.299 7.852   1.00 27.32  ? 404 HOH A O     1 
HETATM 1362 O O     . HOH D 4 .   ? -14.329 -5.500  7.737   1.00 26.94  ? 405 HOH A O     1 
HETATM 1363 O O     . HOH D 4 .   ? -1.679  -9.704  14.868  1.00 32.02  ? 406 HOH A O     1 
HETATM 1364 O O     . HOH D 4 .   ? 7.248   7.263   9.078   1.00 15.04  ? 407 HOH A O     1 
HETATM 1365 O O     . HOH D 4 .   ? -10.599 16.843  0.141   1.00 30.48  ? 408 HOH A O     1 
HETATM 1366 O O     . HOH D 4 .   ? 11.398  5.176   7.318   1.00 32.25  ? 409 HOH A O     1 
HETATM 1367 O O     . HOH D 4 .   ? 3.222   8.983   -15.238 1.00 36.35  ? 410 HOH A O     1 
HETATM 1368 O O     . HOH D 4 .   ? -11.419 9.250   -12.259 1.00 38.73  ? 411 HOH A O     1 
HETATM 1369 O O     . HOH D 4 .   ? 15.010  -3.137  1.794   1.00 19.20  ? 412 HOH A O     1 
HETATM 1370 O O     . HOH D 4 .   ? 12.600  10.123  3.884   1.00 28.30  ? 413 HOH A O     1 
HETATM 1371 O O     . HOH D 4 .   ? -10.041 -3.678  -6.802  1.00 27.01  ? 414 HOH A O     1 
HETATM 1372 O O     . HOH D 4 .   ? 2.170   -5.257  -15.638 1.00 37.49  ? 415 HOH A O     1 
HETATM 1373 O O     . HOH D 4 .   ? 0.486   14.645  6.435   1.00 27.66  ? 416 HOH A O     1 
HETATM 1374 O O     . HOH D 4 .   ? -3.989  -21.248 9.035   1.00 23.98  ? 417 HOH A O     1 
HETATM 1375 O O     . HOH D 4 .   ? 7.516   12.606  2.462   1.00 34.02  ? 418 HOH A O     1 
HETATM 1376 O O     . HOH D 4 .   ? 12.727  6.931   -8.230  1.00 27.16  ? 419 HOH A O     1 
HETATM 1377 O O     . HOH D 4 .   ? 5.462   2.198   14.186  1.00 28.73  ? 420 HOH A O     1 
HETATM 1378 O O     . HOH D 4 .   ? -7.989  -13.518 9.470   1.00 24.30  ? 421 HOH A O     1 
HETATM 1379 O O     . HOH D 4 .   ? 13.313  9.177   -4.449  1.00 40.87  ? 422 HOH A O     1 
HETATM 1380 O O     . HOH D 4 .   ? -6.889  -8.432  4.544   1.00 12.75  ? 423 HOH A O     1 
HETATM 1381 O O     . HOH D 4 .   ? -6.452  16.340  14.609  1.00 15.11  ? 424 HOH A O     1 
HETATM 1382 O O     . HOH D 4 .   ? -10.442 3.925   14.865  1.00 13.66  ? 425 HOH A O     1 
HETATM 1383 O O     . HOH D 4 .   ? 2.641   -19.082 -2.790  1.00 28.51  ? 426 HOH A O     1 
HETATM 1384 O O     . HOH D 4 .   ? -12.410 12.958  6.707   1.00 27.97  ? 427 HOH A O     1 
HETATM 1385 O O     . HOH D 4 .   ? -14.486 7.720   1.773   1.00 34.93  ? 428 HOH A O     1 
HETATM 1386 O O     . HOH D 4 .   ? -0.673  -21.278 -2.114  1.00 30.25  ? 429 HOH A O     1 
HETATM 1387 O O     . HOH D 4 .   ? 1.760   15.427  2.795   1.00 29.57  ? 430 HOH A O     1 
HETATM 1388 O O     . HOH D 4 .   ? 3.078   14.685  -14.014 1.00 40.90  ? 431 HOH A O     1 
HETATM 1389 O O     . HOH D 4 .   ? 8.964   -15.410 -2.402  1.00 37.53  ? 432 HOH A O     1 
HETATM 1390 O O     . HOH D 4 .   ? 0.720   0.741   14.840  1.00 29.02  ? 433 HOH A O     1 
HETATM 1391 O O     . HOH D 4 .   ? 15.362  7.486   -0.958  1.00 41.68  ? 434 HOH A O     1 
HETATM 1392 O O     . HOH D 4 .   ? -2.189  -22.347 -5.032  1.00 35.63  ? 435 HOH A O     1 
HETATM 1393 O O     . HOH D 4 .   ? 19.377  -11.276 -2.779  1.00 44.31  ? 436 HOH A O     1 
HETATM 1394 O O     . HOH D 4 .   ? -13.438 0.936   9.795   1.00 23.18  ? 437 HOH A O     1 
HETATM 1395 O O     . HOH D 4 .   ? -17.890 -8.319  6.877   1.00 31.02  ? 438 HOH A O     1 
HETATM 1396 O O     . HOH D 4 .   ? 1.443   -2.832  -14.660 1.00 42.83  ? 439 HOH A O     1 
HETATM 1397 O O     . HOH D 4 .   ? 8.587   1.864   13.281  1.00 32.53  ? 440 HOH A O     1 
HETATM 1398 O O     . HOH D 4 .   ? -15.056 -4.189  5.510   1.00 34.82  ? 441 HOH A O     1 
HETATM 1399 O O     . HOH D 4 .   ? 0.171   15.416  17.804  1.00 33.67  ? 442 HOH A O     1 
HETATM 1400 O O     . HOH D 4 .   ? -12.763 -4.406  9.528   1.00 26.22  ? 443 HOH A O     1 
HETATM 1401 O O     . HOH D 4 .   ? -13.720 5.098   -2.328  1.00 45.70  ? 444 HOH A O     1 
HETATM 1402 O O     . HOH D 4 .   ? -5.694  -9.066  14.350  1.00 33.55  ? 445 HOH A O     1 
HETATM 1403 O O     . HOH D 4 .   ? 7.061   -1.103  11.697  1.00 20.53  ? 446 HOH A O     1 
HETATM 1404 O O     . HOH D 4 .   ? -0.008  7.604   19.621  1.00 30.09  ? 447 HOH A O     1 
HETATM 1405 O O     . HOH D 4 .   ? 3.105   10.498  11.707  1.00 28.61  ? 448 HOH A O     1 
HETATM 1406 O O     . HOH D 4 .   ? -9.735  -17.219 3.333   1.00 42.38  ? 449 HOH A O     1 
HETATM 1407 O O     . HOH D 4 .   ? 4.880   -17.568 -3.226  1.00 29.76  ? 450 HOH A O     1 
HETATM 1408 O O     . HOH D 4 .   ? 0.172   5.304   15.507  1.00 29.49  ? 451 HOH A O     1 
HETATM 1409 O O     . HOH D 4 .   ? -7.045  2.297   -14.697 1.00 43.23  ? 452 HOH A O     1 
HETATM 1410 O O     . HOH D 4 .   ? -8.057  -11.819 -11.359 1.00 25.51  ? 453 HOH A O     1 
HETATM 1411 O O     . HOH D 4 .   ? 20.191  -11.977 1.175   1.00 33.99  ? 454 HOH A O     1 
HETATM 1412 O O     . HOH D 4 .   ? -7.450  -21.837 12.121  1.00 28.51  ? 455 HOH A O     1 
HETATM 1413 O O     . HOH D 4 .   ? -3.655  15.887  8.615   1.00 30.34  ? 456 HOH A O     1 
HETATM 1414 O O     . HOH D 4 .   ? -5.302  17.634  7.580   1.00 30.10  ? 457 HOH A O     1 
HETATM 1415 O O     . HOH D 4 .   ? -8.314  -20.688 -2.796  1.00 37.87  ? 458 HOH A O     1 
HETATM 1416 O O     . HOH D 4 .   ? -8.723  14.631  -8.756  1.00 38.31  ? 459 HOH A O     1 
HETATM 1417 O O     . HOH D 4 .   ? 1.580   11.328  -15.313 1.00 37.41  ? 460 HOH A O     1 
HETATM 1418 O O     . HOH D 4 .   ? 7.018   -3.752  12.061  1.00 25.07  ? 461 HOH A O     1 
HETATM 1419 O O     . HOH D 4 .   ? -14.091 -2.000  6.207   1.00 34.89  ? 462 HOH A O     1 
HETATM 1420 O O     . HOH D 4 .   ? -0.994  15.643  11.564  0.50 28.26  ? 463 HOH A O     1 
HETATM 1421 O O     . HOH D 4 .   ? 7.336   9.810   10.366  0.50 13.14  ? 464 HOH A O     1 
HETATM 1422 O O     . HOH D 4 .   ? 4.593   13.445  5.201   1.00 27.67  ? 465 HOH A O     1 
HETATM 1423 O O     . HOH D 4 .   ? -4.629  -6.554  -15.237 1.00 34.78  ? 466 HOH A O     1 
HETATM 1424 O O     . HOH D 4 .   ? -11.992 1.127   -5.309  1.00 35.08  ? 467 HOH A O     1 
HETATM 1425 O O     . HOH D 4 .   ? 17.523  -2.846  2.944   1.00 34.48  ? 468 HOH A O     1 
HETATM 1426 O O     . HOH D 4 .   ? 2.206   5.549   15.895  1.00 35.28  ? 469 HOH A O     1 
HETATM 1427 O O     . HOH D 4 .   ? 1.631   -21.404 -1.656  1.00 43.38  ? 470 HOH A O     1 
HETATM 1428 O O     . HOH D 4 .   ? 9.825   6.453   8.943   1.00 21.66  ? 471 HOH A O     1 
HETATM 1429 O O     . HOH D 4 .   ? -19.286 7.617   9.191   1.00 28.48  ? 472 HOH A O     1 
HETATM 1430 O O     . HOH D 4 .   ? -18.614 10.015  9.706   1.00 32.74  ? 473 HOH A O     1 
HETATM 1431 O O     . HOH D 4 .   ? -13.240 -12.840 -4.240  1.00 34.82  ? 474 HOH A O     1 
HETATM 1432 O O     . HOH D 4 .   ? -18.729 6.050   11.205  1.00 30.05  ? 475 HOH A O     1 
HETATM 1433 O O     . HOH D 4 .   ? -16.352 -1.198  2.788   1.00 37.51  ? 476 HOH A O     1 
HETATM 1434 O O     . HOH D 4 .   ? 11.216  4.514   9.295   1.00 27.63  ? 477 HOH A O     1 
HETATM 1435 O O     . HOH D 4 .   ? -3.015  -19.897 4.732   1.00 24.16  ? 478 HOH A O     1 
HETATM 1436 O O     . HOH D 4 .   ? -0.401  3.038   14.731  1.00 34.50  ? 479 HOH A O     1 
HETATM 1437 O O     . HOH D 4 .   ? 6.653   -19.227 -1.700  1.00 37.90  ? 480 HOH A O     1 
HETATM 1438 O O     . HOH D 4 .   ? 14.572  -15.296 1.557   1.00 40.28  ? 481 HOH A O     1 
HETATM 1439 O O     . HOH D 4 .   ? -18.364 -5.212  3.187   1.00 45.14  ? 482 HOH A O     1 
HETATM 1440 O O     . HOH D 4 .   ? -12.873 -1.608  8.767   1.00 23.03  ? 483 HOH A O     1 
HETATM 1441 O O     . HOH D 4 .   ? -14.765 -13.144 -1.653  1.00 36.86  ? 484 HOH A O     1 
HETATM 1442 O O     . HOH D 4 .   ? 13.965  5.244   8.469   0.50 24.51  ? 485 HOH A O     1 
# 
